data_1IM3
#
_entry.id   1IM3
#
_cell.length_a   95.480
_cell.length_b   96.700
_cell.length_c   99.540
_cell.angle_alpha   109.02
_cell.angle_beta   109.46
_cell.angle_gamma   107.93
#
_symmetry.space_group_name_H-M   'P 1'
#
loop_
_entity.id
_entity.type
_entity.pdbx_description
1 polymer 'HLA CLASS I HISTOCOMPATIBILITY ANTIGEN, A-2 ALPHA CHAIN'
2 polymer beta-2-microglobulin
3 polymer 'Human T-cell lymphotropic virus type 1 Tax peptide'
4 polymer 'cytomegalovirus protein US2'
5 water water
#
loop_
_entity_poly.entity_id
_entity_poly.type
_entity_poly.pdbx_seq_one_letter_code
_entity_poly.pdbx_strand_id
1 'polypeptide(L)'
;GSHSMRYFFTSVSRPGRGEPRFIAVGYVDDTQFVRFDSDAASQRMEPRAPWIEQEGPEYWDGETRKVKAHSQTHRVDLGT
LRGYYNQSEAGSHTVQRMYGCDVGSDWRFLRGYHQYAYDGKDYIALKEDLRSWTAADMAAQTTKHKWEAAHVAEQLRAYL
EGTCVEWLRRYLENGKETLQRTDAPKTHMTHHAVSDHEATLRCWALSFYPAEITLTWQRDGEDQTQDTELVETRPAGDGT
FQKWAAVVVPSGQEQRYTCHVQHEGLPKPLTLRWE
;
A,E,I,M
2 'polypeptide(L)'
;MIQRTPKIQVYSRHPAENGKSNFLNCYVSGFHPSDIEVDLLKNGERIEKVEHSDLSFSKDWSFYLLYYTEFTPTEKDEYA
CRVNHVTLSQPKIVKWDRDM
;
B,F,J,N
3 'polypeptide(L)' LLFGYPVYV C,G,K,O
4 'polypeptide(L)'
;PWFQIEDNRCYIDNGKLFARGSIVGNMSRFVFDPKADYGGVGENLYVHADDVEFVPGESLKWNVRNLDVMPIFETLALRL
VLQGDVIWLRCVPEL
;
D,H,L,P
#
# COMPACT_ATOMS: atom_id res chain seq x y z
N GLY A 1 -2.93 -19.92 -14.04
CA GLY A 1 -1.98 -19.08 -13.21
C GLY A 1 -0.59 -19.05 -13.85
N SER A 2 0.44 -19.27 -13.04
CA SER A 2 1.81 -19.29 -13.57
C SER A 2 2.10 -20.71 -14.09
N HIS A 3 3.01 -20.83 -15.04
CA HIS A 3 3.31 -22.13 -15.63
C HIS A 3 4.79 -22.47 -15.71
N SER A 4 5.08 -23.73 -15.96
CA SER A 4 6.46 -24.14 -16.07
C SER A 4 6.69 -25.28 -17.04
N MET A 5 7.92 -25.34 -17.54
CA MET A 5 8.31 -26.43 -18.40
C MET A 5 9.59 -26.96 -17.77
N ARG A 6 9.70 -28.28 -17.65
CA ARG A 6 10.91 -28.89 -17.09
C ARG A 6 11.28 -30.17 -17.81
N TYR A 7 12.58 -30.40 -17.91
CA TYR A 7 13.10 -31.65 -18.46
C TYR A 7 13.86 -32.30 -17.33
N PHE A 8 13.66 -33.61 -17.17
CA PHE A 8 14.32 -34.35 -16.09
C PHE A 8 15.12 -35.48 -16.71
N PHE A 9 16.40 -35.56 -16.37
CA PHE A 9 17.26 -36.59 -16.93
C PHE A 9 17.93 -37.41 -15.83
N THR A 10 17.85 -38.72 -15.97
CA THR A 10 18.45 -39.61 -15.02
C THR A 10 19.34 -40.59 -15.78
N SER A 11 20.60 -40.70 -15.39
CA SER A 11 21.50 -41.64 -16.04
C SER A 11 22.13 -42.50 -14.94
N VAL A 12 22.01 -43.81 -15.08
CA VAL A 12 22.52 -44.73 -14.08
C VAL A 12 23.56 -45.70 -14.64
N SER A 13 24.78 -45.67 -14.13
CA SER A 13 25.80 -46.59 -14.65
C SER A 13 25.51 -48.01 -14.21
N ARG A 14 25.90 -48.97 -15.06
CA ARG A 14 25.70 -50.41 -14.82
C ARG A 14 27.01 -51.09 -15.21
N PRO A 15 28.08 -50.86 -14.44
CA PRO A 15 29.41 -51.43 -14.69
C PRO A 15 29.40 -52.89 -15.14
N GLY A 16 30.02 -53.13 -16.30
CA GLY A 16 30.09 -54.47 -16.84
C GLY A 16 28.79 -55.03 -17.40
N ARG A 17 27.71 -54.27 -17.35
CA ARG A 17 26.44 -54.77 -17.88
C ARG A 17 25.87 -53.90 -18.98
N GLY A 18 26.75 -53.27 -19.75
CA GLY A 18 26.33 -52.41 -20.84
C GLY A 18 26.33 -50.95 -20.51
N GLU A 19 25.80 -50.18 -21.45
CA GLU A 19 25.68 -48.73 -21.35
C GLU A 19 24.83 -48.27 -20.16
N PRO A 20 25.09 -47.05 -19.67
CA PRO A 20 24.29 -46.56 -18.55
C PRO A 20 22.83 -46.48 -19.00
N ARG A 21 21.90 -46.67 -18.08
CA ARG A 21 20.46 -46.56 -18.39
C ARG A 21 20.16 -45.07 -18.36
N PHE A 22 19.58 -44.53 -19.42
CA PHE A 22 19.26 -43.10 -19.47
C PHE A 22 17.77 -42.90 -19.69
N ILE A 23 17.11 -42.15 -18.81
CA ILE A 23 15.68 -41.88 -18.96
C ILE A 23 15.45 -40.36 -18.96
N ALA A 24 14.77 -39.83 -19.98
CA ALA A 24 14.49 -38.39 -20.00
C ALA A 24 13.01 -38.15 -20.09
N VAL A 25 12.52 -37.17 -19.35
CA VAL A 25 11.10 -36.86 -19.43
C VAL A 25 10.92 -35.35 -19.45
N GLY A 26 9.87 -34.92 -20.14
CA GLY A 26 9.57 -33.51 -20.21
C GLY A 26 8.18 -33.24 -19.66
N TYR A 27 8.06 -32.17 -18.87
CA TYR A 27 6.78 -31.77 -18.27
C TYR A 27 6.43 -30.31 -18.53
N VAL A 28 5.13 -30.07 -18.65
CA VAL A 28 4.61 -28.70 -18.67
C VAL A 28 3.71 -28.79 -17.41
N ASP A 29 4.03 -28.01 -16.39
CA ASP A 29 3.29 -28.06 -15.12
C ASP A 29 3.28 -29.51 -14.62
N ASP A 30 2.11 -30.10 -14.37
CA ASP A 30 2.10 -31.47 -13.86
C ASP A 30 1.81 -32.51 -14.90
N THR A 31 1.91 -32.14 -16.16
CA THR A 31 1.63 -33.06 -17.25
C THR A 31 2.88 -33.42 -18.07
N GLN A 32 3.21 -34.72 -18.09
CA GLN A 32 4.36 -35.20 -18.82
C GLN A 32 3.99 -35.14 -20.31
N PHE A 33 4.90 -34.73 -21.17
CA PHE A 33 4.54 -34.68 -22.59
C PHE A 33 5.51 -35.39 -23.52
N VAL A 34 6.69 -35.71 -23.04
CA VAL A 34 7.64 -36.48 -23.85
C VAL A 34 8.54 -37.38 -22.98
N ARG A 35 9.16 -38.34 -23.63
CA ARG A 35 10.08 -39.19 -22.91
C ARG A 35 10.99 -39.92 -23.85
N PHE A 36 12.12 -40.33 -23.31
CA PHE A 36 13.11 -41.11 -24.03
C PHE A 36 13.70 -42.12 -23.05
N ASP A 37 13.80 -43.37 -23.47
CA ASP A 37 14.34 -44.44 -22.64
C ASP A 37 15.39 -45.14 -23.46
N SER A 38 16.65 -45.03 -23.03
CA SER A 38 17.78 -45.62 -23.74
C SER A 38 17.61 -47.12 -23.97
N ASP A 39 16.81 -47.77 -23.14
CA ASP A 39 16.59 -49.20 -23.24
C ASP A 39 15.38 -49.60 -24.09
N ALA A 40 14.53 -48.66 -24.45
CA ALA A 40 13.36 -49.02 -25.24
C ALA A 40 13.77 -49.23 -26.70
N ALA A 41 12.93 -49.95 -27.43
CA ALA A 41 13.22 -50.28 -28.81
C ALA A 41 13.13 -49.11 -29.80
N SER A 42 12.18 -48.20 -29.59
CA SER A 42 12.00 -47.12 -30.53
C SER A 42 13.23 -46.27 -30.78
N GLN A 43 13.96 -45.96 -29.71
CA GLN A 43 15.14 -45.10 -29.81
C GLN A 43 14.72 -43.72 -30.33
N ARG A 44 13.53 -43.28 -29.95
CA ARG A 44 13.07 -41.99 -30.35
C ARG A 44 12.43 -41.26 -29.19
N MET A 45 12.41 -39.94 -29.29
CA MET A 45 11.75 -39.16 -28.28
C MET A 45 10.28 -39.47 -28.59
N GLU A 46 9.50 -39.81 -27.58
CA GLU A 46 8.11 -40.17 -27.84
C GLU A 46 7.14 -39.23 -27.14
N PRO A 47 5.95 -39.05 -27.73
CA PRO A 47 4.90 -38.20 -27.20
C PRO A 47 4.23 -38.91 -26.02
N ARG A 48 3.82 -38.14 -25.01
CA ARG A 48 3.14 -38.71 -23.83
C ARG A 48 1.91 -37.87 -23.50
N ALA A 49 1.64 -36.84 -24.31
CA ALA A 49 0.47 -35.98 -24.14
C ALA A 49 -0.07 -35.74 -25.55
N PRO A 50 -1.39 -35.76 -25.71
CA PRO A 50 -2.02 -35.55 -27.02
C PRO A 50 -1.61 -34.28 -27.76
N TRP A 51 -1.55 -33.17 -27.04
CA TRP A 51 -1.22 -31.90 -27.67
C TRP A 51 0.18 -31.80 -28.28
N ILE A 52 1.11 -32.68 -27.90
CA ILE A 52 2.45 -32.57 -28.49
C ILE A 52 2.53 -33.38 -29.77
N GLU A 53 1.56 -34.26 -29.97
CA GLU A 53 1.53 -35.07 -31.18
C GLU A 53 1.24 -34.24 -32.43
N GLN A 54 0.75 -33.02 -32.28
CA GLN A 54 0.51 -32.22 -33.47
C GLN A 54 1.79 -31.58 -34.01
N GLU A 55 2.94 -31.85 -33.35
CA GLU A 55 4.23 -31.32 -33.81
C GLU A 55 4.69 -32.20 -34.95
N GLY A 56 5.25 -31.57 -35.98
CA GLY A 56 5.70 -32.28 -37.15
C GLY A 56 6.95 -33.11 -37.01
N PRO A 57 7.34 -33.81 -38.08
CA PRO A 57 8.51 -34.68 -38.17
C PRO A 57 9.83 -34.03 -37.84
N GLU A 58 10.01 -32.77 -38.22
CA GLU A 58 11.27 -32.13 -37.91
C GLU A 58 11.40 -31.95 -36.39
N TYR A 59 10.30 -31.70 -35.71
CA TYR A 59 10.34 -31.56 -34.26
C TYR A 59 10.86 -32.87 -33.67
N TRP A 60 10.25 -33.99 -34.05
CA TRP A 60 10.65 -35.27 -33.49
C TRP A 60 12.06 -35.70 -33.83
N ASP A 61 12.51 -35.43 -35.04
CA ASP A 61 13.87 -35.83 -35.42
C ASP A 61 14.84 -34.98 -34.62
N GLY A 62 14.51 -33.70 -34.46
CA GLY A 62 15.37 -32.82 -33.71
C GLY A 62 15.43 -33.20 -32.22
N GLU A 63 14.29 -33.43 -31.59
CA GLU A 63 14.29 -33.79 -30.16
C GLU A 63 14.98 -35.13 -29.95
N THR A 64 14.78 -36.06 -30.88
CA THR A 64 15.42 -37.38 -30.79
C THR A 64 16.94 -37.20 -30.82
N ARG A 65 17.41 -36.40 -31.76
CA ARG A 65 18.84 -36.15 -31.89
C ARG A 65 19.40 -35.46 -30.66
N LYS A 66 18.73 -34.42 -30.20
CA LYS A 66 19.19 -33.70 -29.03
C LYS A 66 19.15 -34.58 -27.76
N VAL A 67 18.09 -35.36 -27.57
CA VAL A 67 18.01 -36.17 -26.35
C VAL A 67 19.11 -37.26 -26.38
N LYS A 68 19.38 -37.84 -27.54
CA LYS A 68 20.46 -38.82 -27.64
C LYS A 68 21.78 -38.10 -27.30
N ALA A 69 21.93 -36.85 -27.72
CA ALA A 69 23.17 -36.16 -27.39
C ALA A 69 23.25 -35.94 -25.84
N HIS A 70 22.13 -35.61 -25.18
CA HIS A 70 22.12 -35.43 -23.71
C HIS A 70 22.53 -36.78 -23.08
N SER A 71 22.05 -37.87 -23.69
CA SER A 71 22.37 -39.23 -23.24
C SER A 71 23.87 -39.47 -23.24
N GLN A 72 24.52 -39.04 -24.33
CA GLN A 72 25.94 -39.25 -24.46
C GLN A 72 26.76 -38.37 -23.55
N THR A 73 26.36 -37.12 -23.34
CA THR A 73 27.16 -36.29 -22.44
C THR A 73 27.07 -36.87 -21.01
N HIS A 74 25.92 -37.43 -20.64
CA HIS A 74 25.80 -38.02 -19.31
C HIS A 74 26.64 -39.28 -19.16
N ARG A 75 26.79 -40.02 -20.26
CA ARG A 75 27.61 -41.23 -20.24
C ARG A 75 29.04 -40.78 -19.92
N VAL A 76 29.47 -39.66 -20.51
CA VAL A 76 30.80 -39.17 -20.22
C VAL A 76 30.85 -38.66 -18.78
N ASP A 77 29.82 -37.93 -18.36
CA ASP A 77 29.76 -37.39 -17.00
C ASP A 77 29.98 -38.45 -15.90
N LEU A 78 29.33 -39.60 -16.03
CA LEU A 78 29.47 -40.65 -15.02
C LEU A 78 30.96 -40.98 -14.84
N GLY A 79 31.69 -41.06 -15.96
CA GLY A 79 33.11 -41.35 -15.88
C GLY A 79 33.86 -40.20 -15.26
N THR A 80 33.52 -38.99 -15.66
CA THR A 80 34.19 -37.82 -15.11
C THR A 80 33.96 -37.73 -13.59
N LEU A 81 32.72 -37.95 -13.15
CA LEU A 81 32.38 -37.86 -11.74
C LEU A 81 33.05 -38.99 -10.93
N ARG A 82 33.10 -40.18 -11.48
CA ARG A 82 33.74 -41.29 -10.80
C ARG A 82 35.17 -40.85 -10.51
N GLY A 83 35.75 -40.11 -11.46
CA GLY A 83 37.10 -39.62 -11.28
C GLY A 83 37.20 -38.53 -10.23
N TYR A 84 36.36 -37.50 -10.33
CA TYR A 84 36.40 -36.40 -9.36
C TYR A 84 36.26 -36.88 -7.93
N TYR A 85 35.51 -37.95 -7.73
CA TYR A 85 35.28 -38.47 -6.40
C TYR A 85 36.12 -39.70 -6.07
N ASN A 86 37.13 -39.98 -6.91
CA ASN A 86 38.03 -41.12 -6.75
C ASN A 86 37.26 -42.38 -6.39
N GLN A 87 36.23 -42.70 -7.17
CA GLN A 87 35.43 -43.88 -6.88
C GLN A 87 35.83 -45.04 -7.77
N SER A 88 35.51 -46.24 -7.29
CA SER A 88 35.79 -47.47 -8.01
C SER A 88 35.08 -47.49 -9.35
N GLU A 89 35.67 -48.22 -10.29
CA GLU A 89 35.17 -48.36 -11.64
C GLU A 89 34.09 -49.45 -11.62
N ALA A 90 33.83 -50.00 -10.45
CA ALA A 90 32.85 -51.08 -10.35
C ALA A 90 31.47 -50.76 -9.83
N GLY A 91 31.35 -49.71 -9.04
CA GLY A 91 30.05 -49.37 -8.51
C GLY A 91 29.09 -48.68 -9.48
N SER A 92 27.80 -48.78 -9.18
CA SER A 92 26.72 -48.16 -9.94
C SER A 92 26.48 -46.75 -9.36
N HIS A 93 26.50 -45.73 -10.22
CA HIS A 93 26.29 -44.35 -9.76
C HIS A 93 25.17 -43.67 -10.55
N THR A 94 24.59 -42.61 -9.98
CA THR A 94 23.49 -41.91 -10.62
C THR A 94 23.74 -40.43 -10.86
N VAL A 95 23.61 -39.99 -12.10
CA VAL A 95 23.74 -38.56 -12.37
C VAL A 95 22.36 -38.08 -12.79
N GLN A 96 21.91 -36.95 -12.22
CA GLN A 96 20.60 -36.37 -12.56
C GLN A 96 20.78 -34.93 -12.98
N ARG A 97 19.91 -34.48 -13.88
CA ARG A 97 19.98 -33.12 -14.39
C ARG A 97 18.57 -32.63 -14.59
N MET A 98 18.35 -31.36 -14.32
CA MET A 98 17.03 -30.78 -14.52
C MET A 98 17.22 -29.35 -15.01
N TYR A 99 16.40 -28.91 -15.96
CA TYR A 99 16.47 -27.54 -16.42
C TYR A 99 15.11 -27.18 -16.95
N GLY A 100 14.83 -25.89 -17.02
CA GLY A 100 13.54 -25.47 -17.52
C GLY A 100 13.24 -24.07 -17.07
N CYS A 101 12.03 -23.61 -17.37
CA CYS A 101 11.64 -22.25 -17.05
C CYS A 101 10.24 -22.13 -16.46
N ASP A 102 9.98 -21.00 -15.82
CA ASP A 102 8.69 -20.68 -15.22
C ASP A 102 8.23 -19.36 -15.81
N VAL A 103 6.92 -19.23 -16.10
CA VAL A 103 6.39 -17.96 -16.57
C VAL A 103 5.26 -17.62 -15.62
N GLY A 104 4.99 -16.34 -15.45
CA GLY A 104 3.93 -15.91 -14.56
C GLY A 104 2.62 -15.93 -15.32
N SER A 105 1.53 -15.58 -14.66
CA SER A 105 0.22 -15.57 -15.32
C SER A 105 0.25 -14.66 -16.54
N ASP A 106 1.20 -13.73 -16.57
CA ASP A 106 1.31 -12.84 -17.72
C ASP A 106 2.13 -13.47 -18.85
N TRP A 107 2.57 -14.72 -18.63
CA TRP A 107 3.36 -15.46 -19.61
C TRP A 107 4.75 -14.89 -19.88
N ARG A 108 5.25 -14.07 -18.96
CA ARG A 108 6.60 -13.52 -19.07
C ARG A 108 7.56 -14.36 -18.24
N PHE A 109 8.80 -14.46 -18.70
CA PHE A 109 9.82 -15.22 -17.99
C PHE A 109 9.83 -14.84 -16.52
N LEU A 110 9.74 -15.85 -15.66
CA LEU A 110 9.74 -15.61 -14.23
C LEU A 110 11.02 -16.13 -13.59
N ARG A 111 11.43 -17.32 -14.01
CA ARG A 111 12.66 -17.92 -13.46
C ARG A 111 13.15 -19.09 -14.32
N GLY A 112 14.44 -19.37 -14.24
CA GLY A 112 15.02 -20.46 -15.02
C GLY A 112 15.84 -21.36 -14.12
N TYR A 113 16.08 -22.59 -14.54
CA TYR A 113 16.86 -23.51 -13.73
C TYR A 113 17.73 -24.39 -14.60
N HIS A 114 18.84 -24.81 -14.05
CA HIS A 114 19.74 -25.74 -14.73
C HIS A 114 20.65 -26.27 -13.64
N GLN A 115 20.39 -27.51 -13.23
CA GLN A 115 21.17 -28.08 -12.14
C GLN A 115 21.37 -29.57 -12.22
N TYR A 116 22.43 -30.04 -11.56
CA TYR A 116 22.81 -31.45 -11.56
C TYR A 116 22.96 -31.98 -10.15
N ALA A 117 22.80 -33.28 -10.02
CA ALA A 117 22.97 -33.96 -8.75
C ALA A 117 23.75 -35.22 -9.08
N TYR A 118 24.53 -35.68 -8.12
CA TYR A 118 25.31 -36.91 -8.28
C TYR A 118 25.06 -37.77 -7.03
N ASP A 119 24.66 -39.01 -7.25
CA ASP A 119 24.39 -39.97 -6.17
C ASP A 119 23.46 -39.45 -5.08
N GLY A 120 22.37 -38.81 -5.49
CA GLY A 120 21.39 -38.33 -4.54
C GLY A 120 21.56 -36.99 -3.85
N LYS A 121 22.65 -36.26 -4.11
CA LYS A 121 22.84 -34.93 -3.52
C LYS A 121 23.19 -33.90 -4.58
N ASP A 122 22.99 -32.62 -4.26
CA ASP A 122 23.31 -31.56 -5.21
C ASP A 122 24.76 -31.66 -5.63
N TYR A 123 25.03 -31.26 -6.88
CA TYR A 123 26.39 -31.24 -7.41
C TYR A 123 26.66 -29.79 -7.80
N ILE A 124 25.89 -29.26 -8.75
CA ILE A 124 26.08 -27.86 -9.16
C ILE A 124 24.75 -27.30 -9.68
N ALA A 125 24.53 -26.00 -9.52
CA ALA A 125 23.28 -25.40 -9.96
C ALA A 125 23.48 -24.00 -10.46
N LEU A 126 22.67 -23.57 -11.42
CA LEU A 126 22.77 -22.21 -11.95
C LEU A 126 21.96 -21.33 -11.00
N LYS A 127 22.52 -20.21 -10.56
CA LYS A 127 21.79 -19.34 -9.63
C LYS A 127 20.68 -18.60 -10.34
N GLU A 128 19.76 -18.06 -9.56
CA GLU A 128 18.64 -17.35 -10.13
C GLU A 128 19.03 -16.19 -11.05
N ASP A 129 20.22 -15.61 -10.87
CA ASP A 129 20.64 -14.52 -11.77
C ASP A 129 20.98 -15.04 -13.16
N LEU A 130 20.97 -16.38 -13.33
CA LEU A 130 21.26 -17.02 -14.61
C LEU A 130 22.64 -16.62 -15.11
N ARG A 131 23.48 -16.24 -14.15
CA ARG A 131 24.81 -15.80 -14.46
C ARG A 131 25.90 -16.55 -13.72
N SER A 132 25.65 -16.89 -12.47
CA SER A 132 26.68 -17.58 -11.71
C SER A 132 26.31 -18.97 -11.23
N TRP A 133 27.33 -19.74 -10.90
CA TRP A 133 27.13 -21.10 -10.46
C TRP A 133 27.34 -21.33 -8.98
N THR A 134 26.64 -22.32 -8.44
CA THR A 134 26.78 -22.70 -7.05
C THR A 134 27.30 -24.15 -7.03
N ALA A 135 28.56 -24.31 -6.72
CA ALA A 135 29.16 -25.64 -6.66
C ALA A 135 28.82 -26.15 -5.26
N ALA A 136 28.18 -27.30 -5.16
CA ALA A 136 27.76 -27.84 -3.86
C ALA A 136 28.91 -28.26 -2.95
N ASP A 137 30.02 -28.67 -3.55
CA ASP A 137 31.19 -29.09 -2.78
C ASP A 137 32.48 -28.80 -3.54
N MET A 138 33.58 -29.33 -3.02
CA MET A 138 34.92 -29.13 -3.60
C MET A 138 35.03 -29.66 -5.01
N ALA A 139 34.63 -30.91 -5.21
CA ALA A 139 34.69 -31.51 -6.53
C ALA A 139 33.97 -30.65 -7.58
N ALA A 140 32.76 -30.20 -7.25
CA ALA A 140 31.96 -29.39 -8.18
C ALA A 140 32.65 -28.12 -8.62
N GLN A 141 33.60 -27.65 -7.84
CA GLN A 141 34.34 -26.44 -8.20
C GLN A 141 35.05 -26.62 -9.55
N THR A 142 35.50 -27.84 -9.83
CA THR A 142 36.18 -28.13 -11.09
C THR A 142 35.20 -27.88 -12.23
N THR A 143 33.99 -28.42 -12.08
CA THR A 143 32.99 -28.22 -13.09
C THR A 143 32.65 -26.74 -13.23
N LYS A 144 32.56 -26.06 -12.09
CA LYS A 144 32.23 -24.64 -12.10
C LYS A 144 33.25 -23.85 -12.94
N HIS A 145 34.54 -24.12 -12.71
CA HIS A 145 35.62 -23.45 -13.44
C HIS A 145 35.49 -23.82 -14.92
N LYS A 146 35.29 -25.10 -15.18
CA LYS A 146 35.16 -25.58 -16.55
C LYS A 146 33.99 -24.88 -17.28
N TRP A 147 32.85 -24.75 -16.60
CA TRP A 147 31.69 -24.09 -17.22
C TRP A 147 31.87 -22.61 -17.44
N GLU A 148 32.64 -21.96 -16.57
CA GLU A 148 32.93 -20.55 -16.70
C GLU A 148 33.85 -20.35 -17.89
N ALA A 149 34.82 -21.24 -18.08
CA ALA A 149 35.72 -21.12 -19.23
C ALA A 149 34.96 -21.36 -20.54
N ALA A 150 33.98 -22.25 -20.52
CA ALA A 150 33.19 -22.58 -21.70
C ALA A 150 31.93 -21.73 -21.87
N HIS A 151 31.73 -20.76 -20.98
CA HIS A 151 30.56 -19.89 -21.06
C HIS A 151 29.22 -20.62 -21.19
N VAL A 152 29.07 -21.65 -20.36
CA VAL A 152 27.84 -22.42 -20.35
C VAL A 152 26.66 -21.57 -19.83
N ALA A 153 26.91 -20.72 -18.85
CA ALA A 153 25.84 -19.86 -18.34
C ALA A 153 25.23 -18.96 -19.41
N GLU A 154 26.07 -18.37 -20.25
CA GLU A 154 25.58 -17.48 -21.31
C GLU A 154 24.69 -18.23 -22.27
N GLN A 155 25.08 -19.48 -22.62
CA GLN A 155 24.27 -20.26 -23.54
C GLN A 155 22.93 -20.66 -22.90
N LEU A 156 22.99 -21.11 -21.66
CA LEU A 156 21.78 -21.52 -20.95
C LEU A 156 20.82 -20.37 -20.76
N ARG A 157 21.35 -19.21 -20.39
CA ARG A 157 20.49 -18.05 -20.18
C ARG A 157 19.72 -17.70 -21.44
N ALA A 158 20.40 -17.69 -22.59
CA ALA A 158 19.72 -17.35 -23.85
C ALA A 158 18.56 -18.34 -24.07
N TYR A 159 18.81 -19.63 -23.83
CA TYR A 159 17.78 -20.67 -24.01
C TYR A 159 16.64 -20.53 -22.99
N LEU A 160 16.97 -20.36 -21.71
CA LEU A 160 15.96 -20.24 -20.66
C LEU A 160 15.04 -19.03 -20.79
N GLU A 161 15.61 -17.88 -21.15
CA GLU A 161 14.81 -16.67 -21.31
C GLU A 161 14.17 -16.55 -22.68
N GLY A 162 14.69 -17.27 -23.67
CA GLY A 162 14.10 -17.17 -25.00
C GLY A 162 13.36 -18.41 -25.44
N THR A 163 14.10 -19.33 -26.06
CA THR A 163 13.58 -20.58 -26.56
C THR A 163 12.64 -21.32 -25.61
N CYS A 164 13.09 -21.51 -24.36
CA CYS A 164 12.29 -22.23 -23.35
C CYS A 164 10.91 -21.61 -23.15
N VAL A 165 10.85 -20.33 -22.83
CA VAL A 165 9.59 -19.66 -22.61
C VAL A 165 8.77 -19.59 -23.91
N GLU A 166 9.43 -19.46 -25.05
CA GLU A 166 8.69 -19.41 -26.31
C GLU A 166 7.96 -20.72 -26.59
N TRP A 167 8.65 -21.85 -26.41
CA TRP A 167 7.98 -23.11 -26.64
C TRP A 167 6.97 -23.42 -25.55
N LEU A 168 7.24 -22.99 -24.33
CA LEU A 168 6.28 -23.23 -23.26
C LEU A 168 4.96 -22.52 -23.67
N ARG A 169 5.06 -21.29 -24.17
CA ARG A 169 3.85 -20.56 -24.57
C ARG A 169 3.11 -21.27 -25.69
N ARG A 170 3.89 -21.80 -26.63
CA ARG A 170 3.32 -22.53 -27.73
C ARG A 170 2.58 -23.77 -27.19
N TYR A 171 3.19 -24.47 -26.23
CA TYR A 171 2.57 -25.68 -25.67
C TYR A 171 1.31 -25.32 -24.93
N LEU A 172 1.37 -24.27 -24.11
CA LEU A 172 0.21 -23.83 -23.34
C LEU A 172 -0.99 -23.52 -24.26
N GLU A 173 -0.71 -22.91 -25.40
CA GLU A 173 -1.76 -22.59 -26.36
C GLU A 173 -2.27 -23.85 -27.10
N ASN A 174 -1.38 -24.65 -27.69
CA ASN A 174 -1.82 -25.86 -28.39
C ASN A 174 -2.55 -26.81 -27.47
N GLY A 175 -2.07 -26.91 -26.22
CA GLY A 175 -2.71 -27.80 -25.25
C GLY A 175 -3.63 -27.09 -24.28
N LYS A 176 -4.09 -25.89 -24.63
CA LYS A 176 -4.94 -25.13 -23.72
C LYS A 176 -6.11 -25.92 -23.12
N GLU A 177 -6.76 -26.79 -23.91
CA GLU A 177 -7.88 -27.55 -23.40
C GLU A 177 -7.56 -28.45 -22.20
N THR A 178 -6.29 -28.85 -22.08
CA THR A 178 -5.91 -29.71 -20.97
C THR A 178 -4.85 -29.09 -20.04
N LEU A 179 -4.08 -28.11 -20.52
CA LEU A 179 -3.09 -27.48 -19.65
C LEU A 179 -3.63 -26.22 -18.97
N GLN A 180 -4.54 -25.52 -19.63
CA GLN A 180 -5.06 -24.28 -19.07
C GLN A 180 -6.45 -24.36 -18.45
N ARG A 181 -7.11 -25.48 -18.63
CA ARG A 181 -8.41 -25.69 -18.00
C ARG A 181 -8.15 -26.37 -16.65
N THR A 182 -9.11 -26.29 -15.75
CA THR A 182 -8.96 -26.90 -14.44
C THR A 182 -9.99 -27.98 -14.26
N ASP A 183 -9.68 -28.89 -13.33
CA ASP A 183 -10.55 -29.98 -12.93
C ASP A 183 -10.66 -29.78 -11.43
N ALA A 184 -11.85 -29.42 -10.96
CA ALA A 184 -12.08 -29.17 -9.54
C ALA A 184 -12.03 -30.46 -8.73
N PRO A 185 -11.58 -30.39 -7.48
CA PRO A 185 -11.53 -31.61 -6.67
C PRO A 185 -12.94 -32.01 -6.25
N LYS A 186 -13.24 -33.30 -6.37
CA LYS A 186 -14.53 -33.81 -5.91
C LYS A 186 -14.21 -34.16 -4.46
N THR A 187 -14.94 -33.58 -3.54
CA THR A 187 -14.65 -33.82 -2.13
C THR A 187 -15.71 -34.53 -1.32
N HIS A 188 -15.28 -35.15 -0.22
CA HIS A 188 -16.18 -35.82 0.72
C HIS A 188 -15.37 -36.12 1.97
N MET A 189 -16.06 -36.43 3.06
CA MET A 189 -15.39 -36.72 4.31
C MET A 189 -15.82 -38.09 4.81
N THR A 190 -14.90 -38.82 5.41
CA THR A 190 -15.24 -40.11 5.99
C THR A 190 -14.95 -40.07 7.48
N HIS A 191 -15.65 -40.93 8.22
CA HIS A 191 -15.53 -41.03 9.66
C HIS A 191 -15.19 -42.49 10.01
N HIS A 192 -14.15 -42.68 10.82
CA HIS A 192 -13.68 -43.99 11.26
C HIS A 192 -13.46 -43.95 12.77
N ALA A 193 -14.20 -44.76 13.53
CA ALA A 193 -14.02 -44.78 14.97
C ALA A 193 -12.71 -45.47 15.30
N VAL A 194 -11.81 -44.77 15.99
CA VAL A 194 -10.53 -45.35 16.37
C VAL A 194 -10.66 -46.15 17.65
N SER A 195 -11.51 -45.67 18.54
CA SER A 195 -11.73 -46.30 19.82
C SER A 195 -13.01 -45.68 20.32
N ASP A 196 -13.28 -45.86 21.61
CA ASP A 196 -14.49 -45.31 22.20
C ASP A 196 -14.27 -43.85 22.57
N HIS A 197 -13.02 -43.41 22.49
CA HIS A 197 -12.65 -42.06 22.87
C HIS A 197 -12.22 -41.18 21.73
N GLU A 198 -11.86 -41.79 20.62
CA GLU A 198 -11.41 -41.01 19.49
C GLU A 198 -11.95 -41.49 18.16
N ALA A 199 -11.98 -40.57 17.22
CA ALA A 199 -12.45 -40.86 15.88
C ALA A 199 -11.58 -40.12 14.87
N THR A 200 -11.44 -40.71 13.69
CA THR A 200 -10.63 -40.11 12.63
C THR A 200 -11.55 -39.54 11.56
N LEU A 201 -11.36 -38.27 11.24
CA LEU A 201 -12.15 -37.62 10.19
C LEU A 201 -11.15 -37.49 9.04
N ARG A 202 -11.52 -37.96 7.85
CA ARG A 202 -10.61 -37.87 6.72
C ARG A 202 -11.29 -37.09 5.60
N CYS A 203 -10.61 -36.04 5.17
CA CYS A 203 -11.12 -35.16 4.13
C CYS A 203 -10.48 -35.51 2.79
N TRP A 204 -11.33 -35.86 1.83
CA TRP A 204 -10.85 -36.27 0.51
C TRP A 204 -10.97 -35.26 -0.64
N ALA A 205 -9.94 -35.22 -1.48
CA ALA A 205 -9.93 -34.36 -2.67
C ALA A 205 -9.53 -35.33 -3.80
N LEU A 206 -10.43 -35.53 -4.75
CA LEU A 206 -10.15 -36.45 -5.84
C LEU A 206 -10.39 -35.86 -7.21
N SER A 207 -9.71 -36.47 -8.18
CA SER A 207 -9.85 -36.12 -9.58
C SER A 207 -9.60 -34.64 -9.92
N PHE A 208 -8.59 -34.03 -9.31
CA PHE A 208 -8.33 -32.62 -9.58
C PHE A 208 -7.08 -32.36 -10.43
N TYR A 209 -7.06 -31.19 -11.08
CA TYR A 209 -5.94 -30.76 -11.91
C TYR A 209 -6.02 -29.24 -11.95
N PRO A 210 -4.88 -28.54 -11.80
CA PRO A 210 -3.53 -29.03 -11.56
C PRO A 210 -3.33 -29.66 -10.19
N ALA A 211 -2.13 -30.21 -9.95
CA ALA A 211 -1.81 -30.91 -8.70
C ALA A 211 -1.81 -30.03 -7.45
N GLU A 212 -1.42 -28.78 -7.62
CA GLU A 212 -1.38 -27.83 -6.53
C GLU A 212 -2.73 -27.76 -5.80
N ILE A 213 -2.71 -27.91 -4.47
CA ILE A 213 -3.94 -27.87 -3.70
C ILE A 213 -3.60 -27.66 -2.24
N THR A 214 -4.54 -27.12 -1.47
CA THR A 214 -4.34 -26.94 -0.04
C THR A 214 -5.53 -27.50 0.73
N LEU A 215 -5.23 -28.47 1.59
CA LEU A 215 -6.22 -29.10 2.45
C LEU A 215 -5.84 -28.69 3.87
N THR A 216 -6.76 -28.07 4.61
CA THR A 216 -6.47 -27.67 5.99
C THR A 216 -7.66 -27.96 6.92
N TRP A 217 -7.35 -28.31 8.16
CA TRP A 217 -8.38 -28.60 9.15
C TRP A 217 -8.46 -27.43 10.11
N GLN A 218 -9.67 -27.14 10.55
CA GLN A 218 -9.89 -26.08 11.54
C GLN A 218 -10.80 -26.65 12.63
N ARG A 219 -10.62 -26.18 13.87
CA ARG A 219 -11.43 -26.58 14.99
C ARG A 219 -11.99 -25.26 15.51
N ASP A 220 -13.32 -25.13 15.48
CA ASP A 220 -13.95 -23.89 15.91
C ASP A 220 -13.36 -22.72 15.11
N GLY A 221 -13.13 -22.96 13.82
CA GLY A 221 -12.61 -21.91 12.97
C GLY A 221 -11.15 -21.54 13.12
N GLU A 222 -10.36 -22.33 13.84
CA GLU A 222 -8.93 -22.02 13.98
C GLU A 222 -8.13 -23.18 13.38
N ASP A 223 -7.07 -22.87 12.63
CA ASP A 223 -6.26 -23.90 12.01
C ASP A 223 -5.79 -24.90 13.02
N GLN A 224 -5.78 -26.17 12.61
CA GLN A 224 -5.37 -27.27 13.45
C GLN A 224 -4.29 -28.07 12.75
N THR A 225 -3.16 -28.23 13.42
CA THR A 225 -2.02 -28.97 12.90
C THR A 225 -1.84 -30.24 13.72
N GLN A 226 -2.01 -30.10 15.03
CA GLN A 226 -1.86 -31.21 15.94
C GLN A 226 -2.86 -32.31 15.68
N ASP A 227 -2.39 -33.55 15.75
CA ASP A 227 -3.25 -34.72 15.56
C ASP A 227 -3.82 -34.82 14.15
N THR A 228 -3.16 -34.20 13.18
CA THR A 228 -3.60 -34.27 11.80
C THR A 228 -2.54 -34.98 10.97
N GLU A 229 -2.96 -35.52 9.84
CA GLU A 229 -2.06 -36.22 8.94
C GLU A 229 -2.40 -35.82 7.51
N LEU A 230 -1.38 -35.52 6.72
CA LEU A 230 -1.60 -35.10 5.34
C LEU A 230 -0.75 -35.97 4.42
N VAL A 231 -1.37 -36.74 3.54
CA VAL A 231 -0.54 -37.58 2.64
C VAL A 231 -0.05 -36.78 1.44
N GLU A 232 0.96 -37.31 0.80
CA GLU A 232 1.51 -36.66 -0.39
C GLU A 232 0.47 -36.67 -1.51
N THR A 233 0.40 -35.59 -2.28
CA THR A 233 -0.52 -35.52 -3.40
C THR A 233 -0.09 -36.65 -4.34
N ARG A 234 -1.05 -37.37 -4.91
CA ARG A 234 -0.73 -38.53 -5.72
C ARG A 234 -1.48 -38.60 -7.04
N PRO A 235 -0.88 -39.21 -8.05
CA PRO A 235 -1.54 -39.31 -9.36
C PRO A 235 -2.62 -40.38 -9.40
N ALA A 236 -3.77 -40.04 -9.97
CA ALA A 236 -4.86 -41.01 -10.07
C ALA A 236 -4.57 -41.96 -11.24
N GLY A 237 -3.71 -41.52 -12.15
CA GLY A 237 -3.36 -42.35 -13.27
C GLY A 237 -4.02 -41.93 -14.57
N ASP A 238 -4.96 -40.99 -14.50
CA ASP A 238 -5.64 -40.52 -15.70
C ASP A 238 -5.33 -39.06 -15.99
N GLY A 239 -4.32 -38.51 -15.34
CA GLY A 239 -3.99 -37.11 -15.54
C GLY A 239 -4.43 -36.24 -14.38
N THR A 240 -5.31 -36.74 -13.50
CA THR A 240 -5.77 -35.97 -12.34
C THR A 240 -5.05 -36.45 -11.09
N PHE A 241 -5.29 -35.75 -9.99
CA PHE A 241 -4.62 -36.05 -8.74
C PHE A 241 -5.55 -36.28 -7.56
N GLN A 242 -4.98 -36.85 -6.48
CA GLN A 242 -5.77 -37.10 -5.28
C GLN A 242 -4.96 -36.72 -4.06
N LYS A 243 -5.66 -36.39 -2.98
CA LYS A 243 -5.00 -36.08 -1.73
C LYS A 243 -6.05 -36.14 -0.61
N TRP A 244 -5.62 -36.47 0.60
CA TRP A 244 -6.53 -36.43 1.75
C TRP A 244 -5.78 -35.92 2.94
N ALA A 245 -6.54 -35.43 3.91
CA ALA A 245 -6.00 -34.89 5.15
C ALA A 245 -6.89 -35.48 6.24
N ALA A 246 -6.27 -35.92 7.33
CA ALA A 246 -7.01 -36.53 8.42
C ALA A 246 -6.69 -35.86 9.75
N VAL A 247 -7.66 -35.91 10.66
CA VAL A 247 -7.49 -35.37 12.00
C VAL A 247 -8.17 -36.33 12.99
N VAL A 248 -7.48 -36.62 14.09
CA VAL A 248 -8.01 -37.51 15.13
C VAL A 248 -8.69 -36.63 16.16
N VAL A 249 -9.98 -36.87 16.40
CA VAL A 249 -10.74 -36.05 17.32
C VAL A 249 -11.43 -36.83 18.44
N PRO A 250 -11.75 -36.15 19.56
CA PRO A 250 -12.42 -36.79 20.71
C PRO A 250 -13.85 -37.14 20.26
N SER A 251 -14.34 -38.32 20.66
CA SER A 251 -15.69 -38.72 20.30
C SER A 251 -16.68 -37.69 20.78
N GLY A 252 -17.67 -37.35 19.95
CA GLY A 252 -18.68 -36.38 20.33
C GLY A 252 -18.30 -34.95 19.99
N GLN A 253 -17.06 -34.72 19.54
CA GLN A 253 -16.64 -33.37 19.16
C GLN A 253 -16.45 -33.20 17.64
N GLU A 254 -16.93 -34.17 16.88
CA GLU A 254 -16.81 -34.12 15.41
C GLU A 254 -17.32 -32.81 14.79
N GLN A 255 -18.47 -32.31 15.25
CA GLN A 255 -19.03 -31.11 14.68
C GLN A 255 -18.16 -29.85 14.80
N ARG A 256 -17.16 -29.86 15.66
CA ARG A 256 -16.33 -28.66 15.81
C ARG A 256 -15.34 -28.49 14.66
N TYR A 257 -15.06 -29.58 13.97
CA TYR A 257 -14.08 -29.60 12.89
C TYR A 257 -14.54 -29.35 11.46
N THR A 258 -13.75 -28.56 10.74
CA THR A 258 -14.06 -28.28 9.35
C THR A 258 -12.82 -28.43 8.49
N CYS A 259 -13.02 -28.98 7.31
CA CYS A 259 -11.95 -29.19 6.35
C CYS A 259 -12.12 -28.11 5.27
N HIS A 260 -11.02 -27.44 4.96
CA HIS A 260 -11.06 -26.38 3.97
C HIS A 260 -10.22 -26.77 2.78
N VAL A 261 -10.83 -26.69 1.60
CA VAL A 261 -10.17 -27.07 0.36
C VAL A 261 -9.96 -25.87 -0.57
N GLN A 262 -8.70 -25.61 -0.91
CA GLN A 262 -8.40 -24.51 -1.82
C GLN A 262 -7.80 -25.07 -3.11
N HIS A 263 -8.34 -24.65 -4.23
CA HIS A 263 -7.87 -25.16 -5.52
C HIS A 263 -8.31 -24.19 -6.62
N GLU A 264 -7.46 -24.00 -7.62
CA GLU A 264 -7.76 -23.09 -8.73
C GLU A 264 -9.00 -23.47 -9.51
N GLY A 265 -9.44 -24.71 -9.38
CA GLY A 265 -10.63 -25.14 -10.10
C GLY A 265 -11.93 -24.82 -9.39
N LEU A 266 -11.83 -24.10 -8.28
CA LEU A 266 -13.03 -23.74 -7.50
C LEU A 266 -13.30 -22.25 -7.55
N PRO A 267 -14.56 -21.85 -7.75
CA PRO A 267 -14.88 -20.42 -7.79
C PRO A 267 -14.44 -19.87 -6.40
N LYS A 268 -14.65 -20.66 -5.37
CA LYS A 268 -14.24 -20.27 -4.01
C LYS A 268 -13.94 -21.49 -3.15
N PRO A 269 -13.08 -21.32 -2.14
CA PRO A 269 -12.70 -22.42 -1.25
C PRO A 269 -13.94 -23.18 -0.75
N LEU A 270 -13.78 -24.49 -0.55
CA LEU A 270 -14.88 -25.32 -0.06
C LEU A 270 -14.65 -25.60 1.41
N THR A 271 -15.75 -25.77 2.16
CA THR A 271 -15.67 -26.08 3.58
C THR A 271 -16.54 -27.32 3.79
N LEU A 272 -15.97 -28.34 4.41
CA LEU A 272 -16.74 -29.54 4.69
C LEU A 272 -16.77 -29.75 6.20
N ARG A 273 -17.91 -30.24 6.70
CA ARG A 273 -18.10 -30.53 8.12
C ARG A 273 -18.72 -31.92 8.17
N TRP A 274 -18.47 -32.69 9.24
CA TRP A 274 -19.04 -34.03 9.34
C TRP A 274 -20.55 -33.89 9.49
N GLU A 275 -21.29 -34.53 8.58
CA GLU A 275 -22.76 -34.48 8.57
C GLU A 275 -23.32 -33.05 8.46
N MET B 1 27.02 -40.14 -1.23
CA MET B 1 25.98 -41.18 -1.47
C MET B 1 24.82 -40.98 -0.49
N ILE B 2 23.75 -40.33 -0.93
CA ILE B 2 22.59 -40.14 -0.06
C ILE B 2 21.49 -41.10 -0.51
N GLN B 3 21.03 -41.95 0.40
CA GLN B 3 19.96 -42.89 0.06
C GLN B 3 18.70 -42.50 0.78
N ARG B 4 17.56 -42.82 0.19
CA ARG B 4 16.27 -42.51 0.81
C ARG B 4 15.32 -43.66 0.56
N THR B 5 14.57 -44.04 1.58
CA THR B 5 13.65 -45.16 1.47
C THR B 5 12.34 -44.69 0.87
N PRO B 6 11.67 -45.56 0.10
CA PRO B 6 10.40 -45.23 -0.56
C PRO B 6 9.16 -45.00 0.30
N LYS B 7 8.35 -44.04 -0.10
CA LYS B 7 7.08 -43.81 0.57
C LYS B 7 6.18 -44.64 -0.33
N ILE B 8 5.11 -45.22 0.22
CA ILE B 8 4.23 -46.08 -0.56
C ILE B 8 2.76 -45.81 -0.32
N GLN B 9 1.98 -45.68 -1.40
CA GLN B 9 0.55 -45.48 -1.30
C GLN B 9 -0.09 -46.43 -2.29
N VAL B 10 -1.07 -47.20 -1.80
CA VAL B 10 -1.81 -48.15 -2.62
C VAL B 10 -3.24 -47.63 -2.61
N TYR B 11 -3.86 -47.54 -3.78
CA TYR B 11 -5.21 -47.00 -3.84
C TYR B 11 -5.77 -47.26 -5.21
N SER B 12 -7.03 -46.92 -5.41
CA SER B 12 -7.67 -47.10 -6.70
C SER B 12 -7.85 -45.76 -7.39
N ARG B 13 -7.90 -45.78 -8.72
CA ARG B 13 -8.08 -44.57 -9.51
C ARG B 13 -9.42 -43.91 -9.21
N HIS B 14 -10.47 -44.72 -9.18
CA HIS B 14 -11.82 -44.25 -8.90
C HIS B 14 -12.31 -44.92 -7.63
N PRO B 15 -13.34 -44.33 -7.00
CA PRO B 15 -13.89 -44.90 -5.76
C PRO B 15 -14.21 -46.38 -6.00
N ALA B 16 -13.77 -47.24 -5.10
CA ALA B 16 -13.99 -48.68 -5.25
C ALA B 16 -15.47 -49.11 -5.22
N GLU B 17 -15.84 -49.94 -6.18
CA GLU B 17 -17.20 -50.49 -6.27
C GLU B 17 -17.18 -51.91 -6.83
N ASN B 18 -17.39 -52.89 -5.94
CA ASN B 18 -17.39 -54.29 -6.33
C ASN B 18 -18.12 -54.52 -7.64
N GLY B 19 -17.47 -55.25 -8.55
CA GLY B 19 -18.08 -55.52 -9.84
C GLY B 19 -17.77 -54.50 -10.92
N LYS B 20 -17.32 -53.30 -10.51
CA LYS B 20 -17.01 -52.25 -11.46
C LYS B 20 -15.51 -52.20 -11.74
N SER B 21 -15.13 -52.31 -13.01
CA SER B 21 -13.71 -52.28 -13.35
C SER B 21 -13.12 -50.93 -12.95
N ASN B 22 -11.93 -50.97 -12.39
CA ASN B 22 -11.24 -49.79 -11.89
C ASN B 22 -9.77 -49.96 -12.23
N PHE B 23 -8.91 -49.24 -11.52
CA PHE B 23 -7.47 -49.32 -11.68
C PHE B 23 -6.85 -49.31 -10.30
N LEU B 24 -5.94 -50.24 -10.07
CA LEU B 24 -5.25 -50.35 -8.78
C LEU B 24 -3.90 -49.68 -8.97
N ASN B 25 -3.56 -48.75 -8.07
CA ASN B 25 -2.31 -48.01 -8.14
C ASN B 25 -1.41 -48.20 -6.94
N CYS B 26 -0.12 -48.21 -7.20
CA CYS B 26 0.85 -48.25 -6.14
C CYS B 26 1.82 -47.12 -6.52
N TYR B 27 1.80 -46.07 -5.72
CA TYR B 27 2.65 -44.93 -5.95
C TYR B 27 3.83 -44.95 -5.00
N VAL B 28 5.04 -45.03 -5.55
CA VAL B 28 6.25 -45.04 -4.75
C VAL B 28 6.99 -43.75 -5.04
N SER B 29 7.44 -43.07 -3.99
CA SER B 29 8.11 -41.79 -4.13
C SER B 29 9.13 -41.51 -3.05
N GLY B 30 9.88 -40.43 -3.22
CA GLY B 30 10.87 -40.05 -2.24
C GLY B 30 12.03 -41.03 -2.09
N PHE B 31 12.24 -41.91 -3.06
CA PHE B 31 13.35 -42.86 -2.93
C PHE B 31 14.60 -42.53 -3.76
N HIS B 32 15.72 -43.14 -3.40
CA HIS B 32 17.01 -42.97 -4.07
C HIS B 32 17.90 -44.05 -3.51
N PRO B 33 18.62 -44.81 -4.37
CA PRO B 33 18.69 -44.77 -5.84
C PRO B 33 17.39 -45.16 -6.52
N SER B 34 17.37 -45.13 -7.85
CA SER B 34 16.17 -45.43 -8.62
C SER B 34 15.80 -46.91 -8.81
N ASP B 35 16.76 -47.82 -8.65
CA ASP B 35 16.45 -49.24 -8.80
C ASP B 35 15.39 -49.58 -7.77
N ILE B 36 14.30 -50.21 -8.19
CA ILE B 36 13.27 -50.54 -7.23
C ILE B 36 12.40 -51.63 -7.80
N GLU B 37 11.85 -52.46 -6.94
CA GLU B 37 10.97 -53.55 -7.39
C GLU B 37 9.61 -53.30 -6.82
N VAL B 38 8.60 -53.30 -7.68
CA VAL B 38 7.25 -53.05 -7.23
C VAL B 38 6.33 -54.07 -7.88
N ASP B 39 5.59 -54.79 -7.05
CA ASP B 39 4.66 -55.77 -7.57
C ASP B 39 3.29 -55.51 -7.00
N LEU B 40 2.26 -55.65 -7.82
CA LEU B 40 0.89 -55.51 -7.34
C LEU B 40 0.42 -56.94 -7.05
N LEU B 41 -0.15 -57.15 -5.86
CA LEU B 41 -0.60 -58.49 -5.49
C LEU B 41 -2.11 -58.64 -5.36
N LYS B 42 -2.59 -59.81 -5.78
CA LYS B 42 -4.01 -60.14 -5.66
C LYS B 42 -4.01 -61.42 -4.83
N ASN B 43 -4.53 -61.32 -3.61
CA ASN B 43 -4.56 -62.45 -2.68
C ASN B 43 -3.16 -63.03 -2.51
N GLY B 44 -2.17 -62.15 -2.40
CA GLY B 44 -0.81 -62.59 -2.20
C GLY B 44 -0.08 -63.03 -3.46
N GLU B 45 -0.79 -63.11 -4.58
CA GLU B 45 -0.16 -63.53 -5.82
C GLU B 45 0.12 -62.37 -6.78
N ARG B 46 1.31 -62.36 -7.35
CA ARG B 46 1.75 -61.31 -8.26
C ARG B 46 0.84 -61.15 -9.47
N ILE B 47 0.44 -59.92 -9.75
CA ILE B 47 -0.39 -59.67 -10.91
C ILE B 47 0.59 -59.47 -12.08
N GLU B 48 0.29 -60.06 -13.22
CA GLU B 48 1.20 -60.00 -14.37
C GLU B 48 1.23 -58.79 -15.28
N LYS B 49 0.06 -58.25 -15.64
CA LYS B 49 0.01 -57.11 -16.54
C LYS B 49 0.10 -55.77 -15.80
N VAL B 50 1.24 -55.49 -15.18
CA VAL B 50 1.41 -54.25 -14.42
C VAL B 50 2.28 -53.24 -15.16
N GLU B 51 1.75 -52.04 -15.36
CA GLU B 51 2.51 -51.00 -16.05
C GLU B 51 2.97 -49.95 -15.06
N HIS B 52 3.89 -49.11 -15.50
CA HIS B 52 4.39 -48.05 -14.65
C HIS B 52 4.77 -46.83 -15.47
N SER B 53 4.74 -45.68 -14.82
CA SER B 53 5.08 -44.41 -15.46
C SER B 53 6.58 -44.34 -15.73
N ASP B 54 6.99 -43.34 -16.49
CA ASP B 54 8.40 -43.10 -16.81
C ASP B 54 9.08 -42.48 -15.61
N LEU B 55 10.28 -42.99 -15.30
CA LEU B 55 11.02 -42.49 -14.17
C LEU B 55 11.20 -40.98 -14.21
N SER B 56 10.92 -40.33 -13.08
CA SER B 56 11.08 -38.89 -12.94
C SER B 56 11.41 -38.59 -11.48
N PHE B 57 11.66 -37.33 -11.14
CA PHE B 57 12.03 -37.03 -9.78
C PHE B 57 11.64 -35.64 -9.34
N SER B 58 11.63 -35.44 -8.03
CA SER B 58 11.23 -34.18 -7.43
C SER B 58 12.39 -33.23 -7.22
N LYS B 59 12.06 -32.05 -6.69
CA LYS B 59 13.00 -30.98 -6.40
C LYS B 59 14.23 -31.49 -5.64
N ASP B 60 14.00 -32.30 -4.62
CA ASP B 60 15.06 -32.86 -3.80
C ASP B 60 15.81 -34.05 -4.43
N TRP B 61 15.57 -34.29 -5.73
CA TRP B 61 16.20 -35.36 -6.51
C TRP B 61 15.69 -36.78 -6.25
N SER B 62 14.73 -36.94 -5.34
CA SER B 62 14.20 -38.27 -5.06
C SER B 62 13.23 -38.66 -6.17
N PHE B 63 13.25 -39.94 -6.50
CA PHE B 63 12.42 -40.50 -7.58
C PHE B 63 11.01 -40.86 -7.20
N TYR B 64 10.15 -40.96 -8.22
CA TYR B 64 8.77 -41.38 -8.01
C TYR B 64 8.29 -42.13 -9.25
N LEU B 65 7.47 -43.15 -9.03
CA LEU B 65 6.91 -43.98 -10.08
C LEU B 65 5.48 -44.39 -9.71
N LEU B 66 4.64 -44.55 -10.73
CA LEU B 66 3.30 -45.01 -10.50
C LEU B 66 3.18 -46.38 -11.16
N TYR B 67 2.84 -47.41 -10.39
CA TYR B 67 2.63 -48.74 -10.95
C TYR B 67 1.12 -48.92 -10.91
N TYR B 68 0.55 -49.47 -11.97
CA TYR B 68 -0.90 -49.60 -12.02
C TYR B 68 -1.35 -50.75 -12.90
N THR B 69 -2.58 -51.20 -12.66
CA THR B 69 -3.17 -52.27 -13.43
C THR B 69 -4.68 -52.20 -13.32
N GLU B 70 -5.36 -52.70 -14.35
CA GLU B 70 -6.82 -52.73 -14.35
C GLU B 70 -7.23 -53.83 -13.38
N PHE B 71 -8.31 -53.60 -12.65
CA PHE B 71 -8.81 -54.61 -11.71
C PHE B 71 -10.26 -54.36 -11.37
N THR B 72 -10.93 -55.42 -10.93
CA THR B 72 -12.33 -55.32 -10.55
C THR B 72 -12.45 -55.74 -9.10
N PRO B 73 -12.58 -54.76 -8.20
CA PRO B 73 -12.70 -55.01 -6.77
C PRO B 73 -13.82 -55.97 -6.47
N THR B 74 -13.59 -56.89 -5.55
CA THR B 74 -14.63 -57.83 -5.15
C THR B 74 -14.66 -57.74 -3.64
N GLU B 75 -15.76 -58.20 -3.07
CA GLU B 75 -15.93 -58.17 -1.63
C GLU B 75 -14.86 -59.02 -0.91
N LYS B 76 -14.47 -60.13 -1.52
CA LYS B 76 -13.50 -61.03 -0.92
C LYS B 76 -12.03 -60.83 -1.31
N ASP B 77 -11.77 -60.60 -2.60
CA ASP B 77 -10.40 -60.41 -3.08
C ASP B 77 -9.65 -59.32 -2.33
N GLU B 78 -8.40 -59.62 -1.98
CA GLU B 78 -7.58 -58.66 -1.26
C GLU B 78 -6.40 -58.23 -2.13
N TYR B 79 -6.07 -56.95 -2.09
CA TYR B 79 -4.95 -56.47 -2.89
C TYR B 79 -3.89 -55.77 -2.05
N ALA B 80 -2.68 -55.77 -2.58
CA ALA B 80 -1.57 -55.14 -1.87
C ALA B 80 -0.43 -54.80 -2.83
N CYS B 81 0.51 -54.00 -2.34
CA CYS B 81 1.65 -53.61 -3.13
C CYS B 81 2.89 -54.11 -2.40
N ARG B 82 3.81 -54.72 -3.11
CA ARG B 82 5.05 -55.21 -2.50
C ARG B 82 6.22 -54.45 -3.12
N VAL B 83 6.98 -53.78 -2.27
CA VAL B 83 8.11 -52.99 -2.71
C VAL B 83 9.45 -53.41 -2.11
N ASN B 84 10.47 -53.49 -2.95
CA ASN B 84 11.80 -53.83 -2.45
C ASN B 84 12.76 -52.76 -2.97
N HIS B 85 13.69 -52.36 -2.11
CA HIS B 85 14.65 -51.30 -2.43
C HIS B 85 15.85 -51.52 -1.54
N VAL B 86 17.02 -51.03 -1.94
CA VAL B 86 18.20 -51.26 -1.12
C VAL B 86 18.09 -50.75 0.29
N THR B 87 17.22 -49.78 0.53
CA THR B 87 17.10 -49.24 1.87
C THR B 87 16.27 -50.14 2.76
N LEU B 88 15.77 -51.24 2.18
CA LEU B 88 14.93 -52.14 2.94
C LEU B 88 15.58 -53.48 3.26
N SER B 89 15.55 -53.85 4.54
CA SER B 89 16.13 -55.13 4.97
C SER B 89 15.31 -56.25 4.34
N GLN B 90 14.08 -55.92 3.98
CA GLN B 90 13.20 -56.91 3.36
C GLN B 90 12.02 -56.25 2.68
N PRO B 91 11.40 -56.96 1.72
CA PRO B 91 10.24 -56.43 0.99
C PRO B 91 9.19 -55.85 1.91
N LYS B 92 8.67 -54.68 1.56
CA LYS B 92 7.62 -54.07 2.36
C LYS B 92 6.33 -54.28 1.63
N ILE B 93 5.28 -54.62 2.37
CA ILE B 93 3.98 -54.86 1.77
C ILE B 93 2.95 -53.94 2.40
N VAL B 94 2.24 -53.21 1.55
CA VAL B 94 1.20 -52.31 2.00
C VAL B 94 -0.06 -52.84 1.38
N LYS B 95 -1.06 -53.07 2.20
CA LYS B 95 -2.32 -53.60 1.71
C LYS B 95 -3.25 -52.49 1.25
N TRP B 96 -4.04 -52.78 0.24
CA TRP B 96 -4.98 -51.80 -0.25
C TRP B 96 -6.18 -51.72 0.70
N ASP B 97 -6.56 -50.50 1.07
CA ASP B 97 -7.70 -50.26 1.94
C ASP B 97 -8.57 -49.16 1.35
N ARG B 98 -9.79 -49.51 0.93
CA ARG B 98 -10.73 -48.58 0.33
C ARG B 98 -10.84 -47.23 1.04
N ASP B 99 -10.53 -47.22 2.33
CA ASP B 99 -10.61 -46.02 3.17
C ASP B 99 -9.38 -45.12 3.12
N MET B 100 -8.41 -45.49 2.27
CA MET B 100 -7.19 -44.72 2.11
C MET B 100 -6.67 -44.72 0.66
N LEU C 1 10.71 -27.78 -25.84
CA LEU C 1 11.85 -28.05 -26.75
C LEU C 1 13.15 -28.12 -25.93
N LEU C 2 13.98 -29.13 -26.18
CA LEU C 2 15.24 -29.30 -25.47
C LEU C 2 16.31 -28.27 -25.81
N PHE C 3 17.25 -28.09 -24.89
CA PHE C 3 18.40 -27.20 -25.07
C PHE C 3 19.24 -27.92 -26.13
N GLY C 4 19.81 -27.19 -27.08
CA GLY C 4 20.56 -27.86 -28.14
C GLY C 4 22.07 -28.04 -28.11
N TYR C 5 22.74 -27.54 -27.07
CA TYR C 5 24.19 -27.65 -27.00
C TYR C 5 24.69 -28.61 -25.91
N PRO C 6 25.82 -29.29 -26.19
CA PRO C 6 26.43 -30.25 -25.27
C PRO C 6 26.99 -29.56 -24.03
N VAL C 7 26.78 -30.17 -22.86
CA VAL C 7 27.34 -29.63 -21.62
C VAL C 7 27.96 -30.83 -20.88
N TYR C 8 29.20 -30.70 -20.41
CA TYR C 8 29.89 -31.80 -19.71
C TYR C 8 30.37 -31.35 -18.35
N VAL C 9 30.13 -32.13 -17.31
CA VAL C 9 30.62 -31.76 -15.99
C VAL C 9 32.15 -31.92 -15.98
N PRO D 1 -4.31 -4.07 -19.25
CA PRO D 1 -5.28 -5.19 -19.24
C PRO D 1 -6.65 -4.77 -18.73
N TRP D 2 -7.63 -4.71 -19.62
CA TRP D 2 -8.98 -4.34 -19.22
C TRP D 2 -9.98 -5.23 -19.94
N PHE D 3 -11.20 -5.26 -19.42
CA PHE D 3 -12.24 -6.07 -20.03
C PHE D 3 -13.53 -5.84 -19.29
N GLN D 4 -14.65 -5.94 -19.99
CA GLN D 4 -15.93 -5.80 -19.33
C GLN D 4 -16.92 -6.81 -19.92
N ILE D 5 -17.70 -7.41 -19.03
CA ILE D 5 -18.70 -8.39 -19.39
C ILE D 5 -19.93 -7.70 -19.94
N GLU D 6 -20.28 -8.00 -21.19
CA GLU D 6 -21.45 -7.39 -21.79
C GLU D 6 -22.68 -8.22 -21.53
N ASP D 7 -22.60 -9.51 -21.75
CA ASP D 7 -23.77 -10.33 -21.57
C ASP D 7 -23.35 -11.70 -21.09
N ASN D 8 -24.34 -12.48 -20.69
CA ASN D 8 -24.11 -13.80 -20.17
C ASN D 8 -25.42 -14.42 -19.77
N ARG D 9 -26.03 -15.21 -20.64
CA ARG D 9 -27.29 -15.84 -20.31
C ARG D 9 -27.22 -17.25 -20.86
N CYS D 10 -28.17 -18.09 -20.50
CA CYS D 10 -28.19 -19.48 -20.93
C CYS D 10 -29.59 -20.03 -20.67
N TYR D 11 -29.94 -21.12 -21.32
CA TYR D 11 -31.24 -21.74 -21.10
C TYR D 11 -31.12 -23.17 -21.55
N ILE D 12 -31.95 -24.04 -21.00
CA ILE D 12 -31.93 -25.44 -21.38
C ILE D 12 -33.20 -25.81 -22.11
N ASP D 13 -33.06 -26.56 -23.19
CA ASP D 13 -34.23 -26.96 -23.95
C ASP D 13 -34.11 -28.43 -24.31
N ASN D 14 -34.89 -29.25 -23.63
CA ASN D 14 -34.90 -30.70 -23.87
C ASN D 14 -33.54 -31.36 -23.79
N GLY D 15 -32.91 -31.24 -22.63
CA GLY D 15 -31.60 -31.86 -22.44
C GLY D 15 -30.42 -31.26 -23.14
N LYS D 16 -30.55 -30.02 -23.59
CA LYS D 16 -29.47 -29.35 -24.28
C LYS D 16 -29.28 -27.94 -23.72
N LEU D 17 -28.02 -27.51 -23.64
CA LEU D 17 -27.69 -26.19 -23.14
C LEU D 17 -27.42 -25.22 -24.29
N PHE D 18 -27.90 -24.00 -24.11
CA PHE D 18 -27.70 -22.93 -25.09
C PHE D 18 -27.21 -21.77 -24.22
N ALA D 19 -26.02 -21.25 -24.50
CA ALA D 19 -25.48 -20.17 -23.71
C ALA D 19 -24.78 -19.18 -24.61
N ARG D 20 -25.11 -17.90 -24.41
CA ARG D 20 -24.53 -16.84 -25.21
C ARG D 20 -23.98 -15.78 -24.28
N GLY D 21 -22.83 -15.22 -24.64
CA GLY D 21 -22.25 -14.21 -23.82
C GLY D 21 -21.27 -13.41 -24.63
N SER D 22 -20.78 -12.33 -24.05
CA SER D 22 -19.83 -11.49 -24.73
C SER D 22 -19.00 -10.72 -23.74
N ILE D 23 -17.75 -10.50 -24.08
CA ILE D 23 -16.81 -9.75 -23.25
C ILE D 23 -15.95 -8.91 -24.20
N VAL D 24 -15.85 -7.61 -23.97
CA VAL D 24 -14.98 -6.81 -24.83
C VAL D 24 -13.79 -6.48 -23.95
N GLY D 25 -12.63 -6.28 -24.57
CA GLY D 25 -11.42 -5.95 -23.84
C GLY D 25 -10.23 -6.09 -24.77
N ASN D 26 -9.04 -5.80 -24.29
CA ASN D 26 -7.87 -5.91 -25.14
C ASN D 26 -7.04 -7.18 -24.91
N MET D 27 -7.68 -8.27 -24.48
CA MET D 27 -6.98 -9.55 -24.24
C MET D 27 -6.34 -10.03 -25.54
N SER D 28 -5.10 -10.49 -25.46
CA SER D 28 -4.41 -11.01 -26.65
C SER D 28 -4.59 -12.53 -26.73
N ARG D 29 -4.95 -13.15 -25.62
CA ARG D 29 -5.16 -14.61 -25.62
C ARG D 29 -6.25 -14.91 -24.61
N PHE D 30 -6.82 -16.11 -24.68
CA PHE D 30 -7.88 -16.50 -23.77
C PHE D 30 -8.01 -18.02 -23.58
N VAL D 31 -8.77 -18.40 -22.56
CA VAL D 31 -9.08 -19.79 -22.26
C VAL D 31 -10.57 -19.76 -21.91
N PHE D 32 -11.35 -20.59 -22.59
CA PHE D 32 -12.81 -20.66 -22.33
C PHE D 32 -12.96 -21.98 -21.58
N ASP D 33 -13.31 -21.91 -20.30
CA ASP D 33 -13.39 -23.12 -19.48
C ASP D 33 -14.76 -23.30 -18.81
N PRO D 34 -15.76 -23.76 -19.57
CA PRO D 34 -17.12 -23.95 -19.05
C PRO D 34 -17.33 -25.19 -18.21
N LYS D 35 -18.05 -25.04 -17.10
CA LYS D 35 -18.34 -26.16 -16.21
C LYS D 35 -19.82 -26.28 -15.93
N ALA D 36 -20.29 -27.51 -15.76
CA ALA D 36 -21.70 -27.74 -15.43
C ALA D 36 -21.70 -27.81 -13.92
N ASP D 37 -22.65 -27.14 -13.28
CA ASP D 37 -22.72 -27.22 -11.83
C ASP D 37 -23.98 -27.98 -11.46
N TYR D 38 -23.81 -29.10 -10.78
CA TYR D 38 -24.95 -29.94 -10.37
C TYR D 38 -25.32 -29.64 -8.93
N GLY D 39 -24.96 -28.46 -8.48
CA GLY D 39 -25.26 -28.06 -7.11
C GLY D 39 -24.19 -28.65 -6.20
N GLY D 40 -23.06 -27.96 -6.12
CA GLY D 40 -21.98 -28.44 -5.27
C GLY D 40 -20.87 -29.16 -6.02
N VAL D 41 -21.23 -30.13 -6.85
CA VAL D 41 -20.25 -30.87 -7.62
C VAL D 41 -20.60 -30.76 -9.10
N GLY D 42 -19.59 -30.82 -9.96
CA GLY D 42 -19.85 -30.71 -11.38
C GLY D 42 -18.80 -31.39 -12.24
N GLU D 43 -18.67 -30.91 -13.47
CA GLU D 43 -17.71 -31.44 -14.40
C GLU D 43 -17.53 -30.47 -15.54
N ASN D 44 -16.42 -30.62 -16.23
CA ASN D 44 -16.10 -29.76 -17.33
C ASN D 44 -17.01 -30.03 -18.52
N LEU D 45 -17.33 -28.96 -19.25
CA LEU D 45 -18.15 -29.06 -20.43
C LEU D 45 -17.21 -28.79 -21.59
N TYR D 46 -17.53 -29.40 -22.72
CA TYR D 46 -16.76 -29.22 -23.94
C TYR D 46 -17.62 -28.68 -25.05
N VAL D 47 -17.21 -27.51 -25.57
CA VAL D 47 -17.92 -26.86 -26.65
C VAL D 47 -17.13 -26.84 -27.95
N HIS D 48 -17.85 -26.96 -29.06
CA HIS D 48 -17.26 -26.95 -30.38
C HIS D 48 -16.68 -25.56 -30.62
N ALA D 49 -15.58 -25.48 -31.38
CA ALA D 49 -14.94 -24.18 -31.63
C ALA D 49 -15.85 -23.17 -32.30
N ASP D 50 -16.82 -23.63 -33.06
CA ASP D 50 -17.72 -22.72 -33.76
C ASP D 50 -18.58 -21.90 -32.78
N ASP D 51 -18.70 -22.40 -31.54
CA ASP D 51 -19.51 -21.69 -30.56
C ASP D 51 -18.72 -20.68 -29.74
N VAL D 52 -17.48 -20.45 -30.12
CA VAL D 52 -16.62 -19.49 -29.45
C VAL D 52 -15.92 -18.62 -30.51
N GLU D 53 -15.99 -17.29 -30.35
CA GLU D 53 -15.32 -16.39 -31.28
C GLU D 53 -14.45 -15.41 -30.53
N PHE D 54 -13.17 -15.43 -30.85
CA PHE D 54 -12.20 -14.55 -30.22
C PHE D 54 -11.62 -13.63 -31.27
N VAL D 55 -11.56 -12.33 -30.95
CA VAL D 55 -10.95 -11.34 -31.82
C VAL D 55 -9.86 -10.72 -30.96
N PRO D 56 -8.60 -11.13 -31.20
CA PRO D 56 -7.47 -10.62 -30.41
C PRO D 56 -7.56 -9.11 -30.25
N GLY D 57 -7.33 -8.65 -29.03
CA GLY D 57 -7.38 -7.23 -28.74
C GLY D 57 -8.76 -6.59 -28.68
N GLU D 58 -9.81 -7.33 -29.03
CA GLU D 58 -11.16 -6.78 -29.02
C GLU D 58 -12.22 -7.49 -28.20
N SER D 59 -12.44 -8.76 -28.46
CA SER D 59 -13.48 -9.47 -27.76
C SER D 59 -13.46 -10.98 -27.75
N LEU D 60 -14.28 -11.52 -26.86
CA LEU D 60 -14.45 -12.96 -26.72
C LEU D 60 -15.96 -13.16 -26.61
N LYS D 61 -16.51 -13.92 -27.54
CA LYS D 61 -17.94 -14.17 -27.53
C LYS D 61 -18.24 -15.66 -27.66
N TRP D 62 -19.32 -16.08 -27.03
CA TRP D 62 -19.69 -17.47 -27.12
C TRP D 62 -21.16 -17.59 -27.47
N ASN D 63 -21.49 -18.69 -28.14
CA ASN D 63 -22.83 -18.96 -28.61
C ASN D 63 -22.99 -20.49 -28.60
N VAL D 64 -22.91 -21.05 -27.41
CA VAL D 64 -23.01 -22.48 -27.21
C VAL D 64 -24.39 -22.98 -27.61
N ARG D 65 -24.44 -23.93 -28.54
CA ARG D 65 -25.72 -24.43 -29.03
C ARG D 65 -25.82 -25.95 -28.91
N ASN D 66 -26.96 -26.38 -28.36
CA ASN D 66 -27.32 -27.80 -28.18
C ASN D 66 -26.38 -28.68 -27.40
N LEU D 67 -25.86 -28.15 -26.32
CA LEU D 67 -24.93 -28.91 -25.53
C LEU D 67 -25.69 -29.82 -24.57
N ASP D 68 -25.53 -31.12 -24.74
CA ASP D 68 -26.22 -32.05 -23.85
C ASP D 68 -25.73 -31.88 -22.43
N VAL D 69 -26.63 -31.58 -21.52
CA VAL D 69 -26.22 -31.51 -20.14
C VAL D 69 -27.14 -32.45 -19.45
N MET D 70 -26.62 -33.09 -18.44
CA MET D 70 -27.40 -34.01 -17.68
C MET D 70 -28.58 -33.31 -17.02
N PRO D 71 -29.62 -34.08 -16.64
CA PRO D 71 -30.82 -33.55 -15.99
C PRO D 71 -30.46 -32.84 -14.69
N ILE D 72 -29.44 -33.34 -14.02
CA ILE D 72 -28.97 -32.78 -12.76
C ILE D 72 -28.43 -31.36 -12.93
N PHE D 73 -28.32 -30.88 -14.17
CA PHE D 73 -27.78 -29.56 -14.38
C PHE D 73 -28.48 -28.48 -13.60
N GLU D 74 -27.68 -27.68 -12.93
CA GLU D 74 -28.22 -26.57 -12.17
C GLU D 74 -27.82 -25.23 -12.78
N THR D 75 -26.55 -24.85 -12.57
CA THR D 75 -26.01 -23.60 -13.12
C THR D 75 -24.73 -23.79 -13.98
N LEU D 76 -24.48 -22.82 -14.88
CA LEU D 76 -23.29 -22.83 -15.73
C LEU D 76 -22.21 -22.06 -14.99
N ALA D 77 -21.12 -22.74 -14.64
CA ALA D 77 -20.00 -22.07 -13.98
C ALA D 77 -18.98 -21.86 -15.09
N LEU D 78 -18.76 -20.60 -15.44
CA LEU D 78 -17.86 -20.29 -16.52
C LEU D 78 -16.55 -19.66 -16.06
N ARG D 79 -15.47 -20.44 -16.13
CA ARG D 79 -14.17 -19.93 -15.74
C ARG D 79 -13.51 -19.40 -17.01
N LEU D 80 -13.02 -18.17 -16.94
CA LEU D 80 -12.38 -17.58 -18.11
C LEU D 80 -11.04 -17.03 -17.71
N VAL D 81 -10.05 -17.14 -18.57
CA VAL D 81 -8.79 -16.51 -18.25
C VAL D 81 -8.47 -15.67 -19.46
N LEU D 82 -8.44 -14.37 -19.22
CA LEU D 82 -8.22 -13.37 -20.25
C LEU D 82 -6.89 -12.72 -20.00
N GLN D 83 -5.97 -12.87 -20.96
CA GLN D 83 -4.65 -12.28 -20.78
C GLN D 83 -4.07 -12.75 -19.45
N GLY D 84 -4.44 -13.93 -19.00
CA GLY D 84 -3.90 -14.40 -17.72
C GLY D 84 -4.74 -14.11 -16.49
N ASP D 85 -5.69 -13.18 -16.59
CA ASP D 85 -6.53 -12.88 -15.44
C ASP D 85 -7.70 -13.83 -15.42
N VAL D 86 -7.93 -14.44 -14.26
CA VAL D 86 -9.01 -15.39 -14.08
C VAL D 86 -10.27 -14.72 -13.54
N ILE D 87 -11.39 -15.06 -14.13
CA ILE D 87 -12.67 -14.53 -13.65
C ILE D 87 -13.68 -15.65 -13.82
N TRP D 88 -14.60 -15.76 -12.85
CA TRP D 88 -15.64 -16.74 -12.93
C TRP D 88 -16.97 -16.04 -13.16
N LEU D 89 -17.79 -16.59 -14.05
CA LEU D 89 -19.12 -16.06 -14.29
C LEU D 89 -20.05 -17.19 -13.88
N ARG D 90 -21.28 -16.85 -13.53
CA ARG D 90 -22.26 -17.86 -13.15
C ARG D 90 -23.52 -17.54 -13.97
N CYS D 91 -24.12 -18.54 -14.62
CA CYS D 91 -25.33 -18.33 -15.42
C CYS D 91 -26.41 -19.33 -15.00
N VAL D 92 -27.59 -18.82 -14.65
CA VAL D 92 -28.72 -19.67 -14.26
C VAL D 92 -29.62 -19.82 -15.48
N PRO D 93 -29.90 -21.06 -15.90
CA PRO D 93 -30.78 -21.30 -17.07
C PRO D 93 -32.14 -20.61 -16.87
N GLU D 94 -32.75 -20.05 -17.92
CA GLU D 94 -33.98 -19.33 -17.79
C GLU D 94 -35.29 -20.00 -18.22
N LEU D 95 -35.81 -19.34 -19.25
CA LEU D 95 -37.05 -19.51 -19.99
C LEU D 95 -36.74 -19.64 -21.48
N GLY E 1 11.95 42.63 -18.64
CA GLY E 1 10.86 43.01 -17.67
C GLY E 1 11.44 43.46 -16.33
N SER E 2 10.87 42.97 -15.24
CA SER E 2 11.39 43.30 -13.91
C SER E 2 12.53 42.29 -13.58
N HIS E 3 13.45 42.68 -12.71
CA HIS E 3 14.57 41.81 -12.41
C HIS E 3 14.85 41.67 -10.93
N SER E 4 15.68 40.69 -10.60
CA SER E 4 16.03 40.48 -9.20
C SER E 4 17.42 39.94 -9.00
N MET E 5 17.98 40.25 -7.83
CA MET E 5 19.26 39.71 -7.44
C MET E 5 18.99 39.05 -6.10
N ARG E 6 19.51 37.84 -5.91
CA ARG E 6 19.34 37.10 -4.65
C ARG E 6 20.56 36.31 -4.28
N TYR E 7 20.84 36.28 -2.97
CA TYR E 7 21.92 35.49 -2.41
C TYR E 7 21.26 34.41 -1.53
N PHE E 8 21.71 33.17 -1.67
CA PHE E 8 21.14 32.06 -0.91
C PHE E 8 22.25 31.42 -0.12
N PHE E 9 22.05 31.30 1.19
CA PHE E 9 23.05 30.72 2.06
C PHE E 9 22.50 29.51 2.84
N THR E 10 23.24 28.41 2.77
CA THR E 10 22.86 27.21 3.49
C THR E 10 24.01 26.78 4.37
N SER E 11 23.74 26.60 5.66
CA SER E 11 24.77 26.13 6.57
C SER E 11 24.25 24.87 7.31
N VAL E 12 25.01 23.79 7.23
CA VAL E 12 24.58 22.53 7.85
C VAL E 12 25.57 22.02 8.88
N SER E 13 25.16 21.92 10.15
CA SER E 13 26.08 21.41 11.17
C SER E 13 26.36 19.91 10.96
N ARG E 14 27.55 19.50 11.37
CA ARG E 14 28.01 18.12 11.23
C ARG E 14 28.72 17.78 12.54
N PRO E 15 27.96 17.70 13.65
CA PRO E 15 28.49 17.41 14.97
C PRO E 15 29.60 16.33 15.01
N GLY E 16 30.75 16.71 15.55
CA GLY E 16 31.86 15.78 15.64
C GLY E 16 32.57 15.46 14.34
N ARG E 17 32.13 16.05 13.23
CA ARG E 17 32.76 15.78 11.95
C ARG E 17 33.25 17.05 11.29
N GLY E 18 33.75 17.98 12.11
CA GLY E 18 34.27 19.23 11.59
C GLY E 18 33.29 20.37 11.52
N GLU E 19 33.75 21.45 10.90
CA GLU E 19 32.97 22.66 10.72
C GLU E 19 31.68 22.44 9.93
N PRO E 20 30.69 23.33 10.13
CA PRO E 20 29.44 23.17 9.38
C PRO E 20 29.75 23.33 7.89
N ARG E 21 28.99 22.66 7.03
CA ARG E 21 29.15 22.79 5.59
C ARG E 21 28.41 24.10 5.22
N PHE E 22 29.10 25.03 4.57
CA PHE E 22 28.47 26.29 4.18
C PHE E 22 28.52 26.47 2.66
N ILE E 23 27.38 26.69 2.02
CA ILE E 23 27.32 26.88 0.57
C ILE E 23 26.57 28.19 0.29
N ALA E 24 27.19 29.10 -0.47
CA ALA E 24 26.53 30.35 -0.82
C ALA E 24 26.44 30.47 -2.32
N VAL E 25 25.30 30.94 -2.82
CA VAL E 25 25.16 31.14 -4.27
C VAL E 25 24.46 32.48 -4.51
N GLY E 26 24.81 33.13 -5.64
CA GLY E 26 24.23 34.41 -5.99
C GLY E 26 23.54 34.28 -7.33
N TYR E 27 22.35 34.87 -7.45
CA TYR E 27 21.60 34.81 -8.69
C TYR E 27 21.13 36.18 -9.14
N VAL E 28 21.01 36.36 -10.46
CA VAL E 28 20.40 37.54 -11.03
C VAL E 28 19.30 36.81 -11.84
N ASP E 29 18.04 37.04 -11.48
CA ASP E 29 16.91 36.35 -12.14
C ASP E 29 17.18 34.85 -12.05
N ASP E 30 17.12 34.13 -13.16
CA ASP E 30 17.36 32.69 -13.11
C ASP E 30 18.80 32.28 -13.39
N THR E 31 19.73 33.22 -13.32
CA THR E 31 21.11 32.88 -13.64
C THR E 31 22.04 33.00 -12.45
N GLN E 32 22.66 31.89 -12.09
CA GLN E 32 23.58 31.90 -10.98
C GLN E 32 24.86 32.62 -11.47
N PHE E 33 25.46 33.48 -10.66
CA PHE E 33 26.67 34.15 -11.11
C PHE E 33 27.88 33.99 -10.16
N VAL E 34 27.62 33.62 -8.90
CA VAL E 34 28.73 33.37 -7.99
C VAL E 34 28.44 32.23 -7.01
N ARG E 35 29.49 31.72 -6.38
CA ARG E 35 29.30 30.71 -5.39
C ARG E 35 30.51 30.57 -4.51
N PHE E 36 30.26 30.02 -3.31
CA PHE E 36 31.29 29.72 -2.34
C PHE E 36 30.93 28.42 -1.64
N ASP E 37 31.91 27.54 -1.52
CA ASP E 37 31.72 26.26 -0.88
C ASP E 37 32.82 26.08 0.15
N SER E 38 32.41 26.08 1.42
CA SER E 38 33.34 25.94 2.53
C SER E 38 34.22 24.71 2.43
N ASP E 39 33.76 23.71 1.70
CA ASP E 39 34.53 22.48 1.55
C ASP E 39 35.42 22.44 0.32
N ALA E 40 35.27 23.39 -0.60
CA ALA E 40 36.11 23.35 -1.81
C ALA E 40 37.50 23.84 -1.46
N ALA E 41 38.46 23.54 -2.34
CA ALA E 41 39.85 23.90 -2.11
C ALA E 41 40.17 25.36 -2.34
N SER E 42 39.50 26.00 -3.29
CA SER E 42 39.81 27.39 -3.59
C SER E 42 39.68 28.34 -2.41
N GLN E 43 38.63 28.16 -1.63
CA GLN E 43 38.36 29.06 -0.51
C GLN E 43 38.18 30.48 -1.04
N ARG E 44 37.60 30.59 -2.21
CA ARG E 44 37.32 31.91 -2.77
C ARG E 44 35.93 31.98 -3.37
N MET E 45 35.36 33.18 -3.42
CA MET E 45 34.07 33.35 -4.07
C MET E 45 34.45 33.11 -5.55
N GLU E 46 33.71 32.27 -6.25
CA GLU E 46 34.02 31.96 -7.61
C GLU E 46 32.93 32.39 -8.57
N PRO E 47 33.33 32.71 -9.81
CA PRO E 47 32.43 33.15 -10.87
C PRO E 47 31.68 31.96 -11.45
N ARG E 48 30.41 32.14 -11.77
CA ARG E 48 29.63 31.06 -12.38
C ARG E 48 28.89 31.55 -13.62
N ALA E 49 29.11 32.81 -13.97
CA ALA E 49 28.52 33.41 -15.17
C ALA E 49 29.64 34.26 -15.84
N PRO E 50 29.73 34.24 -17.17
CA PRO E 50 30.78 35.00 -17.88
C PRO E 50 30.83 36.48 -17.60
N TRP E 51 29.68 37.13 -17.55
CA TRP E 51 29.67 38.55 -17.30
C TRP E 51 30.19 39.01 -15.93
N ILE E 52 30.32 38.12 -14.95
CA ILE E 52 30.82 38.58 -13.65
C ILE E 52 32.34 38.49 -13.62
N GLU E 53 32.91 37.72 -14.56
CA GLU E 53 34.35 37.59 -14.61
C GLU E 53 35.06 38.88 -15.02
N GLN E 54 34.33 39.85 -15.54
CA GLN E 54 34.98 41.10 -15.90
C GLN E 54 35.18 42.02 -14.70
N GLU E 55 34.80 41.56 -13.50
CA GLU E 55 34.98 42.33 -12.27
C GLU E 55 36.42 42.12 -11.85
N GLY E 56 37.05 43.20 -11.40
CA GLY E 56 38.45 43.14 -10.99
C GLY E 56 38.74 42.43 -9.69
N PRO E 57 40.04 42.33 -9.35
CA PRO E 57 40.58 41.68 -8.15
C PRO E 57 40.04 42.21 -6.85
N GLU E 58 39.76 43.50 -6.75
CA GLU E 58 39.24 43.99 -5.49
C GLU E 58 37.83 43.43 -5.26
N TYR E 59 37.06 43.27 -6.34
CA TYR E 59 35.72 42.73 -6.21
C TYR E 59 35.82 41.33 -5.61
N TRP E 60 36.67 40.49 -6.18
CA TRP E 60 36.81 39.13 -5.69
C TRP E 60 37.37 39.00 -4.29
N ASP E 61 38.32 39.86 -3.92
CA ASP E 61 38.86 39.78 -2.58
C ASP E 61 37.79 40.23 -1.59
N GLY E 62 37.04 41.25 -1.97
CA GLY E 62 35.99 41.76 -1.12
C GLY E 62 34.87 40.73 -0.92
N GLU E 63 34.41 40.12 -2.00
CA GLU E 63 33.33 39.15 -1.91
C GLU E 63 33.77 37.89 -1.15
N THR E 64 35.03 37.52 -1.34
CA THR E 64 35.58 36.34 -0.66
C THR E 64 35.58 36.61 0.85
N ARG E 65 36.05 37.79 1.23
CA ARG E 65 36.09 38.17 2.63
C ARG E 65 34.69 38.26 3.23
N LYS E 66 33.78 38.92 2.52
CA LYS E 66 32.44 39.03 3.02
C LYS E 66 31.72 37.67 3.11
N VAL E 67 31.89 36.81 2.11
CA VAL E 67 31.21 35.51 2.14
C VAL E 67 31.76 34.65 3.29
N LYS E 68 33.07 34.71 3.52
CA LYS E 68 33.67 33.96 4.64
C LYS E 68 33.07 34.51 5.94
N ALA E 69 32.85 35.82 6.01
CA ALA E 69 32.27 36.38 7.22
C ALA E 69 30.83 35.86 7.40
N HIS E 70 30.06 35.74 6.32
CA HIS E 70 28.68 35.21 6.40
C HIS E 70 28.78 33.77 6.92
N SER E 71 29.80 33.06 6.46
CA SER E 71 30.05 31.69 6.85
C SER E 71 30.21 31.58 8.36
N GLN E 72 30.96 32.51 8.92
CA GLN E 72 31.23 32.49 10.33
C GLN E 72 30.07 32.91 11.18
N THR E 73 29.27 33.87 10.74
CA THR E 73 28.13 34.25 11.54
C THR E 73 27.15 33.06 11.58
N HIS E 74 27.02 32.31 10.47
CA HIS E 74 26.13 31.16 10.46
C HIS E 74 26.65 30.03 11.36
N ARG E 75 27.96 29.93 11.50
CA ARG E 75 28.54 28.89 12.36
C ARG E 75 28.08 29.24 13.78
N VAL E 76 28.12 30.53 14.13
CA VAL E 76 27.66 30.95 15.44
C VAL E 76 26.16 30.76 15.59
N ASP E 77 25.40 31.09 14.53
CA ASP E 77 23.95 30.94 14.54
C ASP E 77 23.50 29.50 14.87
N LEU E 78 24.11 28.50 14.28
CA LEU E 78 23.74 27.11 14.53
C LEU E 78 23.79 26.82 16.03
N GLY E 79 24.82 27.35 16.70
CA GLY E 79 24.95 27.15 18.13
C GLY E 79 23.88 27.91 18.88
N THR E 80 23.62 29.14 18.46
CA THR E 80 22.61 29.96 19.10
C THR E 80 21.23 29.32 18.96
N LEU E 81 20.93 28.80 17.78
CA LEU E 81 19.63 28.21 17.52
C LEU E 81 19.46 26.89 18.28
N ARG E 82 20.50 26.09 18.37
CA ARG E 82 20.44 24.83 19.09
C ARG E 82 20.05 25.21 20.54
N GLY E 83 20.57 26.35 21.00
CA GLY E 83 20.26 26.82 22.32
C GLY E 83 18.80 27.25 22.45
N TYR E 84 18.37 28.16 21.58
CA TYR E 84 16.99 28.66 21.63
C TYR E 84 15.95 27.56 21.61
N TYR E 85 16.25 26.47 20.92
CA TYR E 85 15.30 25.38 20.80
C TYR E 85 15.64 24.20 21.71
N ASN E 86 16.54 24.44 22.66
CA ASN E 86 16.97 23.41 23.61
C ASN E 86 17.23 22.08 22.93
N GLN E 87 18.02 22.10 21.87
CA GLN E 87 18.29 20.85 21.17
C GLN E 87 19.62 20.27 21.56
N SER E 88 19.76 18.97 21.29
CA SER E 88 20.99 18.25 21.59
C SER E 88 22.15 18.82 20.80
N GLU E 89 23.34 18.67 21.36
CA GLU E 89 24.58 19.12 20.76
C GLU E 89 25.04 18.06 19.75
N ALA E 90 24.26 17.00 19.57
CA ALA E 90 24.67 15.94 18.68
C ALA E 90 24.01 15.86 17.32
N GLY E 91 22.82 16.43 17.19
CA GLY E 91 22.13 16.38 15.91
C GLY E 91 22.62 17.39 14.87
N SER E 92 22.35 17.07 13.61
CA SER E 92 22.69 17.90 12.48
C SER E 92 21.50 18.86 12.22
N HIS E 93 21.77 20.16 12.16
CA HIS E 93 20.73 21.16 11.89
C HIS E 93 21.08 22.05 10.69
N THR E 94 20.06 22.66 10.08
CA THR E 94 20.24 23.48 8.92
C THR E 94 19.76 24.93 9.08
N VAL E 95 20.66 25.89 8.87
CA VAL E 95 20.23 27.30 8.90
C VAL E 95 20.31 27.83 7.46
N GLN E 96 19.27 28.50 7.00
CA GLN E 96 19.26 29.08 5.66
C GLN E 96 18.96 30.56 5.75
N ARG E 97 19.53 31.31 4.81
CA ARG E 97 19.34 32.74 4.76
C ARG E 97 19.23 33.17 3.30
N MET E 98 18.38 34.15 3.05
CA MET E 98 18.21 34.66 1.72
C MET E 98 17.97 36.17 1.82
N TYR E 99 18.59 36.93 0.91
CA TYR E 99 18.35 38.35 0.86
C TYR E 99 18.59 38.82 -0.55
N GLY E 100 18.02 39.97 -0.87
CA GLY E 100 18.17 40.48 -2.20
C GLY E 100 17.11 41.50 -2.52
N CYS E 101 17.12 41.96 -3.76
CA CYS E 101 16.20 42.99 -4.21
C CYS E 101 15.57 42.70 -5.58
N ASP E 102 14.47 43.39 -5.84
CA ASP E 102 13.74 43.30 -7.09
C ASP E 102 13.62 44.72 -7.67
N VAL E 103 13.76 44.85 -8.98
CA VAL E 103 13.56 46.16 -9.60
C VAL E 103 12.51 45.93 -10.69
N GLY E 104 11.72 46.96 -10.98
CA GLY E 104 10.72 46.82 -12.02
C GLY E 104 11.37 47.08 -13.38
N SER E 105 10.58 47.00 -14.44
CA SER E 105 11.11 47.22 -15.79
C SER E 105 11.75 48.62 -15.89
N ASP E 106 11.40 49.51 -14.97
CA ASP E 106 11.98 50.86 -14.97
C ASP E 106 13.28 50.89 -14.17
N TRP E 107 13.73 49.72 -13.71
CA TRP E 107 14.96 49.58 -12.94
C TRP E 107 14.96 50.29 -11.59
N ARG E 108 13.77 50.61 -11.09
CA ARG E 108 13.66 51.25 -9.77
C ARG E 108 13.38 50.20 -8.70
N PHE E 109 13.88 50.43 -7.50
CA PHE E 109 13.66 49.51 -6.39
C PHE E 109 12.18 49.15 -6.30
N LEU E 110 11.89 47.86 -6.29
CA LEU E 110 10.51 47.40 -6.21
C LEU E 110 10.25 46.73 -4.86
N ARG E 111 11.17 45.87 -4.43
CA ARG E 111 11.03 45.19 -3.16
C ARG E 111 12.36 44.62 -2.66
N GLY E 112 12.47 44.44 -1.35
CA GLY E 112 13.67 43.88 -0.76
C GLY E 112 13.35 42.69 0.15
N TYR E 113 14.31 41.83 0.40
CA TYR E 113 14.07 40.68 1.26
C TYR E 113 15.26 40.38 2.11
N HIS E 114 15.03 39.86 3.30
CA HIS E 114 16.10 39.42 4.17
C HIS E 114 15.44 38.51 5.17
N GLN E 115 15.63 37.19 5.01
CA GLN E 115 14.98 36.23 5.89
C GLN E 115 15.78 34.96 6.14
N TYR E 116 15.46 34.33 7.28
CA TYR E 116 16.12 33.11 7.73
C TYR E 116 15.14 32.01 7.99
N ALA E 117 15.63 30.78 7.87
CA ALA E 117 14.85 29.60 8.15
C ALA E 117 15.75 28.69 8.96
N TYR E 118 15.14 27.91 9.85
CA TYR E 118 15.87 26.93 10.66
C TYR E 118 15.17 25.59 10.54
N ASP E 119 15.94 24.55 10.19
CA ASP E 119 15.42 23.21 10.03
C ASP E 119 14.19 23.07 9.13
N GLY E 120 14.20 23.77 8.00
CA GLY E 120 13.11 23.63 7.05
C GLY E 120 11.86 24.50 7.21
N LYS E 121 11.81 25.36 8.22
CA LYS E 121 10.66 26.25 8.39
C LYS E 121 11.15 27.68 8.64
N ASP E 122 10.29 28.64 8.40
CA ASP E 122 10.60 30.05 8.61
C ASP E 122 11.07 30.25 10.04
N TYR E 123 11.96 31.22 10.22
CA TYR E 123 12.47 31.59 11.52
C TYR E 123 12.17 33.09 11.72
N ILE E 124 12.72 33.94 10.87
CA ILE E 124 12.43 35.37 10.97
C ILE E 124 12.57 36.00 9.58
N ALA E 125 11.82 37.06 9.32
CA ALA E 125 11.86 37.73 8.02
C ALA E 125 11.64 39.23 8.13
N LEU E 126 12.28 39.99 7.24
CA LEU E 126 12.10 41.43 7.25
C LEU E 126 10.82 41.67 6.46
N LYS E 127 9.92 42.49 6.99
CA LYS E 127 8.66 42.76 6.28
C LYS E 127 8.92 43.69 5.10
N GLU E 128 7.95 43.76 4.20
CA GLU E 128 8.07 44.58 3.00
C GLU E 128 8.34 46.06 3.29
N ASP E 129 7.98 46.55 4.48
CA ASP E 129 8.27 47.96 4.78
C ASP E 129 9.75 48.18 5.06
N LEU E 130 10.53 47.10 5.08
CA LEU E 130 11.97 47.16 5.34
C LEU E 130 12.31 47.84 6.67
N ARG E 131 11.38 47.79 7.60
CA ARG E 131 11.58 48.39 8.90
C ARG E 131 11.24 47.41 10.03
N SER E 132 10.20 46.60 9.86
CA SER E 132 9.86 45.68 10.93
C SER E 132 10.09 44.21 10.65
N TRP E 133 10.17 43.43 11.72
CA TRP E 133 10.43 42.01 11.60
C TRP E 133 9.23 41.15 11.95
N THR E 134 9.18 39.97 11.32
CA THR E 134 8.13 38.99 11.57
C THR E 134 8.83 37.76 12.13
N ALA E 135 8.69 37.55 13.42
CA ALA E 135 9.27 36.37 14.08
C ALA E 135 8.27 35.24 13.85
N ALA E 136 8.71 34.14 13.29
CA ALA E 136 7.84 33.01 12.96
C ALA E 136 7.27 32.30 14.19
N ASP E 137 8.03 32.32 15.28
CA ASP E 137 7.58 31.66 16.51
C ASP E 137 8.15 32.36 17.73
N MET E 138 7.98 31.72 18.88
CA MET E 138 8.42 32.28 20.16
C MET E 138 9.94 32.46 20.24
N ALA E 139 10.69 31.44 19.86
CA ALA E 139 12.14 31.54 19.89
C ALA E 139 12.63 32.75 19.04
N ALA E 140 12.11 32.88 17.83
CA ALA E 140 12.51 33.98 16.95
C ALA E 140 12.31 35.35 17.55
N GLN E 141 11.45 35.47 18.56
CA GLN E 141 11.21 36.75 19.19
C GLN E 141 12.50 37.28 19.82
N THR E 142 13.31 36.37 20.34
CA THR E 142 14.58 36.76 20.93
C THR E 142 15.44 37.45 19.85
N THR E 143 15.52 36.84 18.69
CA THR E 143 16.31 37.42 17.61
C THR E 143 15.71 38.75 17.21
N LYS E 144 14.38 38.83 17.15
CA LYS E 144 13.71 40.06 16.75
C LYS E 144 14.10 41.20 17.69
N HIS E 145 14.08 40.92 18.98
CA HIS E 145 14.44 41.92 19.97
C HIS E 145 15.91 42.28 19.79
N LYS E 146 16.75 41.27 19.61
CA LYS E 146 18.17 41.49 19.42
C LYS E 146 18.43 42.37 18.17
N TRP E 147 17.73 42.10 17.06
CA TRP E 147 17.93 42.89 15.85
C TRP E 147 17.43 44.31 15.95
N GLU E 148 16.38 44.50 16.77
CA GLU E 148 15.85 45.83 16.99
C GLU E 148 16.83 46.62 17.82
N ALA E 149 17.45 45.99 18.79
CA ALA E 149 18.42 46.70 19.62
C ALA E 149 19.68 47.04 18.82
N ALA E 150 20.04 46.20 17.85
CA ALA E 150 21.25 46.40 17.04
C ALA E 150 20.98 47.15 15.73
N HIS E 151 19.73 47.57 15.52
CA HIS E 151 19.37 48.30 14.32
C HIS E 151 19.77 47.64 13.01
N VAL E 152 19.52 46.35 12.93
CA VAL E 152 19.81 45.58 11.74
C VAL E 152 18.93 46.02 10.56
N ALA E 153 17.66 46.31 10.83
CA ALA E 153 16.77 46.71 9.74
C ALA E 153 17.29 47.97 9.03
N GLU E 154 17.74 48.95 9.82
CA GLU E 154 18.25 50.18 9.22
C GLU E 154 19.42 49.89 8.29
N GLN E 155 20.32 48.99 8.69
CA GLN E 155 21.47 48.66 7.86
C GLN E 155 21.06 47.92 6.60
N LEU E 156 20.18 46.93 6.75
CA LEU E 156 19.70 46.18 5.61
C LEU E 156 18.96 47.06 4.62
N ARG E 157 18.09 47.92 5.12
CA ARG E 157 17.32 48.79 4.24
C ARG E 157 18.25 49.64 3.37
N ALA E 158 19.26 50.24 3.96
CA ALA E 158 20.20 51.06 3.18
C ALA E 158 20.82 50.22 2.06
N TYR E 159 21.22 49.00 2.38
CA TYR E 159 21.80 48.09 1.39
C TYR E 159 20.80 47.65 0.32
N LEU E 160 19.61 47.21 0.74
CA LEU E 160 18.61 46.73 -0.22
C LEU E 160 18.11 47.78 -1.19
N GLU E 161 17.90 49.01 -0.73
CA GLU E 161 17.43 50.09 -1.59
C GLU E 161 18.57 50.80 -2.33
N GLY E 162 19.80 50.67 -1.85
CA GLY E 162 20.92 51.34 -2.50
C GLY E 162 21.86 50.39 -3.22
N THR E 163 22.87 49.95 -2.49
CA THR E 163 23.88 49.05 -3.00
C THR E 163 23.35 47.87 -3.83
N CYS E 164 22.36 47.15 -3.29
CA CYS E 164 21.78 45.99 -3.97
C CYS E 164 21.24 46.33 -5.35
N VAL E 165 20.37 47.32 -5.44
CA VAL E 165 19.81 47.70 -6.71
C VAL E 165 20.88 48.32 -7.64
N GLU E 166 21.85 49.03 -7.06
CA GLU E 166 22.91 49.63 -7.89
C GLU E 166 23.73 48.55 -8.56
N TRP E 167 24.15 47.52 -7.82
CA TRP E 167 24.92 46.45 -8.44
C TRP E 167 24.09 45.59 -9.37
N LEU E 168 22.82 45.42 -9.03
CA LEU E 168 21.95 44.64 -9.91
C LEU E 168 21.90 45.36 -11.28
N ARG E 169 21.75 46.68 -11.28
CA ARG E 169 21.71 47.43 -12.56
C ARG E 169 23.04 47.27 -13.32
N ARG E 170 24.15 47.31 -12.60
CA ARG E 170 25.45 47.14 -13.22
C ARG E 170 25.54 45.74 -13.83
N TYR E 171 25.05 44.73 -13.11
CA TYR E 171 25.09 43.37 -13.65
C TYR E 171 24.21 43.22 -14.86
N LEU E 172 23.02 43.81 -14.81
CA LEU E 172 22.09 43.71 -15.93
C LEU E 172 22.70 44.33 -17.21
N GLU E 173 23.43 45.42 -17.05
CA GLU E 173 24.07 46.09 -18.17
C GLU E 173 25.30 45.29 -18.66
N ASN E 174 26.23 44.92 -17.76
CA ASN E 174 27.40 44.16 -18.20
C ASN E 174 27.00 42.84 -18.83
N GLY E 175 25.96 42.20 -18.26
CA GLY E 175 25.53 40.92 -18.80
C GLY E 175 24.31 41.02 -19.69
N LYS E 176 24.02 42.21 -20.20
CA LYS E 176 22.85 42.40 -21.04
C LYS E 176 22.65 41.34 -22.14
N GLU E 177 23.73 40.89 -22.77
CA GLU E 177 23.59 39.90 -23.83
C GLU E 177 22.98 38.56 -23.39
N THR E 178 23.08 38.25 -22.09
CA THR E 178 22.54 37.01 -21.61
C THR E 178 21.47 37.20 -20.53
N LEU E 179 21.43 38.34 -19.85
CA LEU E 179 20.42 38.58 -18.83
C LEU E 179 19.22 39.33 -19.36
N GLN E 180 19.43 40.19 -20.35
CA GLN E 180 18.33 40.97 -20.87
C GLN E 180 17.77 40.51 -22.20
N ARG E 181 18.43 39.56 -22.84
CA ARG E 181 17.92 39.02 -24.09
C ARG E 181 17.05 37.80 -23.73
N THR E 182 16.20 37.37 -24.65
CA THR E 182 15.36 36.23 -24.37
C THR E 182 15.66 35.12 -25.35
N ASP E 183 15.28 33.91 -24.94
CA ASP E 183 15.41 32.72 -25.74
C ASP E 183 13.99 32.16 -25.77
N ALA E 184 13.37 32.19 -26.94
CA ALA E 184 12.00 31.70 -27.10
C ALA E 184 11.88 30.19 -26.95
N PRO E 185 10.76 29.71 -26.41
CA PRO E 185 10.62 28.26 -26.26
C PRO E 185 10.42 27.61 -27.61
N LYS E 186 11.07 26.49 -27.85
CA LYS E 186 10.89 25.75 -29.09
C LYS E 186 9.79 24.77 -28.68
N THR E 187 8.68 24.80 -29.39
CA THR E 187 7.56 23.96 -29.00
C THR E 187 7.15 22.87 -29.97
N HIS E 188 6.50 21.86 -29.42
CA HIS E 188 5.96 20.75 -30.20
C HIS E 188 5.02 19.95 -29.30
N MET E 189 4.21 19.11 -29.92
CA MET E 189 3.26 18.32 -29.17
C MET E 189 3.43 16.85 -29.50
N THR E 190 3.30 15.99 -28.49
CA THR E 190 3.38 14.57 -28.73
C THR E 190 2.05 13.93 -28.36
N HIS E 191 1.79 12.79 -28.99
CA HIS E 191 0.55 12.02 -28.78
C HIS E 191 0.94 10.60 -28.33
N HIS E 192 0.37 10.15 -27.23
CA HIS E 192 0.63 8.81 -26.68
C HIS E 192 -0.72 8.14 -26.37
N ALA E 193 -1.02 7.02 -27.02
CA ALA E 193 -2.28 6.33 -26.76
C ALA E 193 -2.21 5.66 -25.40
N VAL E 194 -3.11 6.03 -24.49
CA VAL E 194 -3.13 5.43 -23.15
C VAL E 194 -3.83 4.08 -23.16
N SER E 195 -4.80 3.93 -24.04
CA SER E 195 -5.53 2.68 -24.11
C SER E 195 -6.29 2.78 -25.40
N ASP E 196 -7.33 1.97 -25.51
CA ASP E 196 -8.15 2.02 -26.71
C ASP E 196 -9.17 3.15 -26.56
N HIS E 197 -9.27 3.71 -25.34
CA HIS E 197 -10.25 4.76 -25.04
C HIS E 197 -9.77 6.21 -24.80
N GLU E 198 -8.53 6.37 -24.35
CA GLU E 198 -7.96 7.68 -24.03
C GLU E 198 -6.58 7.87 -24.66
N ALA E 199 -6.17 9.13 -24.74
CA ALA E 199 -4.87 9.45 -25.30
C ALA E 199 -4.31 10.62 -24.51
N THR E 200 -2.98 10.69 -24.44
CA THR E 200 -2.29 11.77 -23.74
C THR E 200 -1.67 12.70 -24.76
N LEU E 201 -1.97 13.99 -24.64
CA LEU E 201 -1.39 14.99 -25.51
C LEU E 201 -0.40 15.71 -24.61
N ARG E 202 0.87 15.78 -25.02
CA ARG E 202 1.85 16.48 -24.21
C ARG E 202 2.40 17.67 -24.96
N CYS E 203 2.33 18.83 -24.35
CA CYS E 203 2.80 20.06 -24.97
C CYS E 203 4.16 20.45 -24.40
N TRP E 204 5.17 20.50 -25.28
CA TRP E 204 6.54 20.83 -24.88
C TRP E 204 7.06 22.23 -25.14
N ALA E 205 7.80 22.76 -24.16
CA ALA E 205 8.46 24.06 -24.28
C ALA E 205 9.91 23.77 -23.90
N LEU E 206 10.83 23.96 -24.85
CA LEU E 206 12.24 23.68 -24.62
C LEU E 206 13.17 24.84 -24.95
N SER E 207 14.32 24.83 -24.31
CA SER E 207 15.37 25.77 -24.57
C SER E 207 14.98 27.24 -24.42
N PHE E 208 14.21 27.57 -23.38
CA PHE E 208 13.82 28.96 -23.20
C PHE E 208 14.47 29.68 -22.03
N TYR E 209 14.47 31.00 -22.10
CA TYR E 209 15.03 31.87 -21.06
C TYR E 209 14.35 33.21 -21.18
N PRO E 210 13.92 33.82 -20.07
CA PRO E 210 14.00 33.37 -18.68
C PRO E 210 13.07 32.18 -18.38
N ALA E 211 13.17 31.67 -17.15
CA ALA E 211 12.41 30.49 -16.73
C ALA E 211 10.90 30.69 -16.71
N GLU E 212 10.47 31.89 -16.38
CA GLU E 212 9.06 32.23 -16.32
C GLU E 212 8.34 31.87 -17.61
N ILE E 213 7.28 31.09 -17.48
CA ILE E 213 6.53 30.67 -18.67
C ILE E 213 5.14 30.18 -18.24
N THR E 214 4.18 30.24 -19.16
CA THR E 214 2.84 29.77 -18.88
C THR E 214 2.37 28.83 -19.98
N LEU E 215 2.10 27.59 -19.60
CA LEU E 215 1.61 26.56 -20.50
C LEU E 215 0.18 26.27 -20.07
N THR E 216 -0.80 26.40 -20.95
CA THR E 216 -2.19 26.11 -20.59
C THR E 216 -2.90 25.34 -21.70
N TRP E 217 -3.82 24.47 -21.29
CA TRP E 217 -4.60 23.69 -22.24
C TRP E 217 -6.00 24.24 -22.30
N GLN E 218 -6.59 24.20 -23.50
CA GLN E 218 -7.96 24.66 -23.68
C GLN E 218 -8.68 23.58 -24.49
N ARG E 219 -9.98 23.46 -24.26
CA ARG E 219 -10.81 22.51 -24.99
C ARG E 219 -11.92 23.39 -25.57
N ASP E 220 -12.01 23.43 -26.90
CA ASP E 220 -12.97 24.30 -27.55
C ASP E 220 -12.80 25.74 -27.06
N GLY E 221 -11.54 26.16 -26.91
CA GLY E 221 -11.28 27.51 -26.48
C GLY E 221 -11.55 27.84 -25.03
N GLU E 222 -11.76 26.83 -24.19
CA GLU E 222 -12.01 27.05 -22.76
C GLU E 222 -10.90 26.41 -21.93
N ASP E 223 -10.32 27.17 -21.00
CA ASP E 223 -9.25 26.66 -20.15
C ASP E 223 -9.66 25.31 -19.57
N GLN E 224 -8.69 24.41 -19.51
CA GLN E 224 -8.89 23.07 -19.01
C GLN E 224 -7.86 22.76 -17.94
N THR E 225 -8.34 22.39 -16.77
CA THR E 225 -7.50 22.07 -15.63
C THR E 225 -7.61 20.56 -15.34
N GLN E 226 -8.84 20.08 -15.43
CA GLN E 226 -9.11 18.68 -15.17
C GLN E 226 -8.41 17.74 -16.16
N ASP E 227 -7.88 16.66 -15.63
CA ASP E 227 -7.19 15.67 -16.43
C ASP E 227 -5.90 16.19 -17.09
N THR E 228 -5.32 17.23 -16.52
CA THR E 228 -4.07 17.79 -17.06
C THR E 228 -2.97 17.62 -16.02
N GLU E 229 -1.73 17.64 -16.49
CA GLU E 229 -0.60 17.53 -15.59
C GLU E 229 0.46 18.53 -16.06
N LEU E 230 1.06 19.24 -15.11
CA LEU E 230 2.06 20.24 -15.44
C LEU E 230 3.30 19.98 -14.60
N VAL E 231 4.44 19.62 -15.23
CA VAL E 231 5.65 19.39 -14.44
C VAL E 231 6.33 20.70 -14.07
N GLU E 232 7.18 20.62 -13.05
CA GLU E 232 7.93 21.79 -12.60
C GLU E 232 8.90 22.23 -13.72
N THR E 233 9.04 23.53 -13.90
CA THR E 233 9.97 24.03 -14.91
C THR E 233 11.34 23.51 -14.49
N ARG E 234 12.12 23.03 -15.44
CA ARG E 234 13.41 22.44 -15.08
C ARG E 234 14.59 22.95 -15.92
N PRO E 235 15.82 22.96 -15.36
CA PRO E 235 16.99 23.45 -16.08
C PRO E 235 17.50 22.44 -17.12
N ALA E 236 17.78 22.91 -18.32
CA ALA E 236 18.30 22.04 -19.38
C ALA E 236 19.78 21.77 -19.10
N GLY E 237 20.41 22.64 -18.32
CA GLY E 237 21.81 22.46 -18.00
C GLY E 237 22.73 23.41 -18.76
N ASP E 238 22.21 24.10 -19.76
CA ASP E 238 23.01 25.03 -20.55
C ASP E 238 22.58 26.48 -20.33
N GLY E 239 21.79 26.74 -19.30
CA GLY E 239 21.32 28.09 -19.07
C GLY E 239 19.87 28.29 -19.47
N THR E 240 19.32 27.38 -20.29
CA THR E 240 17.92 27.49 -20.66
C THR E 240 17.06 26.52 -19.83
N PHE E 241 15.76 26.59 -20.03
CA PHE E 241 14.81 25.80 -19.27
C PHE E 241 13.83 25.00 -20.11
N GLN E 242 13.17 24.05 -19.46
CA GLN E 242 12.21 23.19 -20.16
C GLN E 242 10.98 23.02 -19.30
N LYS E 243 9.86 22.71 -19.96
CA LYS E 243 8.61 22.47 -19.25
C LYS E 243 7.61 21.82 -20.20
N TRP E 244 6.74 20.96 -19.67
CA TRP E 244 5.69 20.39 -20.49
C TRP E 244 4.40 20.34 -19.70
N ALA E 245 3.30 20.26 -20.43
CA ALA E 245 1.97 20.20 -19.85
C ALA E 245 1.27 19.10 -20.61
N ALA E 246 0.55 18.25 -19.89
CA ALA E 246 -0.16 17.15 -20.54
C ALA E 246 -1.65 17.14 -20.17
N VAL E 247 -2.44 16.58 -21.07
CA VAL E 247 -3.87 16.45 -20.87
C VAL E 247 -4.32 15.10 -21.43
N VAL E 248 -5.11 14.37 -20.64
CA VAL E 248 -5.63 13.07 -21.07
C VAL E 248 -6.99 13.30 -21.72
N VAL E 249 -7.12 12.88 -22.97
CA VAL E 249 -8.36 13.11 -23.70
C VAL E 249 -8.99 11.84 -24.28
N PRO E 250 -10.29 11.89 -24.59
CA PRO E 250 -11.02 10.76 -25.16
C PRO E 250 -10.53 10.55 -26.60
N SER E 251 -10.35 9.30 -27.01
CA SER E 251 -9.91 9.01 -28.37
C SER E 251 -10.85 9.61 -29.39
N GLY E 252 -10.29 10.21 -30.45
CA GLY E 252 -11.12 10.83 -31.48
C GLY E 252 -11.49 12.26 -31.16
N GLN E 253 -11.14 12.70 -29.97
CA GLN E 253 -11.45 14.07 -29.59
C GLN E 253 -10.21 14.98 -29.51
N GLU E 254 -9.07 14.51 -30.00
CA GLU E 254 -7.82 15.29 -30.00
C GLU E 254 -7.90 16.68 -30.58
N GLN E 255 -8.57 16.84 -31.72
CA GLN E 255 -8.67 18.14 -32.37
C GLN E 255 -9.32 19.26 -31.60
N ARG E 256 -10.05 18.92 -30.53
CA ARG E 256 -10.72 19.95 -29.73
C ARG E 256 -9.76 20.70 -28.81
N TYR E 257 -8.62 20.07 -28.54
CA TYR E 257 -7.64 20.63 -27.62
C TYR E 257 -6.52 21.51 -28.19
N THR E 258 -6.21 22.60 -27.47
CA THR E 258 -5.13 23.46 -27.90
C THR E 258 -4.27 23.81 -26.71
N CYS E 259 -2.97 23.86 -26.96
CA CYS E 259 -1.98 24.23 -25.95
C CYS E 259 -1.57 25.67 -26.24
N HIS E 260 -1.58 26.50 -25.21
CA HIS E 260 -1.20 27.89 -25.34
C HIS E 260 0.09 28.15 -24.57
N VAL E 261 1.06 28.73 -25.26
CA VAL E 261 2.36 29.04 -24.67
C VAL E 261 2.60 30.55 -24.57
N GLN E 262 2.81 31.05 -23.35
CA GLN E 262 3.10 32.46 -23.15
C GLN E 262 4.51 32.58 -22.60
N HIS E 263 5.32 33.45 -23.21
CA HIS E 263 6.71 33.66 -22.80
C HIS E 263 7.19 34.99 -23.37
N GLU E 264 8.01 35.71 -22.60
CA GLU E 264 8.55 37.01 -22.99
C GLU E 264 9.37 36.95 -24.28
N GLY E 265 9.82 35.76 -24.65
CA GLY E 265 10.64 35.64 -25.86
C GLY E 265 9.81 35.49 -27.13
N LEU E 266 8.50 35.59 -27.01
CA LEU E 266 7.60 35.44 -28.16
C LEU E 266 6.92 36.75 -28.50
N PRO E 267 6.88 37.13 -29.79
CA PRO E 267 6.22 38.37 -30.18
C PRO E 267 4.77 38.27 -29.68
N LYS E 268 4.21 37.06 -29.78
CA LYS E 268 2.86 36.79 -29.31
C LYS E 268 2.67 35.33 -28.88
N PRO E 269 1.72 35.07 -27.98
CA PRO E 269 1.45 33.72 -27.50
C PRO E 269 1.32 32.72 -28.66
N LEU E 270 1.77 31.50 -28.42
CA LEU E 270 1.71 30.46 -29.43
C LEU E 270 0.55 29.52 -29.10
N THR E 271 -0.05 28.95 -30.15
CA THR E 271 -1.14 28.02 -29.98
C THR E 271 -0.79 26.78 -30.77
N LEU E 272 -0.80 25.63 -30.10
CA LEU E 272 -0.52 24.39 -30.80
C LEU E 272 -1.75 23.48 -30.74
N ARG E 273 -1.98 22.74 -31.81
CA ARG E 273 -3.09 21.81 -31.90
C ARG E 273 -2.53 20.52 -32.47
N TRP E 274 -3.09 19.38 -32.11
CA TRP E 274 -2.58 18.11 -32.61
C TRP E 274 -2.83 18.04 -34.12
N GLU E 275 -1.77 17.80 -34.88
CA GLU E 275 -1.85 17.73 -36.35
C GLU E 275 -2.46 18.97 -37.01
N MET F 1 11.21 20.86 12.96
CA MET F 1 11.89 20.01 11.94
C MET F 1 10.91 19.64 10.83
N ILE F 2 10.96 20.35 9.71
CA ILE F 2 10.07 20.03 8.59
C ILE F 2 10.89 19.31 7.52
N GLN F 3 10.46 18.11 7.14
CA GLN F 3 11.17 17.38 6.11
C GLN F 3 10.31 17.28 4.88
N ARG F 4 10.94 17.21 3.71
CA ARG F 4 10.19 17.09 2.46
C ARG F 4 10.93 16.14 1.55
N THR F 5 10.16 15.27 0.90
CA THR F 5 10.75 14.28 0.02
C THR F 5 11.01 14.90 -1.36
N PRO F 6 12.08 14.46 -2.03
CA PRO F 6 12.47 14.95 -3.36
C PRO F 6 11.56 14.66 -4.54
N LYS F 7 11.41 15.65 -5.41
CA LYS F 7 10.68 15.43 -6.65
C LYS F 7 11.84 15.07 -7.58
N ILE F 8 11.60 14.22 -8.56
CA ILE F 8 12.64 13.76 -9.46
C ILE F 8 12.25 13.80 -10.91
N GLN F 9 13.12 14.36 -11.75
CA GLN F 9 12.87 14.35 -13.19
C GLN F 9 14.16 13.95 -13.88
N VAL F 10 14.05 12.99 -14.79
CA VAL F 10 15.19 12.48 -15.54
C VAL F 10 14.90 12.83 -16.98
N TYR F 11 15.85 13.44 -17.65
CA TYR F 11 15.61 13.85 -19.03
C TYR F 11 16.93 14.25 -19.67
N SER F 12 16.89 14.53 -20.97
CA SER F 12 18.10 14.92 -21.69
C SER F 12 18.07 16.40 -21.97
N ARG F 13 19.25 17.00 -22.09
CA ARG F 13 19.36 18.42 -22.37
C ARG F 13 18.73 18.75 -23.73
N HIS F 14 19.08 17.95 -24.74
CA HIS F 14 18.57 18.14 -26.09
C HIS F 14 17.74 16.93 -26.48
N PRO F 15 16.88 17.08 -27.48
CA PRO F 15 16.03 15.96 -27.93
C PRO F 15 16.92 14.76 -28.19
N ALA F 16 16.54 13.60 -27.66
CA ALA F 16 17.36 12.40 -27.83
C ALA F 16 17.48 11.89 -29.27
N GLU F 17 18.71 11.58 -29.68
CA GLU F 17 19.00 11.04 -31.00
C GLU F 17 20.15 10.05 -30.94
N ASN F 18 19.83 8.76 -31.08
CA ASN F 18 20.84 7.72 -31.03
C ASN F 18 22.08 8.09 -31.82
N GLY F 19 23.25 7.92 -31.21
CA GLY F 19 24.49 8.23 -31.89
C GLY F 19 24.97 9.66 -31.70
N LYS F 20 24.06 10.55 -31.31
CA LYS F 20 24.41 11.95 -31.09
C LYS F 20 24.66 12.22 -29.60
N SER F 21 25.85 12.72 -29.29
CA SER F 21 26.21 13.01 -27.90
C SER F 21 25.21 14.05 -27.34
N ASN F 22 24.80 13.83 -26.10
CA ASN F 22 23.83 14.70 -25.45
C ASN F 22 24.24 14.82 -23.99
N PHE F 23 23.29 15.18 -23.13
CA PHE F 23 23.53 15.30 -21.70
C PHE F 23 22.33 14.70 -20.98
N LEU F 24 22.59 13.82 -20.03
CA LEU F 24 21.54 13.18 -19.25
C LEU F 24 21.45 13.95 -17.94
N ASN F 25 20.24 14.40 -17.61
CA ASN F 25 20.01 15.16 -16.39
C ASN F 25 19.07 14.48 -15.40
N CYS F 26 19.34 14.70 -14.14
CA CYS F 26 18.46 14.23 -13.09
C CYS F 26 18.28 15.46 -12.19
N TYR F 27 17.07 15.98 -12.19
CA TYR F 27 16.77 17.18 -11.42
C TYR F 27 15.98 16.82 -10.19
N VAL F 28 16.55 17.09 -9.01
CA VAL F 28 15.90 16.80 -7.75
C VAL F 28 15.60 18.13 -7.11
N SER F 29 14.37 18.28 -6.63
CA SER F 29 13.92 19.51 -6.02
C SER F 29 12.86 19.31 -4.94
N GLY F 30 12.53 20.40 -4.25
CA GLY F 30 11.53 20.36 -3.22
C GLY F 30 11.89 19.49 -2.02
N PHE F 31 13.18 19.21 -1.79
CA PHE F 31 13.54 18.38 -0.65
C PHE F 31 14.16 19.14 0.51
N HIS F 32 14.17 18.49 1.69
CA HIS F 32 14.74 19.04 2.91
C HIS F 32 14.77 17.88 3.90
N PRO F 33 15.91 17.67 4.60
CA PRO F 33 17.19 18.40 4.57
C PRO F 33 17.94 18.28 3.24
N SER F 34 19.10 18.94 3.12
CA SER F 34 19.89 18.94 1.88
C SER F 34 20.71 17.69 1.57
N ASP F 35 21.05 16.90 2.57
CA ASP F 35 21.81 15.68 2.32
C ASP F 35 21.02 14.84 1.34
N ILE F 36 21.66 14.38 0.28
CA ILE F 36 20.94 13.57 -0.68
C ILE F 36 21.95 12.83 -1.52
N GLU F 37 21.56 11.67 -2.00
CA GLU F 37 22.42 10.86 -2.84
C GLU F 37 21.73 10.71 -4.17
N VAL F 38 22.44 11.06 -5.23
CA VAL F 38 21.91 10.97 -6.57
C VAL F 38 22.93 10.34 -7.50
N ASP F 39 22.53 9.24 -8.13
CA ASP F 39 23.40 8.55 -9.05
C ASP F 39 22.73 8.42 -10.39
N LEU F 40 23.49 8.58 -11.48
CA LEU F 40 22.94 8.39 -12.80
C LEU F 40 23.35 6.97 -13.17
N LEU F 41 22.40 6.19 -13.68
CA LEU F 41 22.65 4.80 -14.05
C LEU F 41 22.55 4.51 -15.53
N LYS F 42 23.44 3.63 -16.01
CA LYS F 42 23.46 3.18 -17.39
C LYS F 42 23.32 1.66 -17.28
N ASN F 43 22.19 1.13 -17.71
CA ASN F 43 21.93 -0.30 -17.63
C ASN F 43 22.10 -0.78 -16.20
N GLY F 44 21.62 0.01 -15.25
CA GLY F 44 21.72 -0.37 -13.85
C GLY F 44 23.04 -0.08 -13.18
N GLU F 45 24.07 0.27 -13.95
CA GLU F 45 25.37 0.57 -13.37
C GLU F 45 25.57 2.07 -13.17
N ARG F 46 26.22 2.42 -12.08
CA ARG F 46 26.51 3.79 -11.74
C ARG F 46 27.47 4.44 -12.72
N ILE F 47 27.12 5.62 -13.20
CA ILE F 47 28.00 6.34 -14.11
C ILE F 47 28.96 7.12 -13.22
N GLU F 48 30.25 7.08 -13.54
CA GLU F 48 31.26 7.73 -12.70
C GLU F 48 31.48 9.23 -12.83
N LYS F 49 31.47 9.74 -14.04
CA LYS F 49 31.72 11.15 -14.24
C LYS F 49 30.44 11.99 -14.15
N VAL F 50 29.84 12.09 -12.96
CA VAL F 50 28.61 12.85 -12.81
C VAL F 50 28.81 14.15 -12.04
N GLU F 51 28.39 15.25 -12.64
CA GLU F 51 28.53 16.54 -11.99
C GLU F 51 27.18 17.06 -11.50
N HIS F 52 27.21 18.05 -10.63
CA HIS F 52 25.99 18.63 -10.12
C HIS F 52 26.17 20.11 -9.84
N SER F 53 25.06 20.83 -9.88
CA SER F 53 25.02 22.27 -9.64
C SER F 53 25.26 22.56 -8.16
N ASP F 54 25.47 23.82 -7.84
CA ASP F 54 25.69 24.27 -6.48
C ASP F 54 24.35 24.31 -5.76
N LEU F 55 24.36 23.81 -4.54
CA LEU F 55 23.17 23.75 -3.73
C LEU F 55 22.50 25.11 -3.60
N SER F 56 21.21 25.14 -3.90
CA SER F 56 20.42 26.35 -3.79
C SER F 56 18.99 25.97 -3.33
N PHE F 57 18.12 26.94 -3.12
CA PHE F 57 16.78 26.60 -2.66
C PHE F 57 15.73 27.58 -3.09
N SER F 58 14.48 27.15 -3.06
CA SER F 58 13.34 27.95 -3.47
C SER F 58 12.75 28.80 -2.36
N LYS F 59 11.72 29.54 -2.71
CA LYS F 59 10.99 30.41 -1.78
C LYS F 59 10.60 29.68 -0.47
N ASP F 60 10.09 28.46 -0.60
CA ASP F 60 9.66 27.67 0.55
C ASP F 60 10.81 26.98 1.31
N TRP F 61 12.04 27.35 0.98
CA TRP F 61 13.26 26.82 1.57
C TRP F 61 13.67 25.44 1.14
N SER F 62 12.90 24.81 0.28
CA SER F 62 13.28 23.47 -0.15
C SER F 62 14.43 23.56 -1.16
N PHE F 63 15.30 22.55 -1.13
CA PHE F 63 16.48 22.50 -1.98
C PHE F 63 16.27 21.91 -3.37
N TYR F 64 17.18 22.25 -4.27
CA TYR F 64 17.14 21.69 -5.62
C TYR F 64 18.58 21.59 -6.16
N LEU F 65 18.83 20.54 -6.93
CA LEU F 65 20.12 20.25 -7.53
C LEU F 65 19.92 19.62 -8.90
N LEU F 66 20.87 19.86 -9.79
CA LEU F 66 20.83 19.27 -11.09
C LEU F 66 22.06 18.37 -11.19
N TYR F 67 21.86 17.08 -11.43
CA TYR F 67 22.99 16.17 -11.61
C TYR F 67 22.98 15.89 -13.11
N TYR F 68 24.17 15.85 -13.72
CA TYR F 68 24.21 15.65 -15.16
C TYR F 68 25.51 15.01 -15.61
N THR F 69 25.47 14.44 -16.80
CA THR F 69 26.64 13.80 -17.39
C THR F 69 26.46 13.71 -18.89
N GLU F 70 27.57 13.72 -19.60
CA GLU F 70 27.53 13.60 -21.06
C GLU F 70 27.18 12.15 -21.34
N PHE F 71 26.38 11.92 -22.38
CA PHE F 71 26.03 10.56 -22.78
C PHE F 71 25.56 10.51 -24.22
N THR F 72 25.64 9.33 -24.82
CA THR F 72 25.21 9.15 -26.19
C THR F 72 24.13 8.08 -26.19
N PRO F 73 22.87 8.52 -26.32
CA PRO F 73 21.73 7.61 -26.33
C PRO F 73 21.88 6.55 -27.40
N THR F 74 21.51 5.33 -27.07
CA THR F 74 21.57 4.25 -28.04
C THR F 74 20.20 3.61 -27.98
N GLU F 75 19.87 2.86 -29.01
CA GLU F 75 18.59 2.19 -29.09
C GLU F 75 18.39 1.19 -27.95
N LYS F 76 19.47 0.52 -27.54
CA LYS F 76 19.39 -0.49 -26.49
C LYS F 76 19.69 -0.03 -25.06
N ASP F 77 20.72 0.80 -24.89
CA ASP F 77 21.11 1.29 -23.56
C ASP F 77 19.96 1.95 -22.81
N GLU F 78 19.81 1.59 -21.54
CA GLU F 78 18.77 2.18 -20.71
C GLU F 78 19.37 3.03 -19.61
N TYR F 79 18.73 4.17 -19.33
CA TYR F 79 19.24 5.05 -18.30
C TYR F 79 18.22 5.36 -17.22
N ALA F 80 18.72 5.70 -16.05
CA ALA F 80 17.86 6.02 -14.92
C ALA F 80 18.58 6.85 -13.87
N CYS F 81 17.80 7.37 -12.93
CA CYS F 81 18.34 8.16 -11.85
C CYS F 81 17.98 7.47 -10.56
N ARG F 82 18.95 7.31 -9.66
CA ARG F 82 18.69 6.67 -8.37
C ARG F 82 18.91 7.71 -7.27
N VAL F 83 17.85 7.98 -6.50
CA VAL F 83 17.90 8.96 -5.44
C VAL F 83 17.62 8.39 -4.05
N ASN F 84 18.43 8.79 -3.07
CA ASN F 84 18.22 8.36 -1.71
C ASN F 84 18.22 9.61 -0.82
N HIS F 85 17.30 9.62 0.14
CA HIS F 85 17.12 10.77 1.03
C HIS F 85 16.47 10.23 2.31
N VAL F 86 16.63 10.93 3.42
CA VAL F 86 16.06 10.44 4.67
C VAL F 86 14.56 10.22 4.63
N THR F 87 13.87 10.92 3.75
CA THR F 87 12.43 10.76 3.66
C THR F 87 12.07 9.49 2.92
N LEU F 88 13.06 8.75 2.45
CA LEU F 88 12.78 7.53 1.69
C LEU F 88 13.17 6.25 2.42
N SER F 89 12.21 5.32 2.48
CA SER F 89 12.44 4.03 3.14
C SER F 89 13.49 3.28 2.33
N GLN F 90 13.62 3.63 1.07
CA GLN F 90 14.61 2.99 0.20
C GLN F 90 14.87 3.82 -1.05
N PRO F 91 16.02 3.60 -1.70
CA PRO F 91 16.36 4.34 -2.91
C PRO F 91 15.25 4.34 -3.94
N LYS F 92 14.97 5.51 -4.51
CA LYS F 92 13.95 5.61 -5.53
C LYS F 92 14.65 5.69 -6.88
N ILE F 93 14.13 4.94 -7.85
CA ILE F 93 14.71 4.91 -9.18
C ILE F 93 13.68 5.36 -10.19
N VAL F 94 14.06 6.35 -10.99
CA VAL F 94 13.19 6.87 -12.03
C VAL F 94 13.96 6.62 -13.33
N LYS F 95 13.31 5.95 -14.26
CA LYS F 95 13.94 5.63 -15.53
C LYS F 95 13.80 6.75 -16.53
N TRP F 96 14.81 6.91 -17.37
CA TRP F 96 14.74 7.94 -18.39
C TRP F 96 13.82 7.49 -19.51
N ASP F 97 12.92 8.36 -19.93
CA ASP F 97 12.00 8.07 -21.02
C ASP F 97 11.96 9.26 -21.97
N ARG F 98 12.46 9.06 -23.19
CA ARG F 98 12.51 10.09 -24.22
C ARG F 98 11.26 10.95 -24.35
N ASP F 99 10.12 10.40 -23.94
CA ASP F 99 8.84 11.10 -24.06
C ASP F 99 8.48 11.94 -22.85
N MET F 100 9.43 12.11 -21.95
CA MET F 100 9.24 12.92 -20.74
C MET F 100 10.55 13.62 -20.31
N LEU G 1 26.58 42.07 -5.45
CA LEU G 1 27.54 42.40 -4.36
C LEU G 1 26.87 42.06 -3.00
N LEU G 2 27.59 41.34 -2.16
CA LEU G 2 27.09 40.95 -0.83
C LEU G 2 26.95 42.10 0.15
N PHE G 3 26.07 41.91 1.14
CA PHE G 3 25.87 42.86 2.22
C PHE G 3 27.20 42.79 2.99
N GLY G 4 27.66 43.92 3.52
CA GLY G 4 28.95 43.90 4.22
C GLY G 4 29.06 43.82 5.73
N TYR G 5 27.93 43.80 6.46
CA TYR G 5 27.97 43.77 7.91
C TYR G 5 27.48 42.45 8.52
N PRO G 6 28.10 42.04 9.63
CA PRO G 6 27.76 40.80 10.34
C PRO G 6 26.36 40.87 10.95
N VAL G 7 25.61 39.78 10.85
CA VAL G 7 24.27 39.71 11.46
C VAL G 7 24.21 38.35 12.17
N TYR G 8 23.79 38.34 13.43
CA TYR G 8 23.72 37.09 14.22
C TYR G 8 22.32 36.91 14.79
N VAL G 9 21.75 35.71 14.65
CA VAL G 9 20.43 35.45 15.21
C VAL G 9 20.55 35.43 16.76
N PRO H 1 8.96 58.92 -21.08
CA PRO H 1 9.48 57.87 -21.98
C PRO H 1 8.78 57.91 -23.34
N TRP H 2 9.51 58.29 -24.37
CA TRP H 2 8.96 58.36 -25.72
C TRP H 2 9.96 57.84 -26.73
N PHE H 3 9.48 57.46 -27.90
CA PHE H 3 10.37 56.97 -28.94
C PHE H 3 9.61 56.74 -30.23
N GLN H 4 10.29 56.91 -31.35
CA GLN H 4 9.64 56.66 -32.63
C GLN H 4 10.55 55.92 -33.58
N ILE H 5 9.97 54.96 -34.28
CA ILE H 5 10.71 54.17 -35.25
C ILE H 5 10.84 54.94 -36.57
N GLU H 6 12.07 55.23 -36.96
CA GLU H 6 12.30 55.97 -38.21
C GLU H 6 12.51 55.05 -39.40
N ASP H 7 13.55 54.22 -39.33
CA ASP H 7 13.91 53.29 -40.40
C ASP H 7 14.09 51.84 -39.89
N ASN H 8 13.72 50.86 -40.73
CA ASN H 8 13.81 49.44 -40.41
C ASN H 8 13.76 48.63 -41.70
N ARG H 9 14.93 48.37 -42.26
CA ARG H 9 15.04 47.64 -43.52
C ARG H 9 16.19 46.65 -43.49
N CYS H 10 16.05 45.59 -44.26
CA CYS H 10 17.04 44.52 -44.29
C CYS H 10 16.99 43.81 -45.65
N TYR H 11 18.07 43.12 -45.97
CA TYR H 11 18.10 42.37 -47.22
C TYR H 11 19.19 41.34 -47.08
N ILE H 12 19.08 40.26 -47.84
CA ILE H 12 20.09 39.22 -47.77
C ILE H 12 20.88 39.18 -49.07
N ASP H 13 22.21 39.15 -48.93
CA ASP H 13 23.15 39.12 -50.05
C ASP H 13 24.25 38.05 -49.90
N ASN H 14 24.04 36.91 -50.55
CA ASN H 14 24.99 35.82 -50.49
C ASN H 14 25.10 35.24 -49.09
N GLY H 15 24.02 34.65 -48.59
CA GLY H 15 24.04 34.05 -47.26
C GLY H 15 24.42 34.98 -46.13
N LYS H 16 24.23 36.27 -46.33
CA LYS H 16 24.56 37.26 -45.32
C LYS H 16 23.43 38.27 -45.15
N LEU H 17 23.21 38.70 -43.91
CA LEU H 17 22.16 39.65 -43.61
C LEU H 17 22.71 41.05 -43.45
N PHE H 18 21.95 42.02 -43.95
CA PHE H 18 22.30 43.44 -43.86
C PHE H 18 21.01 44.08 -43.38
N ALA H 19 21.08 44.76 -42.25
CA ALA H 19 19.89 45.37 -41.69
C ALA H 19 20.23 46.73 -41.12
N ARG H 20 19.43 47.72 -41.46
CA ARG H 20 19.65 49.07 -41.00
C ARG H 20 18.36 49.61 -40.44
N GLY H 21 18.47 50.36 -39.37
CA GLY H 21 17.26 50.90 -38.79
C GLY H 21 17.62 52.02 -37.87
N SER H 22 16.62 52.76 -37.43
CA SER H 22 16.87 53.87 -36.55
C SER H 22 15.65 54.16 -35.69
N ILE H 23 15.90 54.60 -34.47
CA ILE H 23 14.85 54.93 -33.53
C ILE H 23 15.29 56.15 -32.77
N VAL H 24 14.44 57.17 -32.66
CA VAL H 24 14.81 58.35 -31.87
C VAL H 24 13.92 58.33 -30.65
N GLY H 25 14.42 58.88 -29.57
CA GLY H 25 13.68 58.93 -28.33
C GLY H 25 14.62 59.31 -27.21
N ASN H 26 14.09 59.45 -26.01
CA ASN H 26 14.93 59.82 -24.89
C ASN H 26 15.33 58.63 -23.99
N MET H 27 15.44 57.42 -24.55
CA MET H 27 15.86 56.24 -23.77
C MET H 27 17.26 56.48 -23.20
N SER H 28 17.44 56.11 -21.93
CA SER H 28 18.75 56.26 -21.30
C SER H 28 19.53 54.95 -21.38
N ARG H 29 18.84 53.86 -21.73
CA ARG H 29 19.52 52.57 -21.83
C ARG H 29 18.73 51.75 -22.83
N PHE H 30 19.33 50.67 -23.33
CA PHE H 30 18.67 49.83 -24.31
C PHE H 30 19.20 48.41 -24.34
N VAL H 31 18.45 47.56 -25.04
CA VAL H 31 18.86 46.19 -25.29
C VAL H 31 18.52 45.94 -26.75
N PHE H 32 19.47 45.47 -27.54
CA PHE H 32 19.25 45.18 -28.96
C PHE H 32 19.21 43.66 -29.03
N ASP H 33 18.04 43.11 -29.29
CA ASP H 33 17.88 41.65 -29.27
C ASP H 33 17.35 41.09 -30.60
N PRO H 34 18.21 40.98 -31.62
CA PRO H 34 17.80 40.46 -32.94
C PRO H 34 17.66 38.95 -33.05
N LYS H 35 16.59 38.52 -33.71
CA LYS H 35 16.34 37.08 -33.88
C LYS H 35 16.11 36.76 -35.36
N ALA H 36 16.49 35.56 -35.75
CA ALA H 36 16.27 35.08 -37.11
C ALA H 36 14.95 34.30 -37.01
N ASP H 37 14.03 34.53 -37.94
CA ASP H 37 12.78 33.78 -37.93
C ASP H 37 12.80 32.85 -39.12
N TYR H 38 12.71 31.54 -38.87
CA TYR H 38 12.70 30.55 -39.94
C TYR H 38 11.28 30.11 -40.24
N GLY H 39 10.32 30.98 -39.92
CA GLY H 39 8.92 30.67 -40.12
C GLY H 39 8.44 29.80 -38.97
N GLY H 40 8.06 30.43 -37.86
CA GLY H 40 7.59 29.68 -36.71
C GLY H 40 8.63 29.47 -35.63
N VAL H 41 9.81 28.98 -36.00
CA VAL H 41 10.87 28.75 -35.03
C VAL H 41 12.11 29.53 -35.47
N GLY H 42 12.93 29.93 -34.52
CA GLY H 42 14.12 30.68 -34.87
C GLY H 42 15.24 30.55 -33.85
N GLU H 43 16.09 31.58 -33.82
CA GLU H 43 17.20 31.62 -32.89
C GLU H 43 17.77 33.02 -32.81
N ASN H 44 18.49 33.27 -31.73
CA ASN H 44 19.07 34.59 -31.53
C ASN H 44 20.23 34.89 -32.47
N LEU H 45 20.33 36.15 -32.88
CA LEU H 45 21.42 36.57 -33.73
C LEU H 45 22.37 37.40 -32.90
N TYR H 46 23.66 37.35 -33.19
CA TYR H 46 24.64 38.10 -32.44
C TYR H 46 25.38 39.05 -33.39
N VAL H 47 25.29 40.34 -33.11
CA VAL H 47 25.89 41.34 -33.97
C VAL H 47 27.05 42.07 -33.33
N HIS H 48 28.03 42.45 -34.13
CA HIS H 48 29.20 43.14 -33.63
C HIS H 48 28.82 44.52 -33.11
N ALA H 49 29.49 45.00 -32.06
CA ALA H 49 29.16 46.30 -31.47
C ALA H 49 29.26 47.48 -32.44
N ASP H 50 30.08 47.35 -33.47
CA ASP H 50 30.20 48.42 -34.45
C ASP H 50 28.90 48.59 -35.26
N ASP H 51 28.05 47.57 -35.33
CA ASP H 51 26.80 47.66 -36.10
C ASP H 51 25.64 48.25 -35.30
N VAL H 52 25.92 48.71 -34.09
CA VAL H 52 24.90 49.29 -33.22
C VAL H 52 25.41 50.59 -32.61
N GLU H 53 24.63 51.66 -32.70
CA GLU H 53 25.08 52.94 -32.15
C GLU H 53 23.99 53.51 -31.30
N PHE H 54 24.34 53.76 -30.05
CA PHE H 54 23.39 54.30 -29.11
C PHE H 54 23.87 55.63 -28.59
N VAL H 55 22.99 56.62 -28.59
CA VAL H 55 23.28 57.95 -28.09
C VAL H 55 22.27 58.17 -26.97
N PRO H 56 22.69 57.98 -25.72
CA PRO H 56 21.82 58.14 -24.57
C PRO H 56 20.95 59.38 -24.70
N GLY H 57 19.66 59.23 -24.45
CA GLY H 57 18.74 60.35 -24.54
C GLY H 57 18.34 60.80 -25.95
N GLU H 58 18.95 60.23 -26.99
CA GLU H 58 18.65 60.63 -28.36
C GLU H 58 18.23 59.54 -29.32
N SER H 59 19.07 58.52 -29.47
CA SER H 59 18.76 57.50 -30.45
C SER H 59 19.46 56.17 -30.36
N LEU H 60 18.93 55.23 -31.13
CA LEU H 60 19.48 53.89 -31.22
C LEU H 60 19.43 53.58 -32.71
N LYS H 61 20.58 53.28 -33.29
CA LYS H 61 20.65 52.97 -34.70
C LYS H 61 21.46 51.72 -34.92
N TRP H 62 21.07 50.94 -35.92
CA TRP H 62 21.81 49.73 -36.24
C TRP H 62 22.14 49.71 -37.71
N ASN H 63 23.27 49.07 -38.02
CA ASN H 63 23.74 48.92 -39.37
C ASN H 63 24.44 47.58 -39.44
N VAL H 64 23.65 46.52 -39.32
CA VAL H 64 24.16 45.16 -39.34
C VAL H 64 24.69 44.87 -40.74
N ARG H 65 25.93 44.40 -40.81
CA ARG H 65 26.56 44.10 -42.08
C ARG H 65 27.28 42.77 -42.09
N ASN H 66 27.29 42.09 -43.23
CA ASN H 66 28.00 40.83 -43.32
C ASN H 66 27.72 39.83 -42.20
N LEU H 67 26.48 39.74 -41.74
CA LEU H 67 26.19 38.79 -40.68
C LEU H 67 25.75 37.45 -41.26
N ASP H 68 26.55 36.41 -41.06
CA ASP H 68 26.19 35.10 -41.59
C ASP H 68 24.83 34.64 -41.09
N VAL H 69 24.03 34.04 -41.98
CA VAL H 69 22.70 33.51 -41.62
C VAL H 69 22.41 32.23 -42.40
N MET H 70 21.37 31.50 -42.00
CA MET H 70 21.03 30.25 -42.68
C MET H 70 20.05 30.47 -43.82
N PRO H 71 20.04 29.54 -44.79
CA PRO H 71 19.16 29.60 -45.95
C PRO H 71 17.69 29.65 -45.55
N ILE H 72 17.37 28.96 -44.45
CA ILE H 72 16.01 28.91 -43.94
C ILE H 72 15.54 30.29 -43.48
N PHE H 73 16.45 31.27 -43.49
CA PHE H 73 16.13 32.62 -43.05
C PHE H 73 14.92 33.26 -43.73
N GLU H 74 13.86 33.50 -42.95
CA GLU H 74 12.65 34.10 -43.48
C GLU H 74 12.64 35.59 -43.19
N THR H 75 12.55 35.99 -41.94
CA THR H 75 12.56 37.42 -41.65
C THR H 75 13.44 37.74 -40.47
N LEU H 76 13.40 38.99 -40.07
CA LEU H 76 14.18 39.44 -38.93
C LEU H 76 13.20 39.85 -37.86
N ALA H 77 13.24 39.16 -36.72
CA ALA H 77 12.36 39.49 -35.60
C ALA H 77 13.27 40.28 -34.67
N LEU H 78 12.99 41.56 -34.52
CA LEU H 78 13.80 42.42 -33.70
C LEU H 78 13.15 42.83 -32.38
N ARG H 79 13.61 42.26 -31.28
CA ARG H 79 13.06 42.61 -29.97
C ARG H 79 13.95 43.74 -29.44
N LEU H 80 13.33 44.80 -28.96
CA LEU H 80 14.10 45.91 -28.44
C LEU H 80 13.52 46.29 -27.10
N VAL H 81 14.37 46.69 -26.17
CA VAL H 81 13.81 47.18 -24.93
C VAL H 81 14.49 48.51 -24.71
N LEU H 82 13.66 49.54 -24.72
CA LEU H 82 14.11 50.92 -24.61
C LEU H 82 13.63 51.47 -23.29
N GLN H 83 14.57 51.87 -22.45
CA GLN H 83 14.18 52.39 -21.16
C GLN H 83 13.23 51.40 -20.48
N GLY H 84 13.39 50.11 -20.75
CA GLY H 84 12.54 49.12 -20.11
C GLY H 84 11.28 48.74 -20.87
N ASP H 85 10.91 49.52 -21.89
CA ASP H 85 9.72 49.21 -22.67
C ASP H 85 10.08 48.29 -23.79
N VAL H 86 9.34 47.20 -23.92
CA VAL H 86 9.58 46.20 -24.93
C VAL H 86 8.76 46.43 -26.20
N ILE H 87 9.41 46.34 -27.35
CA ILE H 87 8.71 46.48 -28.62
C ILE H 87 9.36 45.51 -29.59
N TRP H 88 8.54 44.94 -30.45
CA TRP H 88 9.04 44.02 -31.45
C TRP H 88 8.87 44.65 -32.82
N LEU H 89 9.89 44.50 -33.65
CA LEU H 89 9.85 44.99 -35.02
C LEU H 89 10.03 43.77 -35.88
N ARG H 90 9.58 43.87 -37.12
CA ARG H 90 9.68 42.78 -38.05
C ARG H 90 10.25 43.37 -39.32
N CYS H 91 11.15 42.65 -39.95
CA CYS H 91 11.73 43.13 -41.17
C CYS H 91 11.79 41.98 -42.17
N VAL H 92 11.17 42.18 -43.34
CA VAL H 92 11.18 41.17 -44.40
C VAL H 92 12.30 41.55 -45.37
N PRO H 93 13.25 40.62 -45.60
CA PRO H 93 14.35 40.90 -46.52
C PRO H 93 13.81 41.28 -47.90
N GLU H 94 14.44 42.26 -48.55
CA GLU H 94 13.99 42.71 -49.87
C GLU H 94 14.68 42.08 -51.10
N LEU H 95 15.82 42.62 -51.49
CA LEU H 95 16.46 42.07 -52.69
C LEU H 95 17.88 41.53 -52.56
N GLY I 1 7.48 -6.49 24.58
CA GLY I 1 6.40 -6.64 23.53
C GLY I 1 5.04 -6.76 24.19
N SER I 2 4.23 -7.71 23.72
CA SER I 2 2.91 -7.93 24.31
C SER I 2 3.09 -8.90 25.51
N HIS I 3 2.18 -8.82 26.47
CA HIS I 3 2.31 -9.65 27.66
C HIS I 3 1.06 -10.40 28.06
N SER I 4 1.22 -11.40 28.92
CA SER I 4 0.07 -12.16 29.38
C SER I 4 0.17 -12.64 30.81
N MET I 5 -1.00 -12.82 31.43
CA MET I 5 -1.07 -13.38 32.76
C MET I 5 -2.00 -14.57 32.61
N ARG I 6 -1.60 -15.71 33.16
CA ARG I 6 -2.42 -16.93 33.11
C ARG I 6 -2.39 -17.72 34.41
N TYR I 7 -3.53 -18.32 34.74
CA TYR I 7 -3.62 -19.18 35.92
C TYR I 7 -3.97 -20.54 35.36
N PHE I 8 -3.27 -21.57 35.82
CA PHE I 8 -3.53 -22.94 35.37
C PHE I 8 -3.96 -23.79 36.57
N PHE I 9 -5.08 -24.49 36.44
CA PHE I 9 -5.57 -25.33 37.54
C PHE I 9 -5.77 -26.76 37.08
N THR I 10 -5.22 -27.69 37.85
CA THR I 10 -5.36 -29.11 37.56
C THR I 10 -5.92 -29.81 38.83
N SER I 11 -7.01 -30.54 38.66
CA SER I 11 -7.58 -31.26 39.79
C SER I 11 -7.70 -32.72 39.34
N VAL I 12 -7.15 -33.63 40.11
CA VAL I 12 -7.18 -35.05 39.78
C VAL I 12 -7.84 -35.88 40.88
N SER I 13 -8.94 -36.56 40.57
CA SER I 13 -9.61 -37.38 41.57
C SER I 13 -8.75 -38.62 41.89
N ARG I 14 -8.88 -39.10 43.12
CA ARG I 14 -8.16 -40.26 43.63
C ARG I 14 -9.19 -41.06 44.45
N PRO I 15 -10.16 -41.67 43.77
CA PRO I 15 -11.23 -42.45 44.42
C PRO I 15 -10.75 -43.35 45.56
N GLY I 16 -11.36 -43.18 46.74
CA GLY I 16 -10.99 -43.98 47.88
C GLY I 16 -9.64 -43.68 48.51
N ARG I 17 -8.91 -42.71 47.96
CA ARG I 17 -7.60 -42.34 48.50
C ARG I 17 -7.52 -40.87 48.90
N GLY I 18 -8.64 -40.36 49.44
CA GLY I 18 -8.70 -38.98 49.89
C GLY I 18 -9.16 -37.99 48.84
N GLU I 19 -9.06 -36.72 49.21
CA GLU I 19 -9.43 -35.61 48.38
C GLU I 19 -8.70 -35.57 47.03
N PRO I 20 -9.31 -34.94 46.02
CA PRO I 20 -8.63 -34.85 44.72
C PRO I 20 -7.35 -34.02 44.90
N ARG I 21 -6.31 -34.34 44.13
CA ARG I 21 -5.06 -33.57 44.18
C ARG I 21 -5.31 -32.27 43.37
N PHE I 22 -5.08 -31.10 43.97
CA PHE I 22 -5.31 -29.84 43.25
C PHE I 22 -4.01 -29.04 43.19
N ILE I 23 -3.59 -28.66 41.98
CA ILE I 23 -2.37 -27.87 41.80
C ILE I 23 -2.70 -26.59 40.99
N ALA I 24 -2.39 -25.43 41.53
CA ALA I 24 -2.65 -24.19 40.80
C ALA I 24 -1.36 -23.43 40.62
N VAL I 25 -1.16 -22.87 39.43
CA VAL I 25 0.03 -22.07 39.19
C VAL I 25 -0.34 -20.81 38.41
N GLY I 26 0.38 -19.73 38.71
CA GLY I 26 0.14 -18.46 38.03
C GLY I 26 1.38 -18.02 37.25
N TYR I 27 1.16 -17.54 36.03
CA TYR I 27 2.27 -17.11 35.16
C TYR I 27 2.10 -15.71 34.58
N VAL I 28 3.21 -14.99 34.45
CA VAL I 28 3.18 -13.71 33.72
C VAL I 28 4.17 -14.12 32.62
N ASP I 29 3.69 -14.11 31.38
CA ASP I 29 4.52 -14.56 30.26
C ASP I 29 5.10 -15.93 30.57
N ASP I 30 6.43 -16.09 30.50
CA ASP I 30 7.01 -17.40 30.77
C ASP I 30 7.52 -17.58 32.19
N THR I 31 7.12 -16.67 33.07
CA THR I 31 7.60 -16.74 34.45
C THR I 31 6.50 -17.09 35.44
N GLN I 32 6.66 -18.22 36.13
CA GLN I 32 5.68 -18.63 37.13
C GLN I 32 5.89 -17.69 38.32
N PHE I 33 4.82 -17.19 38.93
CA PHE I 33 5.00 -16.33 40.09
C PHE I 33 4.26 -16.79 41.36
N VAL I 34 3.30 -17.72 41.23
CA VAL I 34 2.61 -18.26 42.41
C VAL I 34 2.20 -19.70 42.23
N ARG I 35 1.91 -20.37 43.34
CA ARG I 35 1.44 -21.73 43.26
C ARG I 35 0.77 -22.16 44.55
N PHE I 36 -0.09 -23.16 44.41
CA PHE I 36 -0.79 -23.78 45.50
C PHE I 36 -0.88 -25.27 45.23
N ASP I 37 -0.56 -26.07 46.24
CA ASP I 37 -0.59 -27.52 46.15
C ASP I 37 -1.42 -28.03 47.33
N SER I 38 -2.57 -28.62 47.01
CA SER I 38 -3.49 -29.13 48.04
C SER I 38 -2.81 -30.13 48.97
N ASP I 39 -1.75 -30.77 48.50
CA ASP I 39 -1.04 -31.75 49.30
C ASP I 39 0.14 -31.21 50.11
N ALA I 40 0.56 -29.97 49.84
CA ALA I 40 1.69 -29.42 50.60
C ALA I 40 1.22 -29.03 52.00
N ALA I 41 2.18 -28.90 52.91
CA ALA I 41 1.89 -28.56 54.29
C ALA I 41 1.46 -27.13 54.55
N SER I 42 2.02 -26.18 53.79
CA SER I 42 1.70 -24.77 54.00
C SER I 42 0.24 -24.42 53.88
N GLN I 43 -0.46 -25.00 52.92
CA GLN I 43 -1.86 -24.67 52.70
C GLN I 43 -2.01 -23.17 52.41
N ARG I 44 -1.01 -22.62 51.74
CA ARG I 44 -1.07 -21.23 51.37
C ARG I 44 -0.62 -20.99 49.92
N MET I 45 -1.12 -19.91 49.33
CA MET I 45 -0.68 -19.58 47.99
C MET I 45 0.76 -19.16 48.27
N GLU I 46 1.71 -19.69 47.52
CA GLU I 46 3.11 -19.34 47.77
C GLU I 46 3.76 -18.60 46.61
N PRO I 47 4.72 -17.72 46.91
CA PRO I 47 5.46 -16.93 45.92
C PRO I 47 6.47 -17.82 45.19
N ARG I 48 6.61 -17.63 43.88
CA ARG I 48 7.58 -18.40 43.11
C ARG I 48 8.47 -17.46 42.26
N ALA I 49 8.24 -16.15 42.39
CA ALA I 49 9.05 -15.14 41.71
C ALA I 49 9.32 -14.03 42.73
N PRO I 50 10.54 -13.48 42.72
CA PRO I 50 10.90 -12.43 43.69
C PRO I 50 10.02 -11.22 43.70
N TRP I 51 9.60 -10.75 42.53
CA TRP I 51 8.79 -9.55 42.48
C TRP I 51 7.40 -9.65 43.09
N ILE I 52 6.88 -10.86 43.28
CA ILE I 52 5.54 -10.96 43.87
C ILE I 52 5.65 -10.97 45.40
N GLU I 53 6.85 -11.21 45.91
CA GLU I 53 7.04 -11.22 47.36
C GLU I 53 6.87 -9.85 47.98
N GLN I 54 6.88 -8.79 47.19
CA GLN I 54 6.70 -7.46 47.78
C GLN I 54 5.23 -7.16 48.03
N GLU I 55 4.34 -8.11 47.74
CA GLU I 55 2.89 -7.93 47.97
C GLU I 55 2.66 -8.21 49.45
N GLY I 56 1.83 -7.38 50.08
CA GLY I 56 1.55 -7.52 51.49
C GLY I 56 0.71 -8.69 51.91
N PRO I 57 0.49 -8.83 53.22
CA PRO I 57 -0.29 -9.89 53.87
C PRO I 57 -1.72 -10.03 53.39
N GLU I 58 -2.40 -8.92 53.09
CA GLU I 58 -3.76 -9.05 52.62
C GLU I 58 -3.78 -9.72 51.26
N TYR I 59 -2.75 -9.48 50.46
CA TYR I 59 -2.71 -10.10 49.15
C TYR I 59 -2.65 -11.62 49.34
N TRP I 60 -1.71 -12.08 50.15
CA TRP I 60 -1.56 -13.51 50.38
C TRP I 60 -2.74 -14.19 51.04
N ASP I 61 -3.40 -13.53 51.99
CA ASP I 61 -4.57 -14.13 52.62
C ASP I 61 -5.67 -14.22 51.57
N GLY I 62 -5.82 -13.16 50.78
CA GLY I 62 -6.87 -13.15 49.78
C GLY I 62 -6.65 -14.24 48.75
N GLU I 63 -5.45 -14.32 48.19
CA GLU I 63 -5.17 -15.34 47.17
C GLU I 63 -5.31 -16.78 47.73
N THR I 64 -4.89 -16.95 48.98
CA THR I 64 -4.98 -18.26 49.62
C THR I 64 -6.46 -18.67 49.71
N ARG I 65 -7.29 -17.75 50.19
CA ARG I 65 -8.72 -17.98 50.30
C ARG I 65 -9.35 -18.25 48.92
N LYS I 66 -9.06 -17.39 47.94
CA LYS I 66 -9.62 -17.61 46.61
C LYS I 66 -9.13 -18.91 45.97
N VAL I 67 -7.85 -19.25 46.10
CA VAL I 67 -7.38 -20.47 45.48
C VAL I 67 -8.00 -21.70 46.15
N LYS I 68 -8.18 -21.65 47.48
CA LYS I 68 -8.82 -22.77 48.19
C LYS I 68 -10.25 -22.88 47.66
N ALA I 69 -10.89 -21.73 47.41
CA ALA I 69 -12.25 -21.79 46.88
C ALA I 69 -12.24 -22.46 45.47
N HIS I 70 -11.26 -22.12 44.62
CA HIS I 70 -11.17 -22.76 43.28
C HIS I 70 -11.01 -24.26 43.47
N SER I 71 -10.21 -24.63 44.46
CA SER I 71 -9.97 -26.02 44.80
C SER I 71 -11.29 -26.76 45.08
N GLN I 72 -12.17 -26.08 45.82
CA GLN I 72 -13.42 -26.71 46.19
C GLN I 72 -14.41 -26.79 45.06
N THR I 73 -14.49 -25.77 44.22
CA THR I 73 -15.41 -25.87 43.11
C THR I 73 -14.97 -27.03 42.18
N HIS I 74 -13.68 -27.22 42.02
CA HIS I 74 -13.18 -28.32 41.18
C HIS I 74 -13.48 -29.68 41.78
N ARG I 75 -13.50 -29.75 43.11
CA ARG I 75 -13.80 -31.00 43.80
C ARG I 75 -15.23 -31.33 43.40
N VAL I 76 -16.11 -30.34 43.43
CA VAL I 76 -17.49 -30.57 43.04
C VAL I 76 -17.57 -30.90 41.57
N ASP I 77 -16.80 -30.18 40.74
CA ASP I 77 -16.82 -30.42 39.29
C ASP I 77 -16.53 -31.89 38.91
N LEU I 78 -15.53 -32.48 39.54
CA LEU I 78 -15.18 -33.87 39.20
C LEU I 78 -16.42 -34.78 39.37
N GLY I 79 -17.19 -34.55 40.44
CA GLY I 79 -18.39 -35.33 40.65
C GLY I 79 -19.43 -35.00 39.61
N THR I 80 -19.60 -33.71 39.31
CA THR I 80 -20.58 -33.31 38.31
C THR I 80 -20.25 -33.92 36.95
N LEU I 81 -18.98 -33.88 36.58
CA LEU I 81 -18.56 -34.40 35.29
C LEU I 81 -18.68 -35.92 35.21
N ARG I 82 -18.38 -36.60 36.31
CA ARG I 82 -18.49 -38.08 36.34
C ARG I 82 -19.97 -38.37 36.02
N GLY I 83 -20.86 -37.53 36.53
CA GLY I 83 -22.27 -37.71 36.27
C GLY I 83 -22.63 -37.46 34.82
N TYR I 84 -22.29 -36.28 34.30
CA TYR I 84 -22.60 -35.92 32.93
C TYR I 84 -22.13 -36.96 31.93
N TYR I 85 -21.02 -37.63 32.23
CA TYR I 85 -20.48 -38.63 31.31
C TYR I 85 -20.78 -40.06 31.73
N ASN I 86 -21.69 -40.21 32.70
CA ASN I 86 -22.06 -41.54 33.23
C ASN I 86 -20.88 -42.42 33.48
N GLN I 87 -19.91 -41.92 34.22
CA GLN I 87 -18.72 -42.70 34.50
C GLN I 87 -18.76 -43.31 35.90
N SER I 88 -17.97 -44.36 36.07
CA SER I 88 -17.85 -45.05 37.34
C SER I 88 -17.33 -44.12 38.43
N GLU I 89 -17.73 -44.42 39.66
CA GLU I 89 -17.36 -43.66 40.83
C GLU I 89 -15.96 -44.11 41.27
N ALA I 90 -15.39 -45.06 40.53
CA ALA I 90 -14.09 -45.61 40.91
C ALA I 90 -12.87 -45.12 40.15
N GLY I 91 -13.06 -44.68 38.91
CA GLY I 91 -11.91 -44.21 38.17
C GLY I 91 -11.38 -42.81 38.53
N SER I 92 -10.11 -42.61 38.19
CA SER I 92 -9.40 -41.35 38.41
C SER I 92 -9.63 -40.45 37.18
N HIS I 93 -10.11 -39.22 37.40
CA HIS I 93 -10.35 -38.29 36.28
C HIS I 93 -9.64 -36.95 36.49
N THR I 94 -9.44 -36.21 35.39
CA THR I 94 -8.74 -34.94 35.47
C THR I 94 -9.51 -33.75 34.97
N VAL I 95 -9.67 -32.73 35.82
CA VAL I 95 -10.33 -31.53 35.34
C VAL I 95 -9.26 -30.42 35.29
N GLN I 96 -9.21 -29.69 34.19
CA GLN I 96 -8.24 -28.57 34.06
C GLN I 96 -8.96 -27.29 33.70
N ARG I 97 -8.43 -26.17 34.20
CA ARG I 97 -9.03 -24.88 33.95
C ARG I 97 -7.92 -23.88 33.69
N MET I 98 -8.17 -22.93 32.80
CA MET I 98 -7.18 -21.90 32.51
C MET I 98 -7.92 -20.61 32.21
N TYR I 99 -7.43 -19.50 32.76
CA TYR I 99 -8.02 -18.22 32.46
C TYR I 99 -6.94 -17.19 32.60
N GLY I 100 -7.16 -16.03 31.99
CA GLY I 100 -6.17 -14.99 32.05
C GLY I 100 -6.34 -14.01 30.90
N CYS I 101 -5.41 -13.06 30.84
CA CYS I 101 -5.49 -12.01 29.83
C CYS I 101 -4.16 -11.72 29.10
N ASP I 102 -4.29 -11.04 27.96
CA ASP I 102 -3.16 -10.66 27.12
C ASP I 102 -3.25 -9.16 26.92
N VAL I 103 -2.12 -8.45 27.00
CA VAL I 103 -2.12 -7.03 26.68
C VAL I 103 -1.10 -6.85 25.56
N GLY I 104 -1.30 -5.81 24.73
CA GLY I 104 -0.36 -5.58 23.65
C GLY I 104 0.78 -4.73 24.18
N SER I 105 1.76 -4.41 23.32
CA SER I 105 2.89 -3.60 23.73
C SER I 105 2.41 -2.26 24.31
N ASP I 106 1.18 -1.86 23.99
CA ASP I 106 0.63 -0.62 24.53
C ASP I 106 -0.04 -0.85 25.88
N TRP I 107 0.07 -2.08 26.40
CA TRP I 107 -0.52 -2.44 27.69
C TRP I 107 -2.04 -2.36 27.75
N ARG I 108 -2.70 -2.37 26.60
CA ARG I 108 -4.17 -2.36 26.56
C ARG I 108 -4.69 -3.78 26.39
N PHE I 109 -5.87 -4.05 26.95
CA PHE I 109 -6.46 -5.38 26.85
C PHE I 109 -6.46 -5.85 25.41
N LEU I 110 -5.88 -7.02 25.17
CA LEU I 110 -5.83 -7.56 23.82
C LEU I 110 -6.78 -8.75 23.69
N ARG I 111 -6.76 -9.66 24.66
CA ARG I 111 -7.64 -10.82 24.62
C ARG I 111 -7.78 -11.46 26.01
N GLY I 112 -8.90 -12.16 26.23
CA GLY I 112 -9.14 -12.84 27.49
C GLY I 112 -9.46 -14.31 27.27
N TYR I 113 -9.26 -15.14 28.28
CA TYR I 113 -9.54 -16.57 28.13
C TYR I 113 -10.14 -17.12 29.41
N HIS I 114 -10.97 -18.15 29.27
CA HIS I 114 -11.53 -18.85 30.42
C HIS I 114 -12.07 -20.15 29.86
N GLN I 115 -11.33 -21.23 30.08
CA GLN I 115 -11.74 -22.49 29.52
C GLN I 115 -11.40 -23.68 30.38
N TYR I 116 -12.11 -24.79 30.15
CA TYR I 116 -11.96 -26.02 30.91
C TYR I 116 -11.78 -27.20 30.00
N ALA I 117 -11.12 -28.22 30.53
CA ALA I 117 -10.91 -29.47 29.82
C ALA I 117 -11.22 -30.57 30.81
N TYR I 118 -11.70 -31.70 30.30
CA TYR I 118 -11.99 -32.86 31.14
C TYR I 118 -11.33 -34.05 30.47
N ASP I 119 -10.54 -34.80 31.25
CA ASP I 119 -9.84 -35.98 30.78
C ASP I 119 -9.02 -35.80 29.49
N GLY I 120 -8.28 -34.70 29.41
CA GLY I 120 -7.44 -34.47 28.26
C GLY I 120 -8.01 -33.85 27.00
N LYS I 121 -9.29 -33.48 26.99
CA LYS I 121 -9.88 -32.84 25.81
C LYS I 121 -10.69 -31.63 26.26
N ASP I 122 -10.95 -30.73 25.31
CA ASP I 122 -11.71 -29.54 25.60
C ASP I 122 -13.08 -29.91 26.16
N TYR I 123 -13.62 -29.05 27.02
CA TYR I 123 -14.94 -29.26 27.60
C TYR I 123 -15.76 -28.01 27.26
N ILE I 124 -15.32 -26.85 27.71
CA ILE I 124 -16.04 -25.63 27.38
C ILE I 124 -15.07 -24.43 27.39
N ALA I 125 -15.37 -23.40 26.60
CA ALA I 125 -14.48 -22.24 26.54
C ALA I 125 -15.23 -20.95 26.27
N LEU I 126 -14.74 -19.86 26.83
CA LEU I 126 -15.34 -18.57 26.59
C LEU I 126 -14.79 -18.07 25.24
N LYS I 127 -15.67 -17.65 24.33
CA LYS I 127 -15.22 -17.17 23.02
C LYS I 127 -14.52 -15.83 23.14
N GLU I 128 -13.78 -15.47 22.11
CA GLU I 128 -13.05 -14.21 22.10
C GLU I 128 -13.93 -12.98 22.35
N ASP I 129 -15.23 -13.07 22.05
CA ASP I 129 -16.10 -11.91 22.30
C ASP I 129 -16.39 -11.72 23.80
N LEU I 130 -15.92 -12.66 24.61
CA LEU I 130 -16.11 -12.61 26.06
C LEU I 130 -17.58 -12.54 26.44
N ARG I 131 -18.45 -13.05 25.59
CA ARG I 131 -19.86 -13.03 25.86
C ARG I 131 -20.50 -14.39 25.66
N SER I 132 -20.03 -15.18 24.69
CA SER I 132 -20.61 -16.49 24.44
C SER I 132 -19.70 -17.68 24.70
N TRP I 133 -20.32 -18.83 24.85
CA TRP I 133 -19.59 -20.05 25.16
C TRP I 133 -19.57 -21.02 24.03
N THR I 134 -18.51 -21.82 23.98
CA THR I 134 -18.37 -22.89 23.00
C THR I 134 -18.31 -24.20 23.78
N ALA I 135 -19.38 -24.98 23.73
CA ALA I 135 -19.43 -26.26 24.40
C ALA I 135 -18.79 -27.24 23.43
N ALA I 136 -17.77 -27.96 23.86
CA ALA I 136 -17.06 -28.89 23.00
C ALA I 136 -17.87 -30.09 22.54
N ASP I 137 -18.85 -30.51 23.36
CA ASP I 137 -19.69 -31.66 23.04
C ASP I 137 -21.06 -31.51 23.67
N MET I 138 -21.84 -32.58 23.62
CA MET I 138 -23.20 -32.60 24.15
C MET I 138 -23.25 -32.37 25.64
N ALA I 139 -22.45 -33.10 26.39
CA ALA I 139 -22.44 -32.92 27.84
C ALA I 139 -22.19 -31.46 28.22
N ALA I 140 -21.19 -30.84 27.61
CA ALA I 140 -20.84 -29.45 27.91
C ALA I 140 -21.99 -28.47 27.71
N GLN I 141 -22.97 -28.84 26.89
CA GLN I 141 -24.13 -27.98 26.67
C GLN I 141 -24.86 -27.69 27.98
N THR I 142 -24.86 -28.67 28.87
CA THR I 142 -25.52 -28.49 30.18
C THR I 142 -24.82 -27.37 30.92
N THR I 143 -23.50 -27.44 30.94
CA THR I 143 -22.75 -26.40 31.61
C THR I 143 -22.99 -25.04 30.93
N LYS I 144 -23.02 -25.04 29.61
CA LYS I 144 -23.24 -23.80 28.87
C LYS I 144 -24.55 -23.16 29.30
N HIS I 145 -25.61 -23.97 29.33
CA HIS I 145 -26.92 -23.46 29.74
C HIS I 145 -26.84 -22.96 31.19
N LYS I 146 -26.21 -23.74 32.04
CA LYS I 146 -26.06 -23.36 33.45
C LYS I 146 -25.31 -22.02 33.59
N TRP I 147 -24.21 -21.85 32.85
CA TRP I 147 -23.44 -20.60 32.92
C TRP I 147 -24.19 -19.42 32.39
N GLU I 148 -25.04 -19.65 31.40
CA GLU I 148 -25.84 -18.57 30.83
C GLU I 148 -26.88 -18.17 31.86
N ALA I 149 -27.48 -19.14 32.54
CA ALA I 149 -28.48 -18.79 33.56
C ALA I 149 -27.85 -18.03 34.72
N ALA I 150 -26.60 -18.38 35.05
CA ALA I 150 -25.89 -17.73 36.17
C ALA I 150 -25.03 -16.51 35.78
N HIS I 151 -25.10 -16.11 34.52
CA HIS I 151 -24.34 -14.96 34.05
C HIS I 151 -22.87 -14.99 34.40
N VAL I 152 -22.26 -16.15 34.21
CA VAL I 152 -20.83 -16.30 34.44
C VAL I 152 -19.99 -15.44 33.43
N ALA I 153 -20.43 -15.36 32.18
CA ALA I 153 -19.68 -14.58 31.17
C ALA I 153 -19.55 -13.13 31.60
N GLU I 154 -20.65 -12.54 32.05
CA GLU I 154 -20.61 -11.14 32.47
C GLU I 154 -19.63 -10.94 33.59
N GLN I 155 -19.55 -11.88 34.53
CA GLN I 155 -18.60 -11.72 35.62
C GLN I 155 -17.16 -11.88 35.17
N LEU I 156 -16.91 -12.89 34.34
CA LEU I 156 -15.57 -13.12 33.84
C LEU I 156 -15.08 -11.93 32.97
N ARG I 157 -15.96 -11.42 32.12
CA ARG I 157 -15.56 -10.32 31.26
C ARG I 157 -15.10 -9.13 32.09
N ALA I 158 -15.85 -8.78 33.12
CA ALA I 158 -15.46 -7.65 33.96
C ALA I 158 -14.06 -7.88 34.55
N TYR I 159 -13.81 -9.10 35.01
CA TYR I 159 -12.51 -9.45 35.57
C TYR I 159 -11.40 -9.44 34.51
N LEU I 160 -11.61 -10.11 33.39
CA LEU I 160 -10.61 -10.19 32.32
C LEU I 160 -10.20 -8.82 31.74
N GLU I 161 -11.18 -7.95 31.52
CA GLU I 161 -10.91 -6.63 30.94
C GLU I 161 -10.48 -5.60 31.98
N GLY I 162 -10.80 -5.84 33.24
CA GLY I 162 -10.43 -4.88 34.27
C GLY I 162 -9.33 -5.37 35.20
N THR I 163 -9.75 -6.02 36.28
CA THR I 163 -8.86 -6.58 37.29
C THR I 163 -7.65 -7.31 36.75
N CYS I 164 -7.87 -8.26 35.84
CA CYS I 164 -6.76 -9.04 35.27
C CYS I 164 -5.70 -8.18 34.60
N VAL I 165 -6.11 -7.29 33.70
CA VAL I 165 -5.13 -6.44 33.03
C VAL I 165 -4.52 -5.43 34.01
N GLU I 166 -5.31 -4.98 34.98
CA GLU I 166 -4.77 -4.05 35.96
C GLU I 166 -3.65 -4.66 36.79
N TRP I 167 -3.83 -5.89 37.25
CA TRP I 167 -2.77 -6.51 38.05
C TRP I 167 -1.61 -6.95 37.16
N LEU I 168 -1.89 -7.33 35.94
CA LEU I 168 -0.80 -7.72 35.05
C LEU I 168 0.11 -6.46 34.88
N ARG I 169 -0.48 -5.29 34.70
CA ARG I 169 0.34 -4.09 34.54
C ARG I 169 1.16 -3.83 35.82
N ARG I 170 0.52 -4.00 36.96
CA ARG I 170 1.23 -3.81 38.23
C ARG I 170 2.38 -4.79 38.33
N TYR I 171 2.18 -6.05 37.92
CA TYR I 171 3.25 -7.04 37.99
C TYR I 171 4.38 -6.71 37.03
N LEU I 172 4.03 -6.32 35.81
CA LEU I 172 5.02 -5.97 34.79
C LEU I 172 5.94 -4.82 35.30
N GLU I 173 5.36 -3.85 35.99
CA GLU I 173 6.11 -2.74 36.53
C GLU I 173 6.95 -3.18 37.75
N ASN I 174 6.34 -3.81 38.77
CA ASN I 174 7.11 -4.24 39.95
C ASN I 174 8.21 -5.18 39.55
N GLY I 175 7.92 -6.07 38.60
CA GLY I 175 8.94 -7.02 38.17
C GLY I 175 9.66 -6.62 36.87
N LYS I 176 9.61 -5.33 36.53
CA LYS I 176 10.23 -4.89 35.27
C LYS I 176 11.66 -5.39 35.05
N GLU I 177 12.49 -5.44 36.08
CA GLU I 177 13.85 -5.92 35.92
C GLU I 177 13.99 -7.34 35.39
N THR I 178 12.98 -8.16 35.59
CA THR I 178 13.04 -9.56 35.14
C THR I 178 11.94 -9.93 34.15
N LEU I 179 10.85 -9.17 34.10
CA LEU I 179 9.78 -9.49 33.17
C LEU I 179 9.89 -8.66 31.89
N GLN I 180 10.36 -7.42 32.03
CA GLN I 180 10.47 -6.57 30.86
C GLN I 180 11.85 -6.44 30.21
N ARG I 181 12.86 -7.03 30.83
CA ARG I 181 14.21 -7.00 30.26
C ARG I 181 14.37 -8.30 29.50
N THR I 182 15.36 -8.37 28.61
CA THR I 182 15.57 -9.56 27.84
C THR I 182 16.93 -10.13 28.10
N ASP I 183 17.07 -11.41 27.80
CA ASP I 183 18.32 -12.15 27.95
C ASP I 183 18.51 -12.72 26.56
N ALA I 184 19.54 -12.26 25.86
CA ALA I 184 19.81 -12.71 24.49
C ALA I 184 20.33 -14.14 24.47
N PRO I 185 20.00 -14.89 23.41
CA PRO I 185 20.49 -16.27 23.36
C PRO I 185 21.97 -16.30 23.07
N LYS I 186 22.70 -17.17 23.74
CA LYS I 186 24.11 -17.33 23.50
C LYS I 186 24.10 -18.47 22.49
N THR I 187 24.66 -18.21 21.31
CA THR I 187 24.62 -19.20 20.26
C THR I 187 25.95 -19.79 19.84
N HIS I 188 25.90 -20.98 19.25
CA HIS I 188 27.06 -21.66 18.73
C HIS I 188 26.54 -22.82 17.90
N MET I 189 27.41 -23.40 17.08
CA MET I 189 27.03 -24.51 16.22
C MET I 189 27.98 -25.66 16.43
N THR I 190 27.44 -26.88 16.37
CA THR I 190 28.28 -28.06 16.51
C THR I 190 28.15 -28.88 15.25
N HIS I 191 29.19 -29.66 14.98
CA HIS I 191 29.26 -30.53 13.82
C HIS I 191 29.50 -31.97 14.30
N HIS I 192 28.70 -32.90 13.79
CA HIS I 192 28.78 -34.32 14.15
C HIS I 192 28.71 -35.15 12.86
N ALA I 193 29.78 -35.89 12.55
CA ALA I 193 29.78 -36.71 11.35
C ALA I 193 28.84 -37.89 11.55
N VAL I 194 27.86 -38.03 10.66
CA VAL I 194 26.92 -39.15 10.75
C VAL I 194 27.53 -40.39 10.06
N SER I 195 28.40 -40.14 9.07
CA SER I 195 29.12 -41.17 8.32
C SER I 195 30.09 -40.46 7.36
N ASP I 196 30.58 -41.17 6.35
CA ASP I 196 31.47 -40.51 5.40
C ASP I 196 30.68 -39.64 4.43
N HIS I 197 29.37 -39.88 4.35
CA HIS I 197 28.48 -39.18 3.43
C HIS I 197 27.60 -38.06 3.96
N GLU I 198 27.32 -38.06 5.25
CA GLU I 198 26.47 -37.02 5.82
C GLU I 198 27.00 -36.53 7.16
N ALA I 199 26.59 -35.33 7.51
CA ALA I 199 27.00 -34.73 8.76
C ALA I 199 25.80 -33.96 9.31
N THR I 200 25.77 -33.82 10.63
CA THR I 200 24.70 -33.11 11.31
C THR I 200 25.24 -31.79 11.84
N LEU I 201 24.57 -30.70 11.49
CA LEU I 201 24.96 -29.39 11.97
C LEU I 201 23.88 -29.07 13.00
N ARG I 202 24.28 -28.72 14.21
CA ARG I 202 23.28 -28.37 15.22
C ARG I 202 23.51 -26.95 15.68
N CYS I 203 22.46 -26.15 15.59
CA CYS I 203 22.51 -24.76 15.98
C CYS I 203 21.90 -24.59 17.38
N TRP I 204 22.69 -24.05 18.30
CA TRP I 204 22.25 -23.86 19.69
C TRP I 204 21.90 -22.44 20.13
N ALA I 205 20.83 -22.34 20.92
CA ALA I 205 20.40 -21.07 21.49
C ALA I 205 20.25 -21.38 22.98
N LEU I 206 21.07 -20.74 23.82
CA LEU I 206 21.05 -20.99 25.26
C LEU I 206 20.90 -19.76 26.09
N SER I 207 20.39 -19.97 27.31
CA SER I 207 20.24 -18.93 28.30
C SER I 207 19.45 -17.69 27.89
N PHE I 208 18.34 -17.88 27.17
CA PHE I 208 17.57 -16.72 26.72
C PHE I 208 16.22 -16.53 27.41
N TYR I 209 15.73 -15.29 27.36
CA TYR I 209 14.43 -14.95 27.94
C TYR I 209 13.93 -13.71 27.20
N PRO I 210 12.66 -13.68 26.81
CA PRO I 210 11.60 -14.67 26.99
C PRO I 210 11.82 -15.95 26.16
N ALA I 211 10.92 -16.92 26.34
CA ALA I 211 11.02 -18.23 25.67
C ALA I 211 10.83 -18.15 24.17
N GLU I 212 9.97 -17.25 23.73
CA GLU I 212 9.71 -17.06 22.31
C GLU I 212 11.02 -16.90 21.53
N ILE I 213 11.19 -17.71 20.49
CA ILE I 213 12.40 -17.63 19.68
C ILE I 213 12.16 -18.37 18.36
N THR I 214 12.94 -18.00 17.34
CA THR I 214 12.82 -18.64 16.04
C THR I 214 14.20 -19.03 15.54
N LEU I 215 14.37 -20.34 15.32
CA LEU I 215 15.61 -20.90 14.82
C LEU I 215 15.28 -21.44 13.42
N THR I 216 15.97 -20.97 12.39
CA THR I 216 15.71 -21.49 11.03
C THR I 216 16.99 -21.77 10.27
N TRP I 217 16.96 -22.81 9.46
CA TRP I 217 18.10 -23.17 8.64
C TRP I 217 17.87 -22.73 7.20
N GLN I 218 18.93 -22.29 6.53
CA GLN I 218 18.85 -21.88 5.13
C GLN I 218 20.00 -22.55 4.42
N ARG I 219 19.79 -22.87 3.15
CA ARG I 219 20.83 -23.46 2.31
C ARG I 219 20.92 -22.49 1.14
N ASP I 220 22.09 -21.89 0.95
CA ASP I 220 22.28 -20.89 -0.09
C ASP I 220 21.23 -19.78 0.06
N GLY I 221 20.99 -19.38 1.31
CA GLY I 221 20.04 -18.31 1.56
C GLY I 221 18.57 -18.67 1.36
N GLU I 222 18.27 -19.96 1.32
CA GLU I 222 16.88 -20.42 1.13
C GLU I 222 16.39 -21.27 2.29
N ASP I 223 15.27 -20.89 2.89
CA ASP I 223 14.76 -21.67 4.03
C ASP I 223 14.79 -23.14 3.72
N GLN I 224 15.20 -23.93 4.71
CA GLN I 224 15.31 -25.37 4.59
C GLN I 224 14.53 -26.04 5.71
N THR I 225 13.61 -26.91 5.33
CA THR I 225 12.75 -27.63 6.26
C THR I 225 13.12 -29.11 6.22
N GLN I 226 13.37 -29.60 5.03
CA GLN I 226 13.71 -30.99 4.83
C GLN I 226 15.02 -31.36 5.51
N ASP I 227 15.03 -32.55 6.11
CA ASP I 227 16.21 -33.08 6.79
C ASP I 227 16.64 -32.24 8.02
N THR I 228 15.71 -31.47 8.58
CA THR I 228 16.00 -30.65 9.75
C THR I 228 15.20 -31.17 10.93
N GLU I 229 15.66 -30.86 12.13
CA GLU I 229 14.96 -31.27 13.34
C GLU I 229 15.00 -30.11 14.33
N LEU I 230 13.87 -29.83 14.96
CA LEU I 230 13.78 -28.73 15.89
C LEU I 230 13.20 -29.25 17.20
N VAL I 231 13.95 -29.19 18.29
CA VAL I 231 13.40 -29.67 19.56
C VAL I 231 12.52 -28.61 20.23
N GLU I 232 11.70 -29.06 21.17
CA GLU I 232 10.83 -28.14 21.90
C GLU I 232 11.67 -27.22 22.75
N THR I 233 11.29 -25.95 22.85
CA THR I 233 12.03 -25.00 23.66
C THR I 233 11.94 -25.57 25.09
N ARG I 234 13.03 -25.49 25.84
CA ARG I 234 13.03 -26.08 27.17
C ARG I 234 13.63 -25.19 28.25
N PRO I 235 13.17 -25.35 29.49
CA PRO I 235 13.68 -24.53 30.61
C PRO I 235 15.05 -24.97 31.09
N ALA I 236 15.94 -24.01 31.27
CA ALA I 236 17.28 -24.30 31.74
C ALA I 236 17.23 -24.57 33.23
N GLY I 237 16.18 -24.04 33.88
CA GLY I 237 16.05 -24.26 35.31
C GLY I 237 16.37 -23.04 36.14
N ASP I 238 16.92 -22.00 35.51
CA ASP I 238 17.26 -20.78 36.22
C ASP I 238 16.43 -19.60 35.76
N GLY I 239 15.36 -19.85 35.02
CA GLY I 239 14.56 -18.75 34.52
C GLY I 239 14.77 -18.51 33.01
N THR I 240 15.83 -19.06 32.43
CA THR I 240 16.07 -18.89 31.00
C THR I 240 15.71 -20.14 30.24
N PHE I 241 15.79 -20.06 28.92
CA PHE I 241 15.43 -21.18 28.07
C PHE I 241 16.49 -21.63 27.09
N GLN I 242 16.30 -22.82 26.52
CA GLN I 242 17.24 -23.37 25.57
C GLN I 242 16.47 -23.97 24.40
N LYS I 243 17.14 -24.06 23.27
CA LYS I 243 16.54 -24.66 22.07
C LYS I 243 17.64 -24.89 21.03
N TRP I 244 17.51 -25.95 20.24
CA TRP I 244 18.44 -26.19 19.15
C TRP I 244 17.67 -26.68 17.93
N ALA I 245 18.30 -26.48 16.78
CA ALA I 245 17.73 -26.89 15.51
C ALA I 245 18.88 -27.58 14.80
N ALA I 246 18.58 -28.72 14.19
CA ALA I 246 19.60 -29.49 13.47
C ALA I 246 19.21 -29.75 12.01
N VAL I 247 20.23 -29.95 11.18
CA VAL I 247 20.03 -30.24 9.76
C VAL I 247 21.10 -31.26 9.34
N VAL I 248 20.69 -32.30 8.63
CA VAL I 248 21.61 -33.32 8.14
C VAL I 248 22.03 -32.93 6.72
N VAL I 249 23.32 -32.75 6.50
CA VAL I 249 23.82 -32.31 5.22
C VAL I 249 24.85 -33.24 4.61
N PRO I 250 25.04 -33.16 3.28
CA PRO I 250 26.02 -34.00 2.57
C PRO I 250 27.42 -33.52 2.98
N SER I 251 28.35 -34.46 3.18
CA SER I 251 29.73 -34.09 3.55
C SER I 251 30.33 -33.18 2.49
N GLY I 252 31.04 -32.15 2.93
CA GLY I 252 31.66 -31.22 2.00
C GLY I 252 30.73 -30.09 1.63
N GLN I 253 29.47 -30.21 2.06
CA GLN I 253 28.47 -29.21 1.76
C GLN I 253 28.08 -28.31 2.92
N GLU I 254 28.84 -28.40 4.01
CA GLU I 254 28.58 -27.61 5.23
C GLU I 254 28.50 -26.09 5.06
N GLN I 255 29.44 -25.52 4.30
CA GLN I 255 29.47 -24.07 4.11
C GLN I 255 28.23 -23.46 3.46
N ARG I 256 27.40 -24.27 2.82
CA ARG I 256 26.21 -23.73 2.17
C ARG I 256 25.10 -23.39 3.16
N TYR I 257 25.17 -23.99 4.35
CA TYR I 257 24.16 -23.81 5.38
C TYR I 257 24.34 -22.71 6.42
N THR I 258 23.26 -22.01 6.72
CA THR I 258 23.31 -20.97 7.73
C THR I 258 22.12 -21.13 8.68
N CYS I 259 22.37 -20.85 9.95
CA CYS I 259 21.33 -20.90 10.98
C CYS I 259 20.98 -19.47 11.31
N HIS I 260 19.70 -19.18 11.35
CA HIS I 260 19.26 -17.83 11.64
C HIS I 260 18.49 -17.81 12.95
N VAL I 261 18.91 -16.94 13.86
CA VAL I 261 18.29 -16.83 15.16
C VAL I 261 17.59 -15.50 15.36
N GLN I 262 16.29 -15.53 15.61
CA GLN I 262 15.54 -14.30 15.86
C GLN I 262 15.06 -14.35 17.32
N HIS I 263 15.27 -13.26 18.04
CA HIS I 263 14.87 -13.16 19.45
C HIS I 263 14.83 -11.67 19.84
N GLU I 264 13.85 -11.30 20.67
CA GLU I 264 13.68 -9.92 21.13
C GLU I 264 14.89 -9.38 21.86
N GLY I 265 15.75 -10.27 22.33
CA GLY I 265 16.92 -9.82 23.05
C GLY I 265 18.10 -9.46 22.15
N LEU I 266 17.87 -9.49 20.85
CA LEU I 266 18.93 -9.19 19.88
C LEU I 266 18.66 -7.90 19.12
N PRO I 267 19.66 -7.03 18.99
CA PRO I 267 19.45 -5.77 18.24
C PRO I 267 18.97 -6.18 16.83
N LYS I 268 19.54 -7.27 16.31
CA LYS I 268 19.17 -7.79 15.00
C LYS I 268 19.43 -9.30 14.93
N PRO I 269 18.68 -9.99 14.06
CA PRO I 269 18.83 -11.45 13.89
C PRO I 269 20.29 -11.83 13.72
N LEU I 270 20.63 -13.02 14.20
CA LEU I 270 22.00 -13.53 14.12
C LEU I 270 22.05 -14.59 13.04
N THR I 271 23.20 -14.73 12.41
CA THR I 271 23.39 -15.72 11.37
C THR I 271 24.65 -16.47 11.74
N LEU I 272 24.56 -17.79 11.75
CA LEU I 272 25.73 -18.59 12.06
C LEU I 272 25.99 -19.52 10.90
N ARG I 273 27.27 -19.73 10.60
CA ARG I 273 27.72 -20.61 9.53
C ARG I 273 28.81 -21.49 10.14
N TRP I 274 28.95 -22.71 9.64
CA TRP I 274 29.97 -23.60 10.18
C TRP I 274 31.36 -23.04 9.81
N GLU I 275 32.20 -22.86 10.82
CA GLU I 275 33.57 -22.34 10.65
C GLU I 275 33.74 -21.32 9.52
N MET J 1 -11.68 -39.66 26.89
CA MET J 1 -10.36 -39.93 27.55
C MET J 1 -9.25 -39.85 26.51
N ILE J 2 -8.53 -38.73 26.47
CA ILE J 2 -7.43 -38.59 25.52
C ILE J 2 -6.10 -38.71 26.27
N GLN J 3 -5.26 -39.65 25.87
CA GLN J 3 -3.99 -39.84 26.54
C GLN J 3 -2.88 -39.46 25.59
N ARG J 4 -1.76 -38.98 26.13
CA ARG J 4 -0.61 -38.62 25.31
C ARG J 4 0.66 -39.03 26.02
N THR J 5 1.58 -39.62 25.26
CA THR J 5 2.83 -40.09 25.83
C THR J 5 3.82 -38.93 25.97
N PRO J 6 4.65 -38.97 27.03
CA PRO J 6 5.64 -37.92 27.29
C PRO J 6 6.81 -37.76 26.31
N LYS J 7 7.19 -36.52 26.07
CA LYS J 7 8.35 -36.22 25.26
C LYS J 7 9.39 -36.08 26.38
N ILE J 8 10.63 -36.43 26.10
CA ILE J 8 11.66 -36.40 27.12
C ILE J 8 12.97 -35.79 26.63
N GLN J 9 13.51 -34.84 27.39
CA GLN J 9 14.80 -34.24 27.05
C GLN J 9 15.64 -34.24 28.31
N VAL J 10 16.87 -34.73 28.18
CA VAL J 10 17.81 -34.80 29.29
C VAL J 10 18.95 -33.87 28.89
N TYR J 11 19.33 -32.96 29.77
CA TYR J 11 20.39 -32.03 29.44
C TYR J 11 20.88 -31.32 30.68
N SER J 12 21.91 -30.49 30.55
CA SER J 12 22.45 -29.76 31.69
C SER J 12 22.05 -28.31 31.57
N ARG J 13 22.00 -27.63 32.70
CA ARG J 13 21.62 -26.22 32.73
C ARG J 13 22.66 -25.38 32.01
N HIS J 14 23.92 -25.66 32.31
CA HIS J 14 25.03 -24.93 31.71
C HIS J 14 25.86 -25.91 30.90
N PRO J 15 26.68 -25.41 29.97
CA PRO J 15 27.51 -26.29 29.14
C PRO J 15 28.32 -27.19 30.06
N ALA J 16 28.32 -28.49 29.78
CA ALA J 16 29.02 -29.45 30.61
C ALA J 16 30.55 -29.29 30.64
N GLU J 17 31.11 -29.30 31.86
CA GLU J 17 32.55 -29.20 32.08
C GLU J 17 32.96 -30.05 33.27
N ASN J 18 33.61 -31.16 33.00
CA ASN J 18 34.07 -32.08 34.05
C ASN J 18 34.68 -31.32 35.22
N GLY J 19 34.27 -31.67 36.44
CA GLY J 19 34.81 -31.01 37.61
C GLY J 19 34.03 -29.76 38.03
N LYS J 20 33.26 -29.21 37.11
CA LYS J 20 32.47 -28.03 37.40
C LYS J 20 31.04 -28.43 37.80
N SER J 21 30.56 -27.94 38.95
CA SER J 21 29.20 -28.27 39.40
C SER J 21 28.21 -27.64 38.43
N ASN J 22 27.19 -28.40 38.08
CA ASN J 22 26.17 -27.98 37.14
C ASN J 22 24.80 -28.47 37.66
N PHE J 23 23.84 -28.56 36.76
CA PHE J 23 22.51 -29.06 37.09
C PHE J 23 22.06 -29.96 35.97
N LEU J 24 21.64 -31.17 36.33
CA LEU J 24 21.14 -32.14 35.35
C LEU J 24 19.62 -32.01 35.31
N ASN J 25 19.09 -31.82 34.11
CA ASN J 25 17.65 -31.66 33.91
C ASN J 25 17.03 -32.76 33.09
N CYS J 26 15.78 -33.08 33.42
CA CYS J 26 15.00 -34.02 32.64
C CYS J 26 13.66 -33.32 32.48
N TYR J 27 13.39 -32.88 31.26
CA TYR J 27 12.15 -32.17 30.97
C TYR J 27 11.16 -33.09 30.28
N VAL J 28 10.00 -33.30 30.91
CA VAL J 28 8.97 -34.15 30.34
C VAL J 28 7.79 -33.25 30.02
N SER J 29 7.24 -33.42 28.82
CA SER J 29 6.17 -32.58 28.37
C SER J 29 5.25 -33.28 27.38
N GLY J 30 4.14 -32.61 27.06
CA GLY J 30 3.17 -33.16 26.14
C GLY J 30 2.50 -34.44 26.62
N PHE J 31 2.47 -34.73 27.91
CA PHE J 31 1.81 -35.95 28.38
C PHE J 31 0.44 -35.69 29.05
N HIS J 32 -0.34 -36.76 29.17
CA HIS J 32 -1.66 -36.73 29.81
C HIS J 32 -2.04 -38.20 29.96
N PRO J 33 -2.52 -38.62 31.14
CA PRO J 33 -2.77 -37.87 32.38
C PRO J 33 -1.47 -37.35 33.03
N SER J 34 -1.61 -36.64 34.15
CA SER J 34 -0.46 -36.06 34.85
C SER J 34 0.39 -36.99 35.72
N ASP J 35 -0.16 -38.14 36.14
CA ASP J 35 0.63 -39.06 36.96
C ASP J 35 1.83 -39.46 36.15
N ILE J 36 3.01 -39.35 36.72
CA ILE J 36 4.18 -39.73 35.98
C ILE J 36 5.31 -39.96 36.95
N GLU J 37 6.22 -40.87 36.59
CA GLU J 37 7.37 -41.17 37.42
C GLU J 37 8.61 -40.77 36.66
N VAL J 38 9.44 -39.96 37.31
CA VAL J 38 10.66 -39.50 36.68
C VAL J 38 11.82 -39.63 37.64
N ASP J 39 12.84 -40.37 37.24
CA ASP J 39 14.02 -40.54 38.08
C ASP J 39 15.28 -40.13 37.33
N LEU J 40 16.20 -39.47 38.02
CA LEU J 40 17.46 -39.12 37.39
C LEU J 40 18.43 -40.22 37.83
N LEU J 41 19.16 -40.77 36.87
CA LEU J 41 20.09 -41.86 37.17
C LEU J 41 21.55 -41.48 36.99
N LYS J 42 22.39 -42.03 37.87
CA LYS J 42 23.83 -41.84 37.81
C LYS J 42 24.39 -43.25 37.74
N ASN J 43 24.95 -43.60 36.59
CA ASN J 43 25.49 -44.95 36.39
C ASN J 43 24.43 -45.99 36.68
N GLY J 44 23.20 -45.73 36.23
CA GLY J 44 22.11 -46.66 36.43
C GLY J 44 21.47 -46.60 37.79
N GLU J 45 22.05 -45.83 38.71
CA GLU J 45 21.50 -45.74 40.05
C GLU J 45 20.71 -44.44 40.30
N ARG J 46 19.54 -44.59 40.91
CA ARG J 46 18.64 -43.48 41.19
C ARG J 46 19.29 -42.42 42.07
N ILE J 47 19.20 -41.16 41.63
CA ILE J 47 19.74 -40.06 42.41
C ILE J 47 18.65 -39.68 43.41
N GLU J 48 19.03 -39.47 44.67
CA GLU J 48 18.05 -39.18 45.70
C GLU J 48 17.50 -37.77 45.85
N LYS J 49 18.37 -36.77 45.77
CA LYS J 49 17.93 -35.40 45.89
C LYS J 49 17.50 -34.84 44.53
N VAL J 50 16.29 -35.18 44.09
CA VAL J 50 15.77 -34.69 42.81
C VAL J 50 14.53 -33.84 43.03
N GLU J 51 14.57 -32.61 42.53
CA GLU J 51 13.44 -31.71 42.67
C GLU J 51 12.74 -31.55 41.34
N HIS J 52 11.53 -31.00 41.39
CA HIS J 52 10.77 -30.80 40.17
C HIS J 52 9.88 -29.57 40.29
N SER J 53 9.57 -28.98 39.14
CA SER J 53 8.74 -27.79 39.07
C SER J 53 7.29 -28.15 39.41
N ASP J 54 6.45 -27.12 39.56
CA ASP J 54 5.04 -27.27 39.88
C ASP J 54 4.29 -27.63 38.62
N LEU J 55 3.42 -28.63 38.72
CA LEU J 55 2.66 -29.09 37.57
C LEU J 55 1.95 -27.96 36.84
N SER J 56 2.12 -27.92 35.53
CA SER J 56 1.48 -26.92 34.68
C SER J 56 1.19 -27.56 33.32
N PHE J 57 0.53 -26.82 32.43
CA PHE J 57 0.21 -27.42 31.14
C PHE J 57 0.13 -26.40 30.03
N SER J 58 0.16 -26.91 28.81
CA SER J 58 0.17 -26.08 27.61
C SER J 58 -1.22 -25.84 27.05
N LYS J 59 -1.26 -25.12 25.95
CA LYS J 59 -2.49 -24.75 25.26
C LYS J 59 -3.38 -25.98 24.99
N ASP J 60 -2.74 -27.06 24.53
CA ASP J 60 -3.45 -28.29 24.22
C ASP J 60 -3.79 -29.17 25.45
N TRP J 61 -3.61 -28.61 26.65
CA TRP J 61 -3.88 -29.27 27.93
C TRP J 61 -2.88 -30.29 28.37
N SER J 62 -1.82 -30.53 27.57
CA SER J 62 -0.83 -31.53 27.96
C SER J 62 0.08 -30.95 29.01
N PHE J 63 0.53 -31.81 29.92
CA PHE J 63 1.37 -31.41 31.04
C PHE J 63 2.85 -31.35 30.78
N TYR J 64 3.56 -30.60 31.61
CA TYR J 64 5.01 -30.55 31.52
C TYR J 64 5.60 -30.32 32.92
N LEU J 65 6.75 -30.95 33.16
CA LEU J 65 7.46 -30.84 34.43
C LEU J 65 8.96 -30.82 34.18
N LEU J 66 9.69 -30.13 35.04
CA LEU J 66 11.13 -30.15 34.93
C LEU J 66 11.68 -30.83 36.19
N TYR J 67 12.42 -31.92 36.03
CA TYR J 67 13.03 -32.60 37.17
C TYR J 67 14.50 -32.24 37.08
N TYR J 68 15.10 -31.89 38.22
CA TYR J 68 16.49 -31.47 38.19
C TYR J 68 17.24 -31.78 39.47
N THR J 69 18.55 -31.79 39.36
CA THR J 69 19.41 -32.04 40.51
C THR J 69 20.81 -31.49 40.25
N GLU J 70 21.50 -31.10 41.31
CA GLU J 70 22.85 -30.60 41.18
C GLU J 70 23.74 -31.79 40.88
N PHE J 71 24.72 -31.60 40.01
CA PHE J 71 25.65 -32.68 39.68
C PHE J 71 26.95 -32.14 39.12
N THR J 72 28.00 -32.95 39.20
CA THR J 72 29.30 -32.57 38.69
C THR J 72 29.71 -33.59 37.65
N PRO J 73 29.58 -33.23 36.38
CA PRO J 73 29.91 -34.12 35.27
C PRO J 73 31.34 -34.61 35.40
N THR J 74 31.56 -35.88 35.10
CA THR J 74 32.90 -36.43 35.13
C THR J 74 33.06 -37.13 33.79
N GLU J 75 34.30 -37.38 33.42
CA GLU J 75 34.59 -38.04 32.17
C GLU J 75 33.99 -39.44 32.09
N LYS J 76 33.97 -40.14 33.22
CA LYS J 76 33.45 -41.51 33.26
C LYS J 76 31.98 -41.68 33.64
N ASP J 77 31.52 -40.93 34.64
CA ASP J 77 30.13 -41.03 35.09
C ASP J 77 29.12 -40.84 33.97
N GLU J 78 28.11 -41.71 33.94
CA GLU J 78 27.07 -41.62 32.93
C GLU J 78 25.73 -41.28 33.57
N TYR J 79 24.97 -40.40 32.92
CA TYR J 79 23.68 -40.02 33.46
C TYR J 79 22.54 -40.28 32.49
N ALA J 80 21.35 -40.46 33.06
CA ALA J 80 20.17 -40.72 32.27
C ALA J 80 18.89 -40.39 33.02
N CYS J 81 17.77 -40.35 32.29
CA CYS J 81 16.49 -40.05 32.88
C CYS J 81 15.58 -41.24 32.62
N ARG J 82 14.90 -41.70 33.66
CA ARG J 82 13.98 -42.83 33.51
C ARG J 82 12.56 -42.35 33.76
N VAL J 83 11.71 -42.52 32.76
CA VAL J 83 10.33 -42.09 32.85
C VAL J 83 9.30 -43.20 32.68
N ASN J 84 8.29 -43.21 33.55
CA ASN J 84 7.24 -44.20 33.43
C ASN J 84 5.91 -43.43 33.41
N HIS J 85 5.00 -43.88 32.57
CA HIS J 85 3.69 -43.24 32.40
C HIS J 85 2.75 -44.31 31.87
N VAL J 86 1.44 -44.15 32.08
CA VAL J 86 0.52 -45.18 31.61
C VAL J 86 0.59 -45.44 30.13
N THR J 87 1.06 -44.47 29.37
CA THR J 87 1.14 -44.69 27.93
C THR J 87 2.34 -45.55 27.54
N LEU J 88 3.13 -45.95 28.53
CA LEU J 88 4.31 -46.76 28.26
C LEU J 88 4.22 -48.19 28.73
N SER J 89 4.50 -49.13 27.83
CA SER J 89 4.47 -50.55 28.17
C SER J 89 5.57 -50.82 29.20
N GLN J 90 6.58 -49.95 29.22
CA GLN J 90 7.67 -50.09 30.17
C GLN J 90 8.46 -48.79 30.30
N PRO J 91 9.18 -48.63 31.42
CA PRO J 91 9.97 -47.42 31.67
C PRO J 91 10.86 -47.06 30.49
N LYS J 92 10.88 -45.79 30.12
CA LYS J 92 11.71 -45.34 29.02
C LYS J 92 12.91 -44.64 29.64
N ILE J 93 14.08 -44.93 29.08
CA ILE J 93 15.33 -44.36 29.56
C ILE J 93 16.03 -43.58 28.45
N VAL J 94 16.32 -42.33 28.73
CA VAL J 94 17.00 -41.46 27.78
C VAL J 94 18.30 -41.08 28.45
N LYS J 95 19.40 -41.35 27.78
CA LYS J 95 20.71 -41.06 28.34
C LYS J 95 21.12 -39.62 28.08
N TRP J 96 21.86 -39.04 29.02
CA TRP J 96 22.32 -37.68 28.85
C TRP J 96 23.49 -37.68 27.88
N ASP J 97 23.45 -36.77 26.90
CA ASP J 97 24.51 -36.63 25.91
C ASP J 97 24.87 -35.15 25.75
N ARG J 98 26.07 -34.79 26.17
CA ARG J 98 26.55 -33.40 26.10
C ARG J 98 26.24 -32.68 24.80
N ASP J 99 26.11 -33.44 23.71
CA ASP J 99 25.83 -32.88 22.38
C ASP J 99 24.36 -32.54 22.13
N MET J 100 23.50 -32.83 23.09
CA MET J 100 22.06 -32.57 22.98
C MET J 100 21.43 -32.02 24.28
N LEU K 1 -3.51 -11.60 40.07
CA LEU K 1 -4.62 -11.72 41.08
C LEU K 1 -5.74 -12.63 40.53
N LEU K 2 -6.14 -13.62 41.32
CA LEU K 2 -7.18 -14.57 40.93
C LEU K 2 -8.55 -13.97 40.81
N PHE K 3 -9.40 -14.60 40.00
CA PHE K 3 -10.80 -14.22 39.85
C PHE K 3 -11.44 -14.55 41.22
N GLY K 4 -12.36 -13.73 41.71
CA GLY K 4 -12.90 -14.00 43.04
C GLY K 4 -14.24 -14.69 43.25
N TYR K 5 -14.92 -15.10 42.19
CA TYR K 5 -16.24 -15.74 42.31
C TYR K 5 -16.23 -17.21 41.93
N PRO K 6 -17.06 -18.00 42.62
CA PRO K 6 -17.20 -19.45 42.39
C PRO K 6 -17.84 -19.75 41.04
N VAL K 7 -17.31 -20.73 40.33
CA VAL K 7 -17.86 -21.16 39.07
C VAL K 7 -17.92 -22.69 39.11
N TYR K 8 -19.06 -23.27 38.75
CA TYR K 8 -19.21 -24.74 38.77
C TYR K 8 -19.71 -25.26 37.43
N VAL K 9 -19.07 -26.31 36.91
CA VAL K 9 -19.55 -26.85 35.65
C VAL K 9 -20.94 -27.52 35.87
N PRO L 1 2.53 9.05 20.78
CA PRO L 1 3.84 8.51 21.26
C PRO L 1 5.00 9.07 20.46
N TRP L 2 5.80 9.94 21.10
CA TRP L 2 6.97 10.52 20.44
C TRP L 2 8.14 10.56 21.41
N PHE L 3 9.34 10.68 20.86
CA PHE L 3 10.53 10.75 21.69
C PHE L 3 11.74 11.03 20.83
N GLN L 4 12.72 11.72 21.40
CA GLN L 4 13.93 12.02 20.66
C GLN L 4 15.16 11.87 21.54
N ILE L 5 16.16 11.17 21.01
CA ILE L 5 17.42 10.93 21.71
C ILE L 5 18.28 12.20 21.70
N GLU L 6 18.56 12.74 22.89
CA GLU L 6 19.39 13.93 23.00
C GLU L 6 20.87 13.59 23.15
N ASP L 7 21.21 12.84 24.20
CA ASP L 7 22.60 12.48 24.44
C ASP L 7 22.75 10.97 24.67
N ASN L 8 23.98 10.48 24.46
CA ASN L 8 24.29 9.07 24.64
C ASN L 8 25.79 8.89 24.51
N ARG L 9 26.49 9.02 25.63
CA ARG L 9 27.93 8.85 25.65
C ARG L 9 28.34 8.04 26.85
N CYS L 10 29.50 7.38 26.73
CA CYS L 10 30.02 6.51 27.77
C CYS L 10 31.54 6.44 27.65
N TYR L 11 32.20 6.04 28.74
CA TYR L 11 33.64 5.90 28.72
C TYR L 11 34.00 4.98 29.87
N ILE L 12 35.14 4.32 29.76
CA ILE L 12 35.57 3.42 30.81
C ILE L 12 36.81 4.01 31.48
N ASP L 13 36.77 4.11 32.80
CA ASP L 13 37.91 4.65 33.53
C ASP L 13 38.25 3.73 34.70
N ASN L 14 39.22 2.86 34.48
CA ASN L 14 39.66 1.93 35.50
C ASN L 14 38.61 0.86 35.80
N GLY L 15 38.46 -0.08 34.86
CA GLY L 15 37.51 -1.18 35.01
C GLY L 15 36.09 -0.82 35.42
N LYS L 16 35.72 0.44 35.16
CA LYS L 16 34.40 0.91 35.50
C LYS L 16 33.77 1.67 34.35
N LEU L 17 32.46 1.53 34.21
CA LEU L 17 31.73 2.18 33.13
C LEU L 17 31.02 3.42 33.64
N PHE L 18 31.00 4.46 32.81
CA PHE L 18 30.33 5.71 33.12
C PHE L 18 29.57 5.99 31.84
N ALA L 19 28.25 6.12 31.94
CA ALA L 19 27.44 6.36 30.75
C ALA L 19 26.36 7.35 31.09
N ARG L 20 26.18 8.34 30.21
CA ARG L 20 25.21 9.38 30.42
C ARG L 20 24.43 9.55 29.14
N GLY L 21 23.15 9.80 29.28
CA GLY L 21 22.33 9.95 28.09
C GLY L 21 21.04 10.61 28.48
N SER L 22 20.26 10.98 27.49
CA SER L 22 18.99 11.62 27.76
C SER L 22 18.07 11.42 26.59
N ILE L 23 16.78 11.33 26.90
CA ILE L 23 15.75 11.15 25.89
C ILE L 23 14.56 11.97 26.32
N VAL L 24 13.98 12.74 25.40
CA VAL L 24 12.82 13.51 25.79
C VAL L 24 11.63 12.98 25.01
N GLY L 25 10.48 12.98 25.65
CA GLY L 25 9.29 12.47 24.99
C GLY L 25 8.16 12.43 25.97
N ASN L 26 7.00 11.97 25.52
CA ASN L 26 5.86 11.90 26.42
C ASN L 26 5.58 10.47 26.94
N MET L 27 6.61 9.64 27.07
CA MET L 27 6.44 8.26 27.57
C MET L 27 5.89 8.32 28.98
N SER L 28 4.89 7.48 29.28
CA SER L 28 4.30 7.43 30.63
C SER L 28 5.01 6.33 31.44
N ARG L 29 5.70 5.44 30.76
CA ARG L 29 6.41 4.38 31.47
C ARG L 29 7.64 3.99 30.66
N PHE L 30 8.59 3.30 31.29
CA PHE L 30 9.82 2.91 30.59
C PHE L 30 10.49 1.68 31.19
N VAL L 31 11.42 1.10 30.44
CA VAL L 31 12.25 0.01 30.90
C VAL L 31 13.66 0.40 30.41
N PHE L 32 14.64 0.41 31.32
CA PHE L 32 16.03 0.73 31.04
C PHE L 32 16.73 -0.62 31.05
N ASP L 33 17.16 -1.09 29.89
CA ASP L 33 17.76 -2.41 29.80
C ASP L 33 19.15 -2.39 29.17
N PRO L 34 20.17 -2.00 29.95
CA PRO L 34 21.56 -1.95 29.49
C PRO L 34 22.30 -3.27 29.40
N LYS L 35 23.03 -3.46 28.29
CA LYS L 35 23.79 -4.69 28.10
C LYS L 35 25.25 -4.37 27.79
N ALA L 36 26.14 -5.27 28.19
CA ALA L 36 27.55 -5.12 27.90
C ALA L 36 27.76 -5.94 26.63
N ASP L 37 28.46 -5.39 25.64
CA ASP L 37 28.73 -6.16 24.44
C ASP L 37 30.20 -6.50 24.41
N TYR L 38 30.52 -7.79 24.38
CA TYR L 38 31.91 -8.23 24.35
C TYR L 38 32.31 -8.60 22.91
N GLY L 39 31.60 -8.01 21.96
CA GLY L 39 31.85 -8.30 20.55
C GLY L 39 31.17 -9.60 20.18
N GLY L 40 29.88 -9.53 19.87
CA GLY L 40 29.15 -10.74 19.50
C GLY L 40 28.31 -11.32 20.63
N VAL L 41 28.91 -11.54 21.80
CA VAL L 41 28.17 -12.08 22.94
C VAL L 41 28.31 -11.10 24.10
N GLY L 42 27.30 -11.07 24.96
CA GLY L 42 27.33 -10.17 26.09
C GLY L 42 26.53 -10.63 27.30
N GLU L 43 26.10 -9.67 28.10
CA GLU L 43 25.30 -9.97 29.28
C GLU L 43 24.65 -8.70 29.78
N ASN L 44 23.60 -8.87 30.56
CA ASN L 44 22.89 -7.73 31.09
C ASN L 44 23.65 -7.00 32.16
N LEU L 45 23.46 -5.69 32.19
CA LEU L 45 24.11 -4.86 33.20
C LEU L 45 23.03 -4.39 34.16
N TYR L 46 23.40 -4.18 35.41
CA TYR L 46 22.46 -3.74 36.42
C TYR L 46 22.92 -2.45 37.04
N VAL L 47 22.12 -1.41 36.91
CA VAL L 47 22.51 -0.11 37.43
C VAL L 47 21.64 0.30 38.60
N HIS L 48 22.24 1.04 39.53
CA HIS L 48 21.53 1.52 40.70
C HIS L 48 20.45 2.53 40.29
N ALA L 49 19.33 2.56 41.01
CA ALA L 49 18.24 3.46 40.66
C ALA L 49 18.63 4.94 40.65
N ASP L 50 19.64 5.31 41.41
CA ASP L 50 20.06 6.70 41.44
C ASP L 50 20.67 7.14 40.09
N ASP L 51 21.10 6.19 39.25
CA ASP L 51 21.71 6.52 37.97
C ASP L 51 20.69 6.63 36.83
N VAL L 52 19.41 6.55 37.19
CA VAL L 52 18.35 6.64 36.20
C VAL L 52 17.26 7.58 36.69
N GLU L 53 16.89 8.55 35.87
CA GLU L 53 15.84 9.49 36.28
C GLU L 53 14.77 9.57 35.23
N PHE L 54 13.55 9.30 35.65
CA PHE L 54 12.42 9.31 34.74
C PHE L 54 11.42 10.32 35.21
N VAL L 55 10.94 11.15 34.28
CA VAL L 55 9.93 12.15 34.58
C VAL L 55 8.79 11.78 33.63
N PRO L 56 7.75 11.13 34.17
CA PRO L 56 6.59 10.73 33.36
C PRO L 56 6.14 11.84 32.43
N GLY L 57 5.93 11.50 31.16
CA GLY L 57 5.50 12.48 30.18
C GLY L 57 6.55 13.46 29.67
N GLU L 58 7.75 13.45 30.26
CA GLU L 58 8.80 14.37 29.83
C GLU L 58 10.11 13.77 29.38
N SER L 59 10.75 13.00 30.25
CA SER L 59 12.06 12.46 29.90
C SER L 59 12.56 11.25 30.67
N LEU L 60 13.64 10.68 30.13
CA LEU L 60 14.30 9.56 30.73
C LEU L 60 15.78 9.91 30.56
N LYS L 61 16.49 9.99 31.68
CA LYS L 61 17.91 10.30 31.68
C LYS L 61 18.69 9.33 32.54
N TRP L 62 19.90 9.01 32.10
CA TRP L 62 20.74 8.11 32.85
C TRP L 62 22.10 8.73 33.09
N ASN L 63 22.70 8.33 34.21
CA ASN L 63 23.99 8.82 34.62
C ASN L 63 24.65 7.69 35.38
N VAL L 64 24.96 6.63 34.64
CA VAL L 64 25.59 5.45 35.20
C VAL L 64 27.00 5.82 35.65
N ARG L 65 27.32 5.52 36.91
CA ARG L 65 28.62 5.84 37.46
C ARG L 65 29.25 4.69 38.19
N ASN L 66 30.56 4.54 38.02
CA ASN L 66 31.30 3.49 38.69
C ASN L 66 30.74 2.09 38.52
N LEU L 67 30.21 1.78 37.35
CA LEU L 67 29.65 0.46 37.11
C LEU L 67 30.73 -0.53 36.66
N ASP L 68 31.13 -1.43 37.54
CA ASP L 68 32.16 -2.41 37.20
C ASP L 68 31.82 -3.17 35.93
N VAL L 69 32.81 -3.32 35.05
CA VAL L 69 32.63 -4.04 33.80
C VAL L 69 33.88 -4.86 33.56
N MET L 70 33.74 -5.91 32.76
CA MET L 70 34.87 -6.78 32.45
C MET L 70 35.77 -6.15 31.40
N PRO L 71 37.05 -6.57 31.36
CA PRO L 71 38.04 -6.07 30.41
C PRO L 71 37.57 -6.30 28.97
N ILE L 72 36.88 -7.41 28.75
CA ILE L 72 36.39 -7.78 27.43
C ILE L 72 35.36 -6.76 26.92
N PHE L 73 34.97 -5.83 27.79
CA PHE L 73 33.97 -4.82 27.42
C PHE L 73 34.29 -4.12 26.11
N GLU L 74 33.37 -4.18 25.16
CA GLU L 74 33.56 -3.51 23.89
C GLU L 74 32.66 -2.28 23.82
N THR L 75 31.35 -2.47 23.68
CA THR L 75 30.47 -1.31 23.68
C THR L 75 29.27 -1.52 24.60
N LEU L 76 28.44 -0.50 24.67
CA LEU L 76 27.25 -0.53 25.49
C LEU L 76 26.06 -0.69 24.57
N ALA L 77 25.33 -1.80 24.71
CA ALA L 77 24.13 -2.04 23.90
C ALA L 77 22.99 -1.67 24.85
N LEU L 78 22.29 -0.60 24.53
CA LEU L 78 21.23 -0.12 25.37
C LEU L 78 19.85 -0.35 24.80
N ARG L 79 19.10 -1.30 25.37
CA ARG L 79 17.74 -1.57 24.91
C ARG L 79 16.82 -0.74 25.77
N LEU L 80 15.92 0.01 25.15
CA LEU L 80 15.00 0.82 25.91
C LEU L 80 13.59 0.57 25.40
N VAL L 81 12.61 0.61 26.29
CA VAL L 81 11.26 0.45 25.80
C VAL L 81 10.54 1.59 26.45
N LEU L 82 10.02 2.47 25.58
CA LEU L 82 9.37 3.68 25.99
C LEU L 82 7.93 3.58 25.57
N GLN L 83 7.02 3.67 26.54
CA GLN L 83 5.61 3.55 26.24
C GLN L 83 5.37 2.30 25.39
N GLY L 84 6.22 1.29 25.55
CA GLY L 84 6.04 0.08 24.77
C GLY L 84 6.83 -0.03 23.49
N ASP L 85 7.38 1.09 23.01
CA ASP L 85 8.18 1.04 21.80
C ASP L 85 9.61 0.71 22.12
N VAL L 86 10.15 -0.29 21.43
CA VAL L 86 11.51 -0.74 21.64
C VAL L 86 12.50 -0.05 20.71
N ILE L 87 13.61 0.41 21.28
CA ILE L 87 14.67 1.04 20.50
C ILE L 87 15.98 0.63 21.11
N TRP L 88 16.95 0.37 20.25
CA TRP L 88 18.29 0.02 20.72
C TRP L 88 19.23 1.17 20.43
N LEU L 89 20.11 1.47 21.39
CA LEU L 89 21.12 2.50 21.22
C LEU L 89 22.44 1.80 21.39
N ARG L 90 23.48 2.39 20.85
CA ARG L 90 24.80 1.82 21.00
C ARG L 90 25.68 2.94 21.46
N CYS L 91 26.66 2.60 22.27
CA CYS L 91 27.59 3.59 22.76
C CYS L 91 28.98 2.97 22.79
N VAL L 92 29.92 3.61 22.11
CA VAL L 92 31.29 3.15 22.09
C VAL L 92 32.05 3.98 23.12
N PRO L 93 32.73 3.32 24.06
CA PRO L 93 33.48 4.03 25.10
C PRO L 93 34.52 4.94 24.44
N GLU L 94 34.73 6.15 24.96
CA GLU L 94 35.69 7.07 24.41
C GLU L 94 37.04 7.02 25.13
N LEU L 95 36.52 8.61 27.31
CA LEU L 95 37.96 8.85 27.37
C LEU L 95 38.56 8.60 28.78
N GLY M 1 -27.60 36.62 -6.29
CA GLY M 1 -26.65 36.95 -7.40
C GLY M 1 -27.23 36.46 -8.71
N SER M 2 -26.41 35.78 -9.52
CA SER M 2 -26.87 35.22 -10.79
C SER M 2 -27.50 33.84 -10.50
N HIS M 3 -28.40 33.39 -11.37
CA HIS M 3 -29.05 32.11 -11.13
C HIS M 3 -29.10 31.21 -12.34
N SER M 4 -29.45 29.95 -12.09
CA SER M 4 -29.54 29.00 -13.18
C SER M 4 -30.58 27.91 -12.98
N MET M 5 -31.11 27.43 -14.10
CA MET M 5 -32.02 26.31 -14.07
C MET M 5 -31.38 25.26 -14.99
N ARG M 6 -31.36 24.02 -14.52
CA ARG M 6 -30.80 22.91 -15.30
C ARG M 6 -31.59 21.63 -15.14
N TYR M 7 -31.66 20.87 -16.23
CA TYR M 7 -32.32 19.57 -16.24
C TYR M 7 -31.22 18.60 -16.60
N PHE M 8 -31.14 17.51 -15.84
CA PHE M 8 -30.13 16.49 -16.07
C PHE M 8 -30.83 15.16 -16.36
N PHE M 9 -30.44 14.53 -17.47
CA PHE M 9 -31.02 13.26 -17.89
C PHE M 9 -29.97 12.17 -18.06
N THR M 10 -30.25 11.01 -17.46
CA THR M 10 -29.37 9.87 -17.54
C THR M 10 -30.17 8.66 -17.99
N SER M 11 -29.72 8.00 -19.04
CA SER M 11 -30.40 6.82 -19.54
C SER M 11 -29.35 5.72 -19.69
N VAL M 12 -29.62 4.59 -19.06
CA VAL M 12 -28.67 3.47 -19.06
C VAL M 12 -29.31 2.21 -19.63
N SER M 13 -28.76 1.70 -20.73
CA SER M 13 -29.32 0.49 -21.34
C SER M 13 -29.02 -0.72 -20.43
N ARG M 14 -29.91 -1.69 -20.46
CA ARG M 14 -29.80 -2.91 -19.66
C ARG M 14 -30.19 -4.04 -20.61
N PRO M 15 -29.34 -4.33 -21.61
CA PRO M 15 -29.58 -5.38 -22.59
C PRO M 15 -30.16 -6.68 -22.01
N GLY M 16 -31.32 -7.07 -22.54
CA GLY M 16 -31.98 -8.29 -22.10
C GLY M 16 -32.63 -8.25 -20.73
N ARG M 17 -32.65 -7.10 -20.06
CA ARG M 17 -33.24 -7.00 -18.74
C ARG M 17 -34.23 -5.88 -18.67
N GLY M 18 -34.92 -5.68 -19.79
CA GLY M 18 -35.93 -4.64 -19.83
C GLY M 18 -35.46 -3.32 -20.41
N GLU M 19 -36.37 -2.36 -20.30
CA GLU M 19 -36.15 -0.99 -20.77
C GLU M 19 -34.97 -0.29 -20.10
N PRO M 20 -34.37 0.69 -20.80
CA PRO M 20 -33.24 1.40 -20.19
C PRO M 20 -33.73 2.11 -18.92
N ARG M 21 -32.88 2.23 -17.92
CA ARG M 21 -33.22 2.95 -16.70
C ARG M 21 -33.06 4.45 -17.05
N PHE M 22 -34.11 5.24 -16.83
CA PHE M 22 -34.06 6.67 -17.14
C PHE M 22 -34.33 7.49 -15.87
N ILE M 23 -33.41 8.38 -15.50
CA ILE M 23 -33.58 9.25 -14.34
C ILE M 23 -33.45 10.71 -14.77
N ALA M 24 -34.44 11.55 -14.47
CA ALA M 24 -34.35 12.97 -14.80
C ALA M 24 -34.50 13.80 -13.55
N VAL M 25 -33.69 14.85 -13.44
CA VAL M 25 -33.78 15.75 -12.31
C VAL M 25 -33.67 17.20 -12.77
N GLY M 26 -34.38 18.07 -12.06
CA GLY M 26 -34.37 19.48 -12.36
C GLY M 26 -33.83 20.28 -11.19
N TYR M 27 -32.97 21.25 -11.48
CA TYR M 27 -32.37 22.10 -10.46
C TYR M 27 -32.50 23.58 -10.74
N VAL M 28 -32.62 24.36 -9.67
CA VAL M 28 -32.57 25.82 -9.78
C VAL M 28 -31.39 26.02 -8.84
N ASP M 29 -30.28 26.54 -9.38
CA ASP M 29 -29.05 26.71 -8.60
C ASP M 29 -28.69 25.37 -7.96
N ASP M 30 -28.49 25.33 -6.65
CA ASP M 30 -28.13 24.07 -6.01
C ASP M 30 -29.31 23.32 -5.41
N THR M 31 -30.53 23.68 -5.81
CA THR M 31 -31.70 23.04 -5.22
C THR M 31 -32.48 22.22 -6.23
N GLN M 32 -32.54 20.92 -5.98
CA GLN M 32 -33.29 20.04 -6.89
C GLN M 32 -34.77 20.35 -6.65
N PHE M 33 -35.59 20.41 -7.70
CA PHE M 33 -37.01 20.68 -7.48
C PHE M 33 -37.95 19.67 -8.15
N VAL M 34 -37.46 18.83 -9.04
CA VAL M 34 -38.30 17.81 -9.66
C VAL M 34 -37.50 16.59 -10.04
N ARG M 35 -38.19 15.48 -10.26
CA ARG M 35 -37.54 14.27 -10.68
C ARG M 35 -38.49 13.28 -11.27
N PHE M 36 -37.91 12.37 -12.05
CA PHE M 36 -38.65 11.31 -12.67
C PHE M 36 -37.74 10.11 -12.74
N ASP M 37 -38.29 8.96 -12.33
CA ASP M 37 -37.54 7.72 -12.33
C ASP M 37 -38.36 6.70 -13.08
N SER M 38 -37.85 6.23 -14.22
CA SER M 38 -38.56 5.26 -15.05
C SER M 38 -38.91 3.98 -14.31
N ASP M 39 -38.20 3.70 -13.23
CA ASP M 39 -38.42 2.49 -12.46
C ASP M 39 -39.34 2.67 -11.25
N ALA M 40 -39.66 3.92 -10.92
CA ALA M 40 -40.52 4.12 -9.76
C ALA M 40 -41.97 3.82 -10.15
N ALA M 41 -42.79 3.59 -9.14
CA ALA M 41 -44.19 3.26 -9.35
C ALA M 41 -45.06 4.40 -9.82
N SER M 42 -44.82 5.60 -9.31
CA SER M 42 -45.67 6.73 -9.67
C SER M 42 -45.80 7.02 -11.15
N GLN M 43 -44.69 6.91 -11.88
CA GLN M 43 -44.69 7.22 -13.30
C GLN M 43 -45.13 8.67 -13.52
N ARG M 44 -44.73 9.54 -12.62
CA ARG M 44 -45.03 10.94 -12.76
C ARG M 44 -43.84 11.81 -12.40
N MET M 45 -43.83 13.02 -12.94
CA MET M 45 -42.76 13.94 -12.59
C MET M 45 -43.16 14.28 -11.15
N GLU M 46 -42.23 14.21 -10.22
CA GLU M 46 -42.57 14.49 -8.82
C GLU M 46 -41.83 15.71 -8.28
N PRO M 47 -42.44 16.38 -7.30
CA PRO M 47 -41.89 17.57 -6.65
C PRO M 47 -40.78 17.18 -5.68
N ARG M 48 -39.73 17.98 -5.60
CA ARG M 48 -38.66 17.70 -4.65
C ARG M 48 -38.30 18.95 -3.87
N ALA M 49 -39.04 20.02 -4.11
CA ALA M 49 -38.85 21.29 -3.40
C ALA M 49 -40.25 21.81 -3.09
N PRO M 50 -40.47 22.38 -1.90
CA PRO M 50 -41.79 22.89 -1.52
C PRO M 50 -42.39 23.92 -2.46
N TRP M 51 -41.58 24.88 -2.92
CA TRP M 51 -42.10 25.92 -3.81
C TRP M 51 -42.61 25.46 -5.16
N ILE M 52 -42.28 24.26 -5.62
CA ILE M 52 -42.80 23.81 -6.92
C ILE M 52 -44.16 23.14 -6.72
N GLU M 53 -44.46 22.74 -5.49
CA GLU M 53 -45.74 22.08 -5.24
C GLU M 53 -46.91 23.02 -5.43
N GLN M 54 -46.69 24.33 -5.46
CA GLN M 54 -47.81 25.23 -5.67
C GLN M 54 -48.24 25.30 -7.13
N GLU M 55 -47.56 24.53 -8.00
CA GLU M 55 -47.92 24.50 -9.43
C GLU M 55 -49.12 23.57 -9.58
N GLY M 56 -50.08 23.99 -10.40
CA GLY M 56 -51.28 23.21 -10.59
C GLY M 56 -51.15 21.93 -11.36
N PRO M 57 -52.25 21.20 -11.49
CA PRO M 57 -52.37 19.91 -12.19
C PRO M 57 -51.93 19.94 -13.65
N GLU M 58 -52.20 21.02 -14.36
CA GLU M 58 -51.79 21.05 -15.75
C GLU M 58 -50.27 21.07 -15.84
N TYR M 59 -49.62 21.72 -14.89
CA TYR M 59 -48.15 21.75 -14.89
C TYR M 59 -47.65 20.30 -14.77
N TRP M 60 -48.14 19.57 -13.78
CA TRP M 60 -47.69 18.20 -13.57
C TRP M 60 -48.01 17.23 -14.68
N ASP M 61 -49.18 17.35 -15.29
CA ASP M 61 -49.52 16.47 -16.40
C ASP M 61 -48.60 16.79 -17.57
N GLY M 62 -48.38 18.09 -17.80
CA GLY M 62 -47.53 18.50 -18.89
C GLY M 62 -46.10 18.02 -18.70
N GLU M 63 -45.53 18.25 -17.52
CA GLU M 63 -44.13 17.84 -17.27
C GLU M 63 -43.97 16.32 -17.33
N THR M 64 -44.98 15.61 -16.83
CA THR M 64 -44.95 14.14 -16.83
C THR M 64 -44.91 13.67 -18.29
N ARG M 65 -45.79 14.22 -19.11
CA ARG M 65 -45.85 13.86 -20.52
C ARG M 65 -44.53 14.19 -21.24
N LYS M 66 -44.01 15.40 -21.01
CA LYS M 66 -42.75 15.79 -21.64
C LYS M 66 -41.57 14.95 -21.15
N VAL M 67 -41.50 14.66 -19.85
CA VAL M 67 -40.37 13.89 -19.35
C VAL M 67 -40.42 12.46 -19.89
N LYS M 68 -41.62 11.91 -20.02
CA LYS M 68 -41.77 10.56 -20.59
C LYS M 68 -41.29 10.61 -22.04
N ALA M 69 -41.63 11.69 -22.75
CA ALA M 69 -41.17 11.81 -24.14
C ALA M 69 -39.62 11.84 -24.18
N HIS M 70 -38.98 12.57 -23.25
CA HIS M 70 -37.49 12.64 -23.21
C HIS M 70 -36.98 11.23 -23.02
N SER M 71 -37.70 10.46 -22.19
CA SER M 71 -37.35 9.09 -21.87
C SER M 71 -37.32 8.24 -23.13
N GLN M 72 -38.32 8.43 -23.96
CA GLN M 72 -38.40 7.65 -25.17
C GLN M 72 -37.38 8.06 -26.24
N THR M 73 -37.09 9.35 -26.37
CA THR M 73 -36.08 9.73 -27.37
C THR M 73 -34.71 9.16 -26.94
N HIS M 74 -34.42 9.13 -25.64
CA HIS M 74 -33.18 8.54 -25.18
C HIS M 74 -33.12 7.03 -25.40
N ARG M 75 -34.28 6.38 -25.34
CA ARG M 75 -34.31 4.94 -25.56
C ARG M 75 -33.87 4.73 -27.02
N VAL M 76 -34.39 5.56 -27.90
CA VAL M 76 -34.00 5.47 -29.30
C VAL M 76 -32.53 5.82 -29.48
N ASP M 77 -32.08 6.87 -28.78
CA ASP M 77 -30.68 7.31 -28.86
C ASP M 77 -29.69 6.19 -28.54
N LEU M 78 -29.93 5.43 -27.48
CA LEU M 78 -29.01 4.36 -27.11
C LEU M 78 -28.81 3.41 -28.29
N GLY M 79 -29.90 3.11 -29.01
CA GLY M 79 -29.78 2.24 -30.17
C GLY M 79 -29.03 2.93 -31.30
N THR M 80 -29.31 4.20 -31.51
CA THR M 80 -28.63 4.95 -32.56
C THR M 80 -27.10 5.04 -32.29
N LEU M 81 -26.74 5.32 -31.04
CA LEU M 81 -25.34 5.47 -30.67
C LEU M 81 -24.60 4.13 -30.71
N ARG M 82 -25.27 3.05 -30.30
CA ARG M 82 -24.64 1.73 -30.36
C ARG M 82 -24.27 1.50 -31.84
N GLY M 83 -25.12 1.97 -32.74
CA GLY M 83 -24.85 1.84 -34.16
C GLY M 83 -23.70 2.72 -34.63
N TYR M 84 -23.76 4.01 -34.33
CA TYR M 84 -22.70 4.94 -34.73
C TYR M 84 -21.32 4.49 -34.32
N TYR M 85 -21.23 3.84 -33.17
CA TYR M 85 -19.94 3.37 -32.65
C TYR M 85 -19.70 1.89 -32.88
N ASN M 86 -20.52 1.27 -33.72
CA ASN M 86 -20.41 -0.16 -34.04
C ASN M 86 -20.20 -1.00 -32.79
N GLN M 87 -21.04 -0.80 -31.79
CA GLN M 87 -20.89 -1.57 -30.58
C GLN M 87 -21.86 -2.73 -30.53
N SER M 88 -21.50 -3.72 -29.73
CA SER M 88 -22.33 -4.90 -29.53
C SER M 88 -23.70 -4.51 -28.99
N GLU M 89 -24.66 -5.37 -29.29
CA GLU M 89 -26.03 -5.21 -28.86
C GLU M 89 -26.16 -5.74 -27.42
N ALA M 90 -25.07 -6.23 -26.84
CA ALA M 90 -25.12 -6.81 -25.52
C ALA M 90 -24.68 -5.97 -24.36
N GLY M 91 -23.78 -5.02 -24.62
CA GLY M 91 -23.29 -4.20 -23.53
C GLY M 91 -24.24 -3.12 -23.05
N SER M 92 -24.01 -2.69 -21.82
CA SER M 92 -24.76 -1.63 -21.18
C SER M 92 -24.03 -0.31 -21.53
N HIS M 93 -24.78 0.68 -22.02
CA HIS M 93 -24.22 2.00 -22.35
C HIS M 93 -25.01 3.14 -21.67
N THR M 94 -24.36 4.28 -21.50
CA THR M 94 -24.99 5.43 -20.85
C THR M 94 -25.08 6.69 -21.73
N VAL M 95 -26.28 7.24 -21.86
CA VAL M 95 -26.42 8.50 -22.59
C VAL M 95 -26.88 9.53 -21.55
N GLN M 96 -26.23 10.70 -21.54
CA GLN M 96 -26.59 11.79 -20.62
C GLN M 96 -26.86 13.03 -21.43
N ARG M 97 -27.74 13.87 -20.93
CA ARG M 97 -28.12 15.09 -21.59
C ARG M 97 -28.36 16.15 -20.52
N MET M 98 -28.00 17.39 -20.84
CA MET M 98 -28.18 18.49 -19.92
C MET M 98 -28.54 19.72 -20.73
N TYR M 99 -29.48 20.49 -20.22
CA TYR M 99 -29.83 21.74 -20.85
C TYR M 99 -30.37 22.66 -19.80
N GLY M 100 -30.34 23.96 -20.10
CA GLY M 100 -30.80 24.92 -19.14
C GLY M 100 -30.25 26.30 -19.43
N CYS M 101 -30.57 27.23 -18.54
CA CYS M 101 -30.18 28.62 -18.70
C CYS M 101 -29.62 29.27 -17.43
N ASP M 102 -28.91 30.37 -17.64
CA ASP M 102 -28.31 31.17 -16.57
C ASP M 102 -28.81 32.60 -16.74
N VAL M 103 -29.12 33.26 -15.63
CA VAL M 103 -29.50 34.66 -15.70
C VAL M 103 -28.55 35.38 -14.75
N GLY M 104 -28.31 36.66 -15.01
CA GLY M 104 -27.42 37.43 -14.15
C GLY M 104 -28.25 38.02 -13.03
N SER M 105 -27.60 38.75 -12.12
CA SER M 105 -28.32 39.36 -11.01
C SER M 105 -29.46 40.26 -11.50
N ASP M 106 -29.40 40.69 -12.76
CA ASP M 106 -30.46 41.52 -13.32
C ASP M 106 -31.58 40.66 -13.89
N TRP M 107 -31.46 39.33 -13.73
CA TRP M 107 -32.46 38.38 -14.22
C TRP M 107 -32.61 38.32 -15.73
N ARG M 108 -31.59 38.81 -16.44
CA ARG M 108 -31.60 38.76 -17.92
C ARG M 108 -30.83 37.55 -18.40
N PHE M 109 -31.25 36.99 -19.53
CA PHE M 109 -30.59 35.82 -20.09
C PHE M 109 -29.09 36.05 -20.13
N LEU M 110 -28.32 35.12 -19.57
CA LEU M 110 -26.88 35.24 -19.55
C LEU M 110 -26.24 34.20 -20.45
N ARG M 111 -26.71 32.97 -20.36
CA ARG M 111 -26.18 31.90 -21.17
C ARG M 111 -27.11 30.68 -21.21
N GLY M 112 -27.02 29.89 -22.28
CA GLY M 112 -27.84 28.70 -22.45
C GLY M 112 -26.98 27.48 -22.71
N TYR M 113 -27.53 26.29 -22.46
CA TYR M 113 -26.76 25.08 -22.70
C TYR M 113 -27.67 23.97 -23.19
N HIS M 114 -27.11 23.08 -23.99
CA HIS M 114 -27.83 21.90 -24.47
C HIS M 114 -26.79 20.96 -25.02
N GLN M 115 -26.46 19.94 -24.23
CA GLN M 115 -25.41 19.03 -24.64
C GLN M 115 -25.61 17.59 -24.18
N TYR M 116 -24.97 16.67 -24.91
CA TYR M 116 -25.04 15.25 -24.66
C TYR M 116 -23.68 14.64 -24.47
N ALA M 117 -23.66 13.51 -23.78
CA ALA M 117 -22.46 12.74 -23.54
C ALA M 117 -22.87 11.29 -23.75
N TYR M 118 -21.91 10.46 -24.16
CA TYR M 118 -22.14 9.05 -24.38
C TYR M 118 -20.98 8.30 -23.75
N ASP M 119 -21.30 7.35 -22.91
CA ASP M 119 -20.33 6.56 -22.18
C ASP M 119 -19.25 7.36 -21.45
N GLY M 120 -19.64 8.41 -20.75
CA GLY M 120 -18.66 9.17 -19.98
C GLY M 120 -17.87 10.29 -20.66
N LYS M 121 -18.07 10.53 -21.95
CA LYS M 121 -17.35 11.62 -22.63
C LYS M 121 -18.31 12.45 -23.47
N ASP M 122 -17.92 13.68 -23.77
CA ASP M 122 -18.72 14.57 -24.57
C ASP M 122 -19.08 13.88 -25.89
N TYR M 123 -20.25 14.23 -26.39
CA TYR M 123 -20.73 13.72 -27.67
C TYR M 123 -21.04 14.92 -28.56
N ILE M 124 -21.94 15.81 -28.13
CA ILE M 124 -22.22 17.01 -28.93
C ILE M 124 -22.73 18.09 -27.99
N ALA M 125 -22.50 19.36 -28.33
CA ALA M 125 -22.93 20.46 -27.49
C ALA M 125 -23.31 21.67 -28.32
N LEU M 126 -24.26 22.46 -27.82
CA LEU M 126 -24.67 23.68 -28.49
C LEU M 126 -23.67 24.75 -28.04
N LYS M 127 -23.11 25.50 -28.98
CA LYS M 127 -22.14 26.55 -28.63
C LYS M 127 -22.83 27.72 -27.98
N GLU M 128 -22.06 28.55 -27.29
CA GLU M 128 -22.62 29.71 -26.61
C GLU M 128 -23.41 30.65 -27.51
N ASP M 129 -23.17 30.63 -28.82
CA ASP M 129 -23.94 31.51 -29.71
C ASP M 129 -25.36 30.97 -29.93
N LEU M 130 -25.64 29.78 -29.38
CA LEU M 130 -26.96 29.14 -29.50
C LEU M 130 -27.40 28.93 -30.96
N ARG M 131 -26.43 28.76 -31.85
CA ARG M 131 -26.73 28.55 -33.25
C ARG M 131 -25.92 27.41 -33.81
N SER M 132 -24.68 27.29 -33.40
CA SER M 132 -23.87 26.21 -33.96
C SER M 132 -23.54 25.08 -32.99
N TRP M 133 -23.23 23.92 -33.55
CA TRP M 133 -22.91 22.74 -32.77
C TRP M 133 -21.45 22.36 -32.79
N THR M 134 -21.00 21.76 -31.68
CA THR M 134 -19.66 21.26 -31.55
C THR M 134 -19.75 19.74 -31.41
N ALA M 135 -19.40 19.02 -32.46
CA ALA M 135 -19.40 17.58 -32.44
C ALA M 135 -18.07 17.19 -31.82
N ALA M 136 -18.10 16.41 -30.76
CA ALA M 136 -16.88 15.99 -30.05
C ALA M 136 -15.97 15.08 -30.84
N ASP M 137 -16.55 14.31 -31.77
CA ASP M 137 -15.77 13.40 -32.59
C ASP M 137 -16.43 13.17 -33.92
N MET M 138 -15.92 12.20 -34.67
CA MET M 138 -16.41 11.85 -36.00
C MET M 138 -17.86 11.38 -35.99
N ALA M 139 -18.18 10.43 -35.12
CA ALA M 139 -19.55 9.93 -35.04
C ALA M 139 -20.55 11.06 -34.79
N ALA M 140 -20.24 11.97 -33.85
CA ALA M 140 -21.13 13.07 -33.53
C ALA M 140 -21.44 13.97 -34.72
N GLN M 141 -20.59 13.92 -35.73
CA GLN M 141 -20.81 14.75 -36.93
C GLN M 141 -22.14 14.39 -37.57
N THR M 142 -22.47 13.10 -37.55
CA THR M 142 -23.74 12.64 -38.11
C THR M 142 -24.90 13.33 -37.42
N THR M 143 -24.85 13.35 -36.11
CA THR M 143 -25.92 14.01 -35.35
C THR M 143 -25.92 15.51 -35.68
N LYS M 144 -24.73 16.08 -35.78
CA LYS M 144 -24.64 17.53 -36.08
C LYS M 144 -25.35 17.85 -37.36
N HIS M 145 -25.08 17.06 -38.39
CA HIS M 145 -25.71 17.23 -39.69
C HIS M 145 -27.24 17.02 -39.55
N LYS M 146 -27.61 15.97 -38.85
CA LYS M 146 -29.02 15.70 -38.63
C LYS M 146 -29.71 16.88 -37.90
N TRP M 147 -29.07 17.42 -36.87
CA TRP M 147 -29.69 18.53 -36.15
C TRP M 147 -29.80 19.82 -36.94
N GLU M 148 -28.86 20.01 -37.87
CA GLU M 148 -28.85 21.20 -38.74
C GLU M 148 -29.99 21.04 -39.73
N ALA M 149 -30.16 19.84 -40.26
CA ALA M 149 -31.27 19.62 -41.20
C ALA M 149 -32.64 19.78 -40.54
N ALA M 150 -32.73 19.43 -39.25
CA ALA M 150 -34.00 19.53 -38.50
C ALA M 150 -34.18 20.83 -37.72
N HIS M 151 -33.21 21.74 -37.85
CA HIS M 151 -33.28 23.02 -37.16
C HIS M 151 -33.52 22.93 -35.66
N VAL M 152 -32.79 22.03 -35.03
CA VAL M 152 -32.89 21.85 -33.60
C VAL M 152 -32.36 23.10 -32.86
N ALA M 153 -31.31 23.72 -33.39
CA ALA M 153 -30.75 24.90 -32.70
C ALA M 153 -31.75 26.02 -32.60
N GLU M 154 -32.49 26.24 -33.68
CA GLU M 154 -33.48 27.32 -33.66
C GLU M 154 -34.56 27.06 -32.60
N GLN M 155 -34.96 25.80 -32.44
CA GLN M 155 -35.99 25.49 -31.44
C GLN M 155 -35.44 25.67 -30.04
N LEU M 156 -34.24 25.17 -29.81
CA LEU M 156 -33.61 25.27 -28.49
C LEU M 156 -33.35 26.70 -28.09
N ARG M 157 -32.89 27.51 -29.03
CA ARG M 157 -32.62 28.92 -28.73
C ARG M 157 -33.87 29.64 -28.28
N ALA M 158 -34.97 29.42 -28.98
CA ALA M 158 -36.23 30.07 -28.58
C ALA M 158 -36.58 29.67 -27.13
N TYR M 159 -36.43 28.39 -26.81
CA TYR M 159 -36.72 27.90 -25.45
C TYR M 159 -35.73 28.45 -24.41
N LEU M 160 -34.44 28.34 -24.67
CA LEU M 160 -33.44 28.81 -23.72
C LEU M 160 -33.50 30.31 -23.41
N GLU M 161 -33.76 31.14 -24.41
CA GLU M 161 -33.83 32.59 -24.19
C GLU M 161 -35.21 33.06 -23.78
N GLY M 162 -36.23 32.25 -24.02
CA GLY M 162 -37.59 32.65 -23.64
C GLY M 162 -38.15 31.87 -22.47
N THR M 163 -38.83 30.78 -22.80
CA THR M 163 -39.45 29.87 -21.84
C THR M 163 -38.58 29.54 -20.63
N CYS M 164 -37.35 29.10 -20.87
CA CYS M 164 -36.43 28.74 -19.78
C CYS M 164 -36.20 29.86 -18.77
N VAL M 165 -35.83 31.03 -19.25
CA VAL M 165 -35.59 32.13 -18.33
C VAL M 165 -36.90 32.62 -17.71
N GLU M 166 -38.00 32.53 -18.46
CA GLU M 166 -39.27 32.98 -17.91
C GLU M 166 -39.67 32.12 -16.72
N TRP M 167 -39.55 30.80 -16.84
CA TRP M 167 -39.92 29.93 -15.73
C TRP M 167 -38.92 30.00 -14.60
N LEU M 168 -37.64 30.18 -14.94
CA LEU M 168 -36.64 30.34 -13.90
C LEU M 168 -37.02 31.56 -13.02
N ARG M 169 -37.41 32.66 -13.66
CA ARG M 169 -37.78 33.84 -12.88
C ARG M 169 -39.00 33.57 -12.01
N ARG M 170 -39.97 32.86 -12.57
CA ARG M 170 -41.16 32.50 -11.81
C ARG M 170 -40.76 31.65 -10.61
N TYR M 171 -39.85 30.70 -10.80
CA TYR M 171 -39.40 29.85 -9.70
C TYR M 171 -38.67 30.64 -8.65
N LEU M 172 -37.79 31.55 -9.08
CA LEU M 172 -37.02 32.35 -8.14
C LEU M 172 -37.94 33.19 -7.25
N GLU M 173 -39.01 33.70 -7.83
CA GLU M 173 -39.98 34.49 -7.08
C GLU M 173 -40.82 33.57 -6.15
N ASN M 174 -41.48 32.54 -6.68
CA ASN M 174 -42.30 31.67 -5.81
C ASN M 174 -41.48 31.06 -4.69
N GLY M 175 -40.23 30.71 -5.00
CA GLY M 175 -39.39 30.11 -4.00
C GLY M 175 -38.40 31.06 -3.37
N LYS M 176 -38.66 32.35 -3.48
CA LYS M 176 -37.73 33.35 -2.96
C LYS M 176 -37.25 33.09 -1.54
N GLU M 177 -38.13 32.61 -0.66
CA GLU M 177 -37.73 32.38 0.73
C GLU M 177 -36.61 31.36 0.89
N THR M 178 -36.45 30.48 -0.08
CA THR M 178 -35.40 29.47 0.02
C THR M 178 -34.37 29.52 -1.14
N LEU M 179 -34.73 30.15 -2.26
CA LEU M 179 -33.80 30.22 -3.37
C LEU M 179 -33.02 31.52 -3.39
N GLN M 180 -33.65 32.61 -2.90
CA GLN M 180 -33.01 33.90 -2.91
C GLN M 180 -32.45 34.37 -1.57
N ARG M 181 -32.72 33.62 -0.51
CA ARG M 181 -32.20 33.98 0.79
C ARG M 181 -30.91 33.19 0.95
N THR M 182 -30.08 33.58 1.91
CA THR M 182 -28.82 32.89 2.10
C THR M 182 -28.76 32.32 3.49
N ASP M 183 -27.89 31.31 3.64
CA ASP M 183 -27.62 30.69 4.91
C ASP M 183 -26.11 30.83 5.07
N ALA M 184 -25.69 31.62 6.05
CA ALA M 184 -24.27 31.87 6.26
C ALA M 184 -23.55 30.66 6.81
N PRO M 185 -22.28 30.45 6.44
CA PRO M 185 -21.58 29.30 6.97
C PRO M 185 -21.28 29.47 8.45
N LYS M 186 -21.45 28.41 9.22
CA LYS M 186 -21.10 28.46 10.63
C LYS M 186 -19.68 27.93 10.60
N THR M 187 -18.75 28.70 11.13
CA THR M 187 -17.35 28.30 11.05
C THR M 187 -16.65 28.07 12.37
N HIS M 188 -15.60 27.26 12.31
CA HIS M 188 -14.77 26.98 13.46
C HIS M 188 -13.50 26.31 12.96
N MET M 189 -12.48 26.24 13.81
CA MET M 189 -11.23 25.63 13.39
C MET M 189 -10.84 24.54 14.37
N THR M 190 -10.26 23.45 13.88
CA THR M 190 -9.81 22.39 14.76
C THR M 190 -8.30 22.23 14.59
N HIS M 191 -7.68 21.70 15.64
CA HIS M 191 -6.25 21.47 15.68
C HIS M 191 -6.00 19.98 16.00
N HIS M 192 -5.19 19.34 15.17
CA HIS M 192 -4.85 17.92 15.34
C HIS M 192 -3.33 17.78 15.24
N ALA M 193 -2.68 17.32 16.29
CA ALA M 193 -1.23 17.12 16.25
C ALA M 193 -0.88 15.91 15.38
N VAL M 194 -0.12 16.13 14.31
CA VAL M 194 0.28 15.05 13.42
C VAL M 194 1.49 14.33 14.00
N SER M 195 2.35 15.14 14.64
CA SER M 195 3.58 14.70 15.30
C SER M 195 3.98 15.83 16.24
N ASP M 196 5.20 15.77 16.77
CA ASP M 196 5.64 16.84 17.65
C ASP M 196 6.27 17.98 16.83
N HIS M 197 6.38 17.78 15.52
CA HIS M 197 6.93 18.79 14.60
C HIS M 197 5.85 19.44 13.75
N GLU M 198 4.79 18.68 13.45
CA GLU M 198 3.72 19.21 12.64
C GLU M 198 2.32 19.07 13.25
N ALA M 199 1.44 19.96 12.82
CA ALA M 199 0.07 19.97 13.27
C ALA M 199 -0.82 20.35 12.09
N THR M 200 -2.04 19.84 12.10
CA THR M 200 -3.01 20.10 11.06
C THR M 200 -4.04 21.07 11.59
N LEU M 201 -4.26 22.16 10.87
CA LEU M 201 -5.31 23.11 11.24
C LEU M 201 -6.40 22.90 10.22
N ARG M 202 -7.63 22.67 10.67
CA ARG M 202 -8.71 22.43 9.72
C ARG M 202 -9.75 23.51 9.92
N CYS M 203 -10.09 24.18 8.82
CA CYS M 203 -11.08 25.26 8.85
C CYS M 203 -12.42 24.76 8.32
N TRP M 204 -13.45 24.84 9.15
CA TRP M 204 -14.79 24.35 8.79
C TRP M 204 -15.85 25.36 8.41
N ALA M 205 -16.62 25.05 7.38
CA ALA M 205 -17.74 25.88 6.95
C ALA M 205 -18.91 24.88 6.90
N LEU M 206 -19.92 25.13 7.73
CA LEU M 206 -21.08 24.23 7.79
C LEU M 206 -22.40 24.93 7.66
N SER M 207 -23.40 24.17 7.20
CA SER M 207 -24.76 24.64 7.08
C SER M 207 -24.97 25.89 6.24
N PHE M 208 -24.30 26.00 5.10
CA PHE M 208 -24.45 27.19 4.25
C PHE M 208 -25.20 26.94 2.96
N TYR M 209 -25.75 28.02 2.40
CA TYR M 209 -26.48 27.97 1.14
C TYR M 209 -26.41 29.39 0.57
N PRO M 210 -26.13 29.54 -0.73
CA PRO M 210 -25.87 28.51 -1.73
C PRO M 210 -24.54 27.77 -1.53
N ALA M 211 -24.30 26.76 -2.35
CA ALA M 211 -23.10 25.93 -2.25
C ALA M 211 -21.80 26.68 -2.54
N GLU M 212 -21.86 27.66 -3.43
CA GLU M 212 -20.69 28.44 -3.80
C GLU M 212 -20.02 29.03 -2.56
N ILE M 213 -18.72 28.78 -2.40
CA ILE M 213 -18.00 29.30 -1.26
C ILE M 213 -16.50 29.28 -1.53
N THR M 214 -15.75 30.10 -0.83
CA THR M 214 -14.28 30.10 -1.00
C THR M 214 -13.62 30.04 0.35
N LEU M 215 -12.83 29.00 0.56
CA LEU M 215 -12.10 28.80 1.79
C LEU M 215 -10.62 28.94 1.38
N THR M 216 -9.86 29.84 2.01
CA THR M 216 -8.44 29.98 1.67
C THR M 216 -7.60 30.18 2.92
N TRP M 217 -6.39 29.64 2.89
CA TRP M 217 -5.48 29.78 4.01
C TRP M 217 -4.42 30.84 3.66
N GLN M 218 -3.98 31.56 4.68
CA GLN M 218 -2.92 32.55 4.52
C GLN M 218 -1.92 32.38 5.64
N ARG M 219 -0.65 32.63 5.35
CA ARG M 219 0.41 32.54 6.34
C ARG M 219 0.99 33.94 6.36
N ASP M 220 0.93 34.61 7.50
CA ASP M 220 1.42 35.98 7.60
C ASP M 220 0.76 36.83 6.53
N GLY M 221 -0.53 36.61 6.30
CA GLY M 221 -1.24 37.39 5.32
C GLY M 221 -1.03 37.09 3.84
N GLU M 222 -0.35 36.00 3.50
CA GLU M 222 -0.19 35.68 2.08
C GLU M 222 -0.85 34.34 1.84
N ASP M 223 -1.49 34.19 0.69
CA ASP M 223 -2.16 32.95 0.34
C ASP M 223 -1.19 31.79 0.41
N GLN M 224 -1.70 30.65 0.86
CA GLN M 224 -0.93 29.43 1.01
C GLN M 224 -1.65 28.29 0.32
N THR M 225 -0.94 27.63 -0.59
CA THR M 225 -1.47 26.51 -1.36
C THR M 225 -0.76 25.26 -0.93
N GLN M 226 0.54 25.38 -0.74
CA GLN M 226 1.37 24.27 -0.35
C GLN M 226 0.99 23.72 1.01
N ASP M 227 0.98 22.40 1.11
CA ASP M 227 0.66 21.72 2.35
C ASP M 227 -0.79 21.96 2.82
N THR M 228 -1.69 22.28 1.89
CA THR M 228 -3.10 22.47 2.22
C THR M 228 -3.92 21.43 1.48
N GLU M 229 -5.12 21.17 2.00
CA GLU M 229 -6.03 20.20 1.38
C GLU M 229 -7.42 20.81 1.43
N LEU M 230 -8.15 20.70 0.33
CA LEU M 230 -9.49 21.25 0.27
C LEU M 230 -10.44 20.17 -0.22
N VAL M 231 -11.41 19.76 0.59
CA VAL M 231 -12.34 18.72 0.13
C VAL M 231 -13.45 19.29 -0.73
N GLU M 232 -14.08 18.42 -1.50
CA GLU M 232 -15.18 18.85 -2.35
C GLU M 232 -16.34 19.36 -1.45
N THR M 233 -17.00 20.41 -1.87
CA THR M 233 -18.15 20.92 -1.13
C THR M 233 -19.15 19.76 -1.12
N ARG M 234 -19.81 19.52 0.02
CA ARG M 234 -20.73 18.38 0.11
C ARG M 234 -22.09 18.71 0.73
N PRO M 235 -23.15 17.98 0.33
CA PRO M 235 -24.50 18.24 0.88
C PRO M 235 -24.67 17.71 2.29
N ALA M 236 -25.20 18.54 3.18
CA ALA M 236 -25.43 18.12 4.55
C ALA M 236 -26.65 17.21 4.59
N GLY M 237 -27.50 17.31 3.55
CA GLY M 237 -28.68 16.48 3.50
C GLY M 237 -29.97 17.21 3.82
N ASP M 238 -29.90 18.44 4.32
CA ASP M 238 -31.07 19.23 4.66
C ASP M 238 -31.22 20.46 3.76
N GLY M 239 -30.49 20.49 2.65
CA GLY M 239 -30.56 21.63 1.76
C GLY M 239 -29.33 22.54 1.87
N THR M 240 -28.54 22.40 2.94
CA THR M 240 -27.34 23.19 3.10
C THR M 240 -26.09 22.41 2.73
N PHE M 241 -24.95 23.08 2.78
CA PHE M 241 -23.71 22.45 2.38
C PHE M 241 -22.60 22.57 3.40
N GLN M 242 -21.56 21.77 3.20
CA GLN M 242 -20.41 21.79 4.11
C GLN M 242 -19.12 21.73 3.32
N LYS M 243 -18.05 22.24 3.92
CA LYS M 243 -16.75 22.19 3.27
C LYS M 243 -15.68 22.54 4.29
N TRP M 244 -14.49 21.96 4.13
CA TRP M 244 -13.39 22.31 5.02
C TRP M 244 -12.11 22.42 4.21
N ALA M 245 -11.14 23.10 4.81
CA ALA M 245 -9.84 23.30 4.19
C ALA M 245 -8.83 23.10 5.27
N ALA M 246 -7.79 22.34 4.98
CA ALA M 246 -6.76 22.06 5.97
C ALA M 246 -5.36 22.50 5.51
N VAL M 247 -4.51 22.76 6.48
CA VAL M 247 -3.13 23.12 6.22
C VAL M 247 -2.24 22.49 7.29
N VAL M 248 -1.15 21.85 6.86
CA VAL M 248 -0.23 21.20 7.79
C VAL M 248 0.84 22.23 8.12
N VAL M 249 1.00 22.53 9.40
CA VAL M 249 1.97 23.52 9.82
C VAL M 249 2.99 23.04 10.86
N PRO M 250 4.13 23.75 10.97
CA PRO M 250 5.19 23.41 11.93
C PRO M 250 4.70 23.71 13.33
N SER M 251 4.97 22.81 14.28
CA SER M 251 4.54 23.02 15.65
C SER M 251 5.07 24.36 16.13
N GLY M 252 4.24 25.12 16.82
CA GLY M 252 4.68 26.40 17.33
C GLY M 252 4.44 27.60 16.41
N GLN M 253 3.94 27.43 15.20
CA GLN M 253 3.71 28.60 14.34
C GLN M 253 2.23 28.74 14.01
N GLU M 254 1.40 27.91 14.65
CA GLU M 254 -0.04 27.95 14.41
C GLU M 254 -0.58 29.38 14.30
N GLN M 255 -0.09 30.27 15.15
CA GLN M 255 -0.58 31.65 15.11
C GLN M 255 -0.31 32.44 13.82
N ARG M 256 0.59 31.97 12.98
CA ARG M 256 0.86 32.69 11.73
C ARG M 256 -0.26 32.47 10.70
N TYR M 257 -0.99 31.38 10.84
CA TYR M 257 -2.03 31.04 9.87
C TYR M 257 -3.45 31.57 10.07
N THR M 258 -4.07 31.99 8.98
CA THR M 258 -5.45 32.44 9.04
C THR M 258 -6.27 31.83 7.93
N CYS M 259 -7.51 31.47 8.25
CA CYS M 259 -8.44 30.90 7.30
C CYS M 259 -9.44 31.99 6.92
N HIS M 260 -9.64 32.18 5.62
CA HIS M 260 -10.54 33.20 5.15
C HIS M 260 -11.74 32.57 4.45
N VAL M 261 -12.91 32.96 4.90
CA VAL M 261 -14.16 32.43 4.37
C VAL M 261 -14.97 33.46 3.62
N GLN M 262 -15.22 33.23 2.33
CA GLN M 262 -16.04 34.15 1.55
C GLN M 262 -17.31 33.43 1.17
N HIS M 263 -18.44 34.10 1.38
CA HIS M 263 -19.75 33.52 1.06
C HIS M 263 -20.80 34.63 0.98
N GLU M 264 -21.71 34.51 0.03
CA GLU M 264 -22.77 35.53 -0.17
C GLU M 264 -23.61 35.74 1.07
N GLY M 265 -23.59 34.79 1.99
CA GLY M 265 -24.39 34.93 3.19
C GLY M 265 -23.74 35.73 4.29
N LEU M 266 -22.56 36.28 4.01
CA LEU M 266 -21.82 37.06 5.00
C LEU M 266 -21.74 38.53 4.62
N PRO M 267 -21.95 39.43 5.59
CA PRO M 267 -21.88 40.87 5.29
C PRO M 267 -20.47 41.12 4.74
N LYS M 268 -19.48 40.46 5.35
CA LYS M 268 -18.09 40.54 4.91
C LYS M 268 -17.33 39.25 5.19
N PRO M 269 -16.26 38.99 4.43
CA PRO M 269 -15.46 37.77 4.60
C PRO M 269 -15.09 37.59 6.08
N LEU M 270 -14.98 36.34 6.50
CA LEU M 270 -14.61 36.02 7.87
C LEU M 270 -13.15 35.57 7.89
N THR M 271 -12.48 35.82 9.00
CA THR M 271 -11.10 35.44 9.17
C THR M 271 -11.01 34.65 10.47
N LEU M 272 -10.45 33.46 10.43
CA LEU M 272 -10.31 32.69 11.64
C LEU M 272 -8.83 32.42 11.89
N ARG M 273 -8.44 32.42 13.17
CA ARG M 273 -7.06 32.15 13.56
C ARG M 273 -7.13 31.15 14.70
N TRP M 274 -6.12 30.30 14.85
CA TRP M 274 -6.15 29.32 15.93
C TRP M 274 -6.05 30.04 17.27
N GLU M 275 -7.01 29.76 18.17
CA GLU M 275 -7.09 30.37 19.49
C GLU M 275 -7.23 31.90 19.44
N MET N 1 -15.27 5.02 -24.08
CA MET N 1 -15.65 4.54 -22.72
C MET N 1 -14.72 5.15 -21.68
N ILE N 2 -15.15 6.22 -21.01
CA ILE N 2 -14.33 6.83 -19.98
C ILE N 2 -14.90 6.45 -18.62
N GLN N 3 -14.08 5.84 -17.77
CA GLN N 3 -14.55 5.44 -16.45
C GLN N 3 -13.86 6.27 -15.41
N ARG N 4 -14.52 6.48 -14.28
CA ARG N 4 -13.93 7.25 -13.21
C ARG N 4 -14.33 6.62 -11.87
N THR N 5 -13.35 6.51 -10.98
CA THR N 5 -13.60 5.91 -9.68
C THR N 5 -14.23 6.94 -8.72
N PRO N 6 -15.08 6.47 -7.82
CA PRO N 6 -15.76 7.35 -6.86
C PRO N 6 -14.93 8.01 -5.76
N LYS N 7 -15.25 9.26 -5.46
CA LYS N 7 -14.63 9.96 -4.35
C LYS N 7 -15.65 9.64 -3.25
N ILE N 8 -15.19 9.54 -2.00
CA ILE N 8 -16.09 9.16 -0.91
C ILE N 8 -15.88 10.00 0.32
N GLN N 9 -16.97 10.52 0.87
CA GLN N 9 -16.89 11.30 2.10
C GLN N 9 -17.96 10.76 3.05
N VAL N 10 -17.56 10.47 4.28
CA VAL N 10 -18.48 9.96 5.31
C VAL N 10 -18.51 11.01 6.39
N TYR N 11 -19.69 11.45 6.78
CA TYR N 11 -19.78 12.51 7.78
C TYR N 11 -21.20 12.60 8.30
N SER N 12 -21.42 13.44 9.30
CA SER N 12 -22.76 13.61 9.87
C SER N 12 -23.32 14.94 9.42
N ARG N 13 -24.64 15.02 9.37
CA ARG N 13 -25.32 16.25 8.97
C ARG N 13 -25.03 17.38 9.96
N HIS N 14 -25.12 17.06 11.24
CA HIS N 14 -24.88 18.04 12.30
C HIS N 14 -23.69 17.60 13.11
N PRO N 15 -23.06 18.52 13.85
CA PRO N 15 -21.89 18.15 14.66
C PRO N 15 -22.27 16.97 15.55
N ALA N 16 -21.41 15.96 15.59
CA ALA N 16 -21.69 14.76 16.37
C ALA N 16 -21.76 14.96 17.89
N GLU N 17 -22.81 14.43 18.50
CA GLU N 17 -23.00 14.51 19.96
C GLU N 17 -23.67 13.24 20.48
N ASN N 18 -22.88 12.42 21.16
CA ASN N 18 -23.39 11.17 21.71
C ASN N 18 -24.75 11.35 22.36
N GLY N 19 -25.69 10.47 22.02
CA GLY N 19 -27.02 10.55 22.60
C GLY N 19 -27.99 11.40 21.80
N LYS N 20 -27.47 12.28 20.95
CA LYS N 20 -28.32 13.15 20.13
C LYS N 20 -28.52 12.55 18.75
N SER N 21 -29.79 12.42 18.34
CA SER N 21 -30.06 11.85 17.03
C SER N 21 -29.51 12.79 15.96
N ASN N 22 -28.90 12.20 14.94
CA ASN N 22 -28.27 12.94 13.86
C ASN N 22 -28.56 12.20 12.55
N PHE N 23 -27.76 12.48 11.53
CA PHE N 23 -27.88 11.81 10.24
C PHE N 23 -26.47 11.46 9.78
N LEU N 24 -26.29 10.21 9.37
CA LEU N 24 -24.98 9.76 8.87
C LEU N 24 -25.06 9.79 7.35
N ASN N 25 -24.08 10.45 6.73
CA ASN N 25 -24.05 10.60 5.28
C ASN N 25 -22.84 9.99 4.63
N CYS N 26 -23.04 9.46 3.43
CA CYS N 26 -21.95 8.94 2.64
C CYS N 26 -22.17 9.59 1.27
N TYR N 27 -21.28 10.50 0.92
CA TYR N 27 -21.39 11.20 -0.35
C TYR N 27 -20.41 10.61 -1.35
N VAL N 28 -20.93 10.06 -2.44
CA VAL N 28 -20.08 9.50 -3.48
C VAL N 28 -20.25 10.38 -4.72
N SER N 29 -19.12 10.75 -5.32
CA SER N 29 -19.14 11.65 -6.47
C SER N 29 -17.98 11.39 -7.43
N GLY N 30 -18.02 12.07 -8.57
CA GLY N 30 -16.96 11.94 -9.55
C GLY N 30 -16.84 10.56 -10.18
N PHE N 31 -17.88 9.73 -10.13
CA PHE N 31 -17.79 8.40 -10.72
C PHE N 31 -18.56 8.23 -12.01
N HIS N 32 -18.20 7.17 -12.75
CA HIS N 32 -18.82 6.82 -14.04
C HIS N 32 -18.28 5.44 -14.34
N PRO N 33 -19.18 4.50 -14.74
CA PRO N 33 -20.63 4.60 -14.95
C PRO N 33 -21.41 4.81 -13.64
N SER N 34 -22.73 4.95 -13.74
CA SER N 34 -23.57 5.22 -12.57
C SER N 34 -23.89 4.06 -11.65
N ASP N 35 -23.77 2.83 -12.12
CA ASP N 35 -24.04 1.67 -11.26
C ASP N 35 -23.10 1.75 -10.08
N ILE N 36 -23.61 1.67 -8.87
CA ILE N 36 -22.71 1.72 -7.75
C ILE N 36 -23.43 1.12 -6.56
N GLU N 37 -22.66 0.57 -5.63
CA GLU N 37 -23.22 -0.01 -4.43
C GLU N 37 -22.68 0.74 -3.24
N VAL N 38 -23.59 1.23 -2.41
CA VAL N 38 -23.20 1.99 -1.25
C VAL N 38 -23.96 1.50 -0.02
N ASP N 39 -23.22 1.09 1.00
CA ASP N 39 -23.84 0.63 2.23
C ASP N 39 -23.30 1.40 3.41
N LEU N 40 -24.17 1.73 4.36
CA LEU N 40 -23.73 2.42 5.57
C LEU N 40 -23.60 1.30 6.60
N LEU N 41 -22.46 1.28 7.29
CA LEU N 41 -22.20 0.24 8.27
C LEU N 41 -22.15 0.75 9.71
N LYS N 42 -22.68 -0.08 10.61
CA LYS N 42 -22.66 0.20 12.05
C LYS N 42 -21.94 -1.01 12.66
N ASN N 43 -20.72 -0.79 13.15
CA ASN N 43 -19.91 -1.84 13.72
C ASN N 43 -19.73 -2.97 12.71
N GLY N 44 -19.51 -2.60 11.45
CA GLY N 44 -19.29 -3.58 10.40
C GLY N 44 -20.54 -4.21 9.84
N GLU N 45 -21.68 -3.88 10.42
CA GLU N 45 -22.93 -4.44 9.94
C GLU N 45 -23.67 -3.43 9.06
N ARG N 46 -24.34 -3.95 8.04
CA ARG N 46 -25.10 -3.12 7.11
C ARG N 46 -26.33 -2.53 7.78
N ILE N 47 -26.54 -1.22 7.63
CA ILE N 47 -27.70 -0.56 8.18
C ILE N 47 -28.80 -0.72 7.13
N GLU N 48 -30.01 -1.08 7.56
CA GLU N 48 -31.10 -1.34 6.63
C GLU N 48 -31.91 -0.20 6.04
N LYS N 49 -32.31 0.78 6.85
CA LYS N 49 -33.11 1.88 6.30
C LYS N 49 -32.24 3.03 5.76
N VAL N 50 -31.53 2.78 4.66
CA VAL N 50 -30.67 3.79 4.06
C VAL N 50 -31.27 4.38 2.81
N GLU N 51 -31.40 5.70 2.79
CA GLU N 51 -31.96 6.37 1.62
C GLU N 51 -30.87 7.07 0.81
N HIS N 52 -31.21 7.46 -0.41
CA HIS N 52 -30.25 8.15 -1.25
C HIS N 52 -30.95 9.15 -2.17
N SER N 53 -30.21 10.17 -2.57
CA SER N 53 -30.73 11.22 -3.47
C SER N 53 -30.91 10.67 -4.86
N ASP N 54 -31.57 11.45 -5.71
CA ASP N 54 -31.83 11.08 -7.11
C ASP N 54 -30.56 11.29 -7.90
N LEU N 55 -30.23 10.32 -8.75
CA LEU N 55 -29.03 10.35 -9.55
C LEU N 55 -28.93 11.64 -10.36
N SER N 56 -27.79 12.30 -10.26
CA SER N 56 -27.52 13.53 -11.00
C SER N 56 -26.02 13.56 -11.33
N PHE N 57 -25.58 14.58 -12.07
CA PHE N 57 -24.18 14.62 -12.44
C PHE N 57 -23.63 16.03 -12.62
N SER N 58 -22.32 16.13 -12.60
CA SER N 58 -21.61 17.40 -12.71
C SER N 58 -21.29 17.77 -14.14
N LYS N 59 -20.68 18.94 -14.27
CA LYS N 59 -20.27 19.52 -15.56
C LYS N 59 -19.49 18.47 -16.41
N ASP N 60 -18.57 17.75 -15.77
CA ASP N 60 -17.76 16.75 -16.47
C ASP N 60 -18.47 15.41 -16.72
N TRP N 61 -19.78 15.39 -16.47
CA TRP N 61 -20.62 14.20 -16.64
C TRP N 61 -20.47 13.13 -15.57
N SER N 62 -19.64 13.36 -14.56
CA SER N 62 -19.49 12.34 -13.52
C SER N 62 -20.69 12.44 -12.57
N PHE N 63 -21.09 11.29 -12.05
CA PHE N 63 -22.24 11.18 -11.16
C PHE N 63 -21.95 11.42 -9.69
N TYR N 64 -23.00 11.78 -8.95
CA TYR N 64 -22.88 11.96 -7.51
C TYR N 64 -24.20 11.56 -6.84
N LEU N 65 -24.08 10.98 -5.64
CA LEU N 65 -25.22 10.52 -4.87
C LEU N 65 -24.97 10.71 -3.39
N LEU N 66 -26.02 11.00 -2.65
CA LEU N 66 -25.87 11.12 -1.20
C LEU N 66 -26.67 9.98 -0.58
N TYR N 67 -25.99 9.12 0.19
CA TYR N 67 -26.69 8.04 0.91
C TYR N 67 -26.73 8.51 2.35
N TYR N 68 -27.88 8.35 3.01
CA TYR N 68 -27.98 8.83 4.38
C TYR N 68 -28.97 8.02 5.21
N THR N 69 -28.80 8.11 6.53
CA THR N 69 -29.69 7.43 7.45
C THR N 69 -29.66 8.12 8.82
N GLU N 70 -30.76 8.02 9.54
CA GLU N 70 -30.83 8.61 10.88
C GLU N 70 -29.97 7.73 11.78
N PHE N 71 -29.25 8.34 12.71
CA PHE N 71 -28.44 7.58 13.65
C PHE N 71 -28.13 8.39 14.89
N THR N 72 -27.80 7.69 15.98
CA THR N 72 -27.46 8.34 17.23
C THR N 72 -26.05 7.93 17.61
N PRO N 73 -25.09 8.83 17.39
CA PRO N 73 -23.68 8.55 17.70
C PRO N 73 -23.54 8.13 19.14
N THR N 74 -22.67 7.15 19.38
CA THR N 74 -22.40 6.72 20.73
C THR N 74 -20.90 6.71 20.84
N GLU N 75 -20.41 6.74 22.07
CA GLU N 75 -18.98 6.74 22.32
C GLU N 75 -18.30 5.49 21.77
N LYS N 76 -19.00 4.36 21.83
CA LYS N 76 -18.43 3.09 21.36
C LYS N 76 -18.73 2.68 19.93
N ASP N 77 -19.98 2.86 19.50
CA ASP N 77 -20.39 2.48 18.15
C ASP N 77 -19.50 3.11 17.06
N GLU N 78 -19.11 2.29 16.08
CA GLU N 78 -18.30 2.78 14.98
C GLU N 78 -19.07 2.71 13.67
N TYR N 79 -18.90 3.72 12.84
CA TYR N 79 -19.60 3.73 11.57
C TYR N 79 -18.67 3.86 10.38
N ALA N 80 -19.15 3.39 9.24
CA ALA N 80 -18.36 3.47 8.02
C ALA N 80 -19.24 3.35 6.78
N CYS N 81 -18.64 3.66 5.63
CA CYS N 81 -19.36 3.59 4.38
C CYS N 81 -18.61 2.58 3.52
N ARG N 82 -19.35 1.66 2.89
CA ARG N 82 -18.74 0.67 2.02
C ARG N 82 -19.22 0.89 0.59
N VAL N 83 -18.28 1.13 -0.31
CA VAL N 83 -18.61 1.41 -1.70
C VAL N 83 -18.01 0.42 -2.69
N ASN N 84 -18.81 -0.03 -3.64
CA ASN N 84 -18.31 -0.91 -4.69
C ASN N 84 -18.68 -0.32 -6.05
N HIS N 85 -17.75 -0.38 -6.99
CA HIS N 85 -17.94 0.18 -8.32
C HIS N 85 -17.02 -0.59 -9.26
N VAL N 86 -17.33 -0.60 -10.55
CA VAL N 86 -16.49 -1.35 -11.47
C VAL N 86 -15.05 -0.91 -11.49
N THR N 87 -14.77 0.31 -11.07
CA THR N 87 -13.40 0.78 -11.09
C THR N 87 -12.64 0.26 -9.88
N LEU N 88 -13.31 -0.50 -9.03
CA LEU N 88 -12.66 -1.02 -7.82
C LEU N 88 -12.43 -2.52 -7.85
N SER N 89 -11.18 -2.92 -7.58
CA SER N 89 -10.83 -4.33 -7.53
C SER N 89 -11.57 -4.98 -6.36
N GLN N 90 -11.96 -4.15 -5.39
CA GLN N 90 -12.70 -4.65 -4.23
C GLN N 90 -13.38 -3.51 -3.49
N PRO N 91 -14.42 -3.82 -2.70
CA PRO N 91 -15.16 -2.81 -1.94
C PRO N 91 -14.23 -1.90 -1.15
N LYS N 92 -14.50 -0.60 -1.19
CA LYS N 92 -13.68 0.34 -0.45
C LYS N 92 -14.49 0.76 0.77
N ILE N 93 -13.81 0.81 1.92
CA ILE N 93 -14.47 1.18 3.15
C ILE N 93 -13.82 2.42 3.74
N VAL N 94 -14.64 3.41 4.03
CA VAL N 94 -14.17 4.65 4.62
C VAL N 94 -14.89 4.74 5.95
N LYS N 95 -14.12 4.91 7.01
CA LYS N 95 -14.70 4.98 8.34
C LYS N 95 -15.10 6.40 8.69
N TRP N 96 -16.17 6.52 9.45
CA TRP N 96 -16.63 7.84 9.87
C TRP N 96 -15.73 8.36 10.97
N ASP N 97 -15.29 9.61 10.85
CA ASP N 97 -14.43 10.25 11.85
C ASP N 97 -14.96 11.66 12.13
N ARG N 98 -15.44 11.87 13.34
CA ARG N 98 -16.00 13.15 13.77
C ARG N 98 -15.18 14.38 13.37
N ASP N 99 -13.88 14.20 13.18
CA ASP N 99 -12.97 15.29 12.81
C ASP N 99 -12.92 15.59 11.31
N MET N 100 -13.71 14.86 10.53
CA MET N 100 -13.76 15.05 9.09
C MET N 100 -15.18 14.89 8.52
N LEU O 1 -39.44 24.47 -16.19
CA LEU O 1 -40.33 23.85 -17.21
C LEU O 1 -39.48 23.21 -18.29
N LEU O 2 -39.78 21.97 -18.66
CA LEU O 2 -39.03 21.22 -19.66
C LEU O 2 -39.23 21.73 -21.08
N PHE O 3 -38.25 21.43 -21.94
CA PHE O 3 -38.32 21.77 -23.36
C PHE O 3 -39.39 20.83 -23.90
N GLY O 4 -40.24 21.30 -24.81
CA GLY O 4 -41.31 20.44 -25.28
C GLY O 4 -41.24 19.65 -26.58
N TYR O 5 -40.12 19.73 -27.29
CA TYR O 5 -39.99 19.04 -28.57
C TYR O 5 -38.98 17.90 -28.56
N PRO O 6 -39.29 16.83 -29.29
CA PRO O 6 -38.43 15.64 -29.40
C PRO O 6 -37.11 15.94 -30.11
N VAL O 7 -36.00 15.43 -29.57
CA VAL O 7 -34.71 15.60 -30.19
C VAL O 7 -34.06 14.21 -30.19
N TYR O 8 -33.54 13.78 -31.34
CA TYR O 8 -32.89 12.46 -31.47
C TYR O 8 -31.48 12.58 -32.01
N VAL O 9 -30.52 11.91 -31.38
CA VAL O 9 -29.15 11.97 -31.90
C VAL O 9 -29.08 11.20 -33.24
N PRO P 1 -31.45 51.93 -11.97
CA PRO P 1 -31.58 51.31 -10.63
C PRO P 1 -31.10 52.24 -9.52
N TRP P 2 -32.02 52.75 -8.72
CA TRP P 2 -31.66 53.64 -7.62
C TRP P 2 -32.48 53.29 -6.40
N PHE P 3 -32.00 53.72 -5.23
CA PHE P 3 -32.72 53.48 -3.99
C PHE P 3 -32.01 54.17 -2.85
N GLN P 4 -32.77 54.51 -1.82
CA GLN P 4 -32.22 55.20 -0.66
C GLN P 4 -32.88 54.69 0.61
N ILE P 5 -32.07 54.52 1.63
CA ILE P 5 -32.57 54.05 2.91
C ILE P 5 -33.13 55.21 3.72
N GLU P 6 -34.42 55.15 4.03
CA GLU P 6 -35.05 56.22 4.81
C GLU P 6 -34.99 55.91 6.28
N ASP P 7 -35.40 54.69 6.63
CA ASP P 7 -35.49 54.30 8.02
C ASP P 7 -35.01 52.91 8.34
N ASN P 8 -34.58 52.74 9.58
CA ASN P 8 -34.09 51.45 10.00
C ASN P 8 -33.85 51.44 11.49
N ARG P 9 -34.87 51.04 12.25
CA ARG P 9 -34.83 50.97 13.71
C ARG P 9 -35.38 49.65 14.17
N CYS P 10 -35.06 49.29 15.40
CA CYS P 10 -35.54 48.06 15.97
C CYS P 10 -35.38 48.15 17.47
N TYR P 11 -36.12 47.34 18.19
CA TYR P 11 -35.99 47.31 19.62
C TYR P 11 -36.57 45.99 20.08
N ILE P 12 -36.14 45.53 21.25
CA ILE P 12 -36.64 44.27 21.77
C ILE P 12 -37.46 44.50 23.03
N ASP P 13 -38.60 43.81 23.10
CA ASP P 13 -39.50 43.93 24.24
C ASP P 13 -40.05 42.59 24.70
N ASN P 14 -39.51 42.11 25.82
CA ASN P 14 -39.97 40.86 26.39
C ASN P 14 -39.77 39.68 25.44
N GLY P 15 -38.54 39.49 25.00
CA GLY P 15 -38.24 38.38 24.10
C GLY P 15 -38.83 38.46 22.70
N LYS P 16 -39.19 39.67 22.29
CA LYS P 16 -39.75 39.87 20.96
C LYS P 16 -39.09 41.03 20.24
N LEU P 17 -38.93 40.88 18.93
CA LEU P 17 -38.30 41.91 18.12
C LEU P 17 -39.34 42.74 17.38
N PHE P 18 -39.08 44.04 17.31
CA PHE P 18 -39.92 44.98 16.59
C PHE P 18 -38.92 45.74 15.75
N ALA P 19 -39.13 45.75 14.45
CA ALA P 19 -38.21 46.44 13.55
C ALA P 19 -39.00 47.11 12.45
N ARG P 20 -38.70 48.38 12.23
CA ARG P 20 -39.39 49.16 11.20
C ARG P 20 -38.35 49.82 10.34
N GLY P 21 -38.61 49.89 9.05
CA GLY P 21 -37.65 50.52 8.18
C GLY P 21 -38.32 50.82 6.87
N SER P 22 -37.63 51.58 6.04
CA SER P 22 -38.20 51.96 4.76
C SER P 22 -37.09 52.24 3.78
N ILE P 23 -37.37 51.96 2.51
CA ILE P 23 -36.43 52.18 1.44
C ILE P 23 -37.21 52.64 0.24
N VAL P 24 -36.65 53.65 -0.40
CA VAL P 24 -37.27 54.26 -1.54
C VAL P 24 -36.47 53.99 -2.78
N GLY P 25 -37.16 53.72 -3.89
CA GLY P 25 -36.45 53.45 -5.11
C GLY P 25 -37.36 52.89 -6.17
N ASN P 26 -36.80 52.61 -7.35
CA ASN P 26 -37.62 52.08 -8.42
C ASN P 26 -37.43 50.57 -8.64
N MET P 27 -37.13 49.84 -7.56
CA MET P 27 -36.97 48.39 -7.66
C MET P 27 -38.28 47.76 -8.14
N SER P 28 -38.18 46.81 -9.06
CA SER P 28 -39.38 46.13 -9.56
C SER P 28 -39.60 44.83 -8.80
N ARG P 29 -38.56 44.37 -8.11
CA ARG P 29 -38.68 43.14 -7.33
C ARG P 29 -37.74 43.24 -6.13
N PHE P 30 -37.94 42.38 -5.13
CA PHE P 30 -37.11 42.43 -3.93
C PHE P 30 -37.05 41.08 -3.19
N VAL P 31 -36.10 41.00 -2.26
CA VAL P 31 -35.96 39.87 -1.38
C VAL P 31 -35.68 40.49 0.01
N PHE P 32 -36.47 40.13 1.02
CA PHE P 32 -36.30 40.64 2.39
C PHE P 32 -35.66 39.46 3.13
N ASP P 33 -34.42 39.61 3.56
CA ASP P 33 -33.71 38.49 4.16
C ASP P 33 -33.12 38.86 5.52
N PRO P 34 -33.97 38.89 6.55
CA PRO P 34 -33.51 39.25 7.91
C PRO P 34 -32.81 38.15 8.68
N LYS P 35 -31.74 38.53 9.36
CA LYS P 35 -30.96 37.59 10.15
C LYS P 35 -30.77 38.11 11.56
N ALA P 36 -30.72 37.18 12.52
CA ALA P 36 -30.46 37.53 13.90
C ALA P 36 -28.96 37.38 14.06
N ASP P 37 -28.29 38.35 14.68
CA ASP P 37 -26.86 38.22 14.88
C ASP P 37 -26.62 38.02 16.37
N TYR P 38 -26.01 36.91 16.73
CA TYR P 38 -25.72 36.62 18.13
C TYR P 38 -24.27 36.96 18.47
N GLY P 39 -23.69 37.87 17.67
CA GLY P 39 -22.32 38.27 17.87
C GLY P 39 -21.41 37.25 17.23
N GLY P 40 -21.22 37.36 15.91
CA GLY P 40 -20.36 36.42 15.21
C GLY P 40 -21.13 35.35 14.44
N VAL P 41 -22.04 34.66 15.12
CA VAL P 41 -22.85 33.63 14.47
C VAL P 41 -24.33 33.97 14.64
N GLY P 42 -25.15 33.53 13.69
CA GLY P 42 -26.56 33.81 13.76
C GLY P 42 -27.46 32.82 13.04
N GLU P 43 -28.62 33.29 12.62
CA GLU P 43 -29.56 32.45 11.91
C GLU P 43 -30.63 33.30 11.26
N ASN P 44 -31.28 32.73 10.25
CA ASN P 44 -32.29 33.46 9.52
C ASN P 44 -33.56 33.66 10.33
N LEU P 45 -34.17 34.82 10.13
CA LEU P 45 -35.42 35.16 10.77
C LEU P 45 -36.51 35.09 9.72
N TYR P 46 -37.70 34.69 10.12
CA TYR P 46 -38.84 34.56 9.21
C TYR P 46 -40.00 35.47 9.66
N VAL P 47 -40.35 36.44 8.84
CA VAL P 47 -41.38 37.38 9.21
C VAL P 47 -42.66 37.17 8.41
N HIS P 48 -43.78 37.47 9.03
CA HIS P 48 -45.07 37.31 8.38
C HIS P 48 -45.20 38.33 7.23
N ALA P 49 -45.89 37.96 6.16
CA ALA P 49 -46.02 38.87 5.03
C ALA P 49 -46.66 40.21 5.35
N ASP P 50 -47.49 40.26 6.39
CA ASP P 50 -48.12 41.53 6.74
C ASP P 50 -47.07 42.55 7.25
N ASP P 51 -45.91 42.09 7.71
CA ASP P 51 -44.89 43.01 8.23
C ASP P 51 -43.96 43.55 7.16
N VAL P 52 -44.28 43.26 5.90
CA VAL P 52 -43.48 43.72 4.78
C VAL P 52 -44.39 44.27 3.68
N GLU P 53 -44.13 45.48 3.23
CA GLU P 53 -44.95 46.07 2.18
C GLU P 53 -44.08 46.55 1.05
N PHE P 54 -44.37 46.04 -0.13
CA PHE P 54 -43.62 46.39 -1.31
C PHE P 54 -44.52 47.03 -2.34
N VAL P 55 -44.09 48.17 -2.85
CA VAL P 55 -44.83 48.88 -3.89
C VAL P 55 -43.87 48.89 -5.07
N PRO P 56 -44.11 48.02 -6.07
CA PRO P 56 -43.25 47.96 -7.25
C PRO P 56 -42.93 49.36 -7.77
N GLY P 57 -41.66 49.59 -8.05
CA GLY P 57 -41.25 50.88 -8.59
C GLY P 57 -41.20 52.03 -7.59
N GLU P 58 -41.66 51.83 -6.37
CA GLU P 58 -41.67 52.91 -5.39
C GLU P 58 -40.93 52.64 -4.08
N SER P 59 -41.33 51.58 -3.38
CA SER P 59 -40.73 51.35 -2.07
C SER P 59 -40.82 49.96 -1.49
N LEU P 60 -40.07 49.78 -0.43
CA LEU P 60 -40.06 48.55 0.33
C LEU P 60 -40.04 48.98 1.79
N LYS P 61 -41.06 48.58 2.55
CA LYS P 61 -41.13 48.96 3.95
C LYS P 61 -41.41 47.74 4.82
N TRP P 62 -40.84 47.74 6.01
CA TRP P 62 -41.07 46.66 6.94
C TRP P 62 -41.52 47.18 8.28
N ASN P 63 -42.32 46.37 8.96
CA ASN P 63 -42.87 46.71 10.26
C ASN P 63 -43.02 45.41 11.00
N VAL P 64 -41.87 44.78 11.28
CA VAL P 64 -41.82 43.52 12.00
C VAL P 64 -42.34 43.72 13.42
N ARG P 65 -43.32 42.92 13.80
CA ARG P 65 -43.92 43.02 15.13
C ARG P 65 -44.05 41.68 15.85
N ASN P 66 -43.86 41.69 17.16
CA ASN P 66 -44.00 40.46 17.95
C ASN P 66 -43.29 39.23 17.42
N LEU P 67 -42.12 39.43 16.85
CA LEU P 67 -41.34 38.32 16.33
C LEU P 67 -40.50 37.70 17.44
N ASP P 68 -40.82 36.48 17.85
CA ASP P 68 -40.08 35.81 18.91
C ASP P 68 -38.59 35.70 18.50
N VAL P 69 -37.68 35.92 19.45
CA VAL P 69 -36.23 35.85 19.21
C VAL P 69 -35.55 35.28 20.47
N MET P 70 -34.25 34.97 20.38
CA MET P 70 -33.52 34.43 21.53
C MET P 70 -32.83 35.51 22.33
N PRO P 71 -32.54 35.23 23.62
CA PRO P 71 -31.87 36.16 24.53
C PRO P 71 -30.50 36.57 23.99
N ILE P 72 -29.83 35.64 23.32
CA ILE P 72 -28.51 35.89 22.76
C ILE P 72 -28.58 36.94 21.67
N PHE P 73 -29.80 37.32 21.29
CA PHE P 73 -30.00 38.30 20.24
C PHE P 73 -29.18 39.58 20.47
N GLU P 74 -28.26 39.90 19.55
CA GLU P 74 -27.43 41.09 19.63
C GLU P 74 -27.93 42.14 18.68
N THR P 75 -27.89 41.82 17.40
CA THR P 75 -28.33 42.79 16.42
C THR P 75 -29.14 42.18 15.30
N LEU P 76 -29.66 43.06 14.45
CA LEU P 76 -30.43 42.64 13.30
C LEU P 76 -29.57 42.87 12.08
N ALA P 77 -29.23 41.81 11.38
CA ALA P 77 -28.45 41.90 10.17
C ALA P 77 -29.48 41.73 9.08
N LEU P 78 -29.69 42.78 8.30
CA LEU P 78 -30.70 42.75 7.27
C LEU P 78 -30.13 42.70 5.87
N ARG P 79 -30.22 41.56 5.20
CA ARG P 79 -29.74 41.45 3.83
C ARG P 79 -30.91 41.75 2.92
N LEU P 80 -30.72 42.65 1.96
CA LEU P 80 -31.78 43.00 1.05
C LEU P 80 -31.28 42.90 -0.35
N VAL P 81 -32.11 42.44 -1.27
CA VAL P 81 -31.69 42.47 -2.65
C VAL P 81 -32.80 43.15 -3.40
N LEU P 82 -32.44 44.32 -3.93
CA LEU P 82 -33.37 45.17 -4.64
C LEU P 82 -33.00 45.17 -6.10
N GLN P 83 -33.93 44.77 -6.94
CA GLN P 83 -33.65 44.73 -8.37
C GLN P 83 -32.35 44.00 -8.61
N GLY P 84 -32.02 43.06 -7.73
CA GLY P 84 -30.79 42.31 -7.92
C GLY P 84 -29.57 42.84 -7.20
N ASP P 85 -29.63 44.08 -6.73
CA ASP P 85 -28.50 44.65 -6.00
C ASP P 85 -28.58 44.30 -4.53
N VAL P 86 -27.48 43.78 -4.00
CA VAL P 86 -27.41 43.35 -2.62
C VAL P 86 -26.89 44.45 -1.70
N ILE P 87 -27.56 44.65 -0.58
CA ILE P 87 -27.13 45.62 0.40
C ILE P 87 -27.45 45.07 1.78
N TRP P 88 -26.53 45.27 2.71
CA TRP P 88 -26.74 44.82 4.07
C TRP P 88 -26.96 46.03 4.98
N LEU P 89 -27.92 45.91 5.89
CA LEU P 89 -28.20 46.96 6.85
C LEU P 89 -27.97 46.30 8.19
N ARG P 90 -27.67 47.11 9.20
CA ARG P 90 -27.45 46.61 10.55
C ARG P 90 -28.29 47.47 11.48
N CYS P 91 -28.98 46.85 12.41
CA CYS P 91 -29.82 47.59 13.33
C CYS P 91 -29.54 47.11 14.74
N VAL P 92 -29.17 48.05 15.61
CA VAL P 92 -28.90 47.73 17.01
C VAL P 92 -30.15 48.05 17.80
N PRO P 93 -30.70 47.07 18.53
CA PRO P 93 -31.91 47.29 19.33
C PRO P 93 -31.70 48.43 20.31
N GLU P 94 -32.70 49.30 20.46
CA GLU P 94 -32.59 50.42 21.39
C GLU P 94 -33.12 49.90 22.73
N LEU P 95 -34.13 49.02 22.61
CA LEU P 95 -34.83 48.29 23.70
C LEU P 95 -36.23 48.72 24.22
#